data_2KZK
#
_entry.id   2KZK
#
_entity_poly.entity_id   1
_entity_poly.type   'polypeptide(L)'
_entity_poly.pdbx_seq_one_letter_code
;GPHMNDPLLHVEVSNEDNSLHFILYNKTNIIIPGNCTFEFSSQISEVFSIKMGPHEIGIKGQKELWFFPSLPTPLSNYTM
KVVNQDGETILVGKCADSNEITLKSPL
;
_entity_poly.pdbx_strand_id   A
#
# COMPACT_ATOMS: atom_id res chain seq x y z
N ASN A 5 15.32 8.67 3.55
CA ASN A 5 16.25 7.55 3.52
C ASN A 5 15.59 6.37 2.80
N ASP A 6 15.89 6.28 1.51
CA ASP A 6 15.34 5.21 0.69
C ASP A 6 13.82 5.36 0.61
N PRO A 7 13.31 5.26 -0.65
CA PRO A 7 11.87 5.38 -0.88
C PRO A 7 11.12 4.13 -0.43
N LEU A 8 11.90 3.11 -0.06
CA LEU A 8 11.33 1.86 0.40
C LEU A 8 10.16 2.15 1.34
N LEU A 9 9.07 1.44 1.11
CA LEU A 9 7.88 1.61 1.92
C LEU A 9 7.53 0.27 2.58
N HIS A 10 7.85 0.18 3.86
CA HIS A 10 7.57 -1.03 4.62
C HIS A 10 6.07 -1.28 4.65
N VAL A 11 5.71 -2.53 4.40
CA VAL A 11 4.31 -2.92 4.39
C VAL A 11 4.16 -4.32 5.00
N GLU A 12 2.92 -4.66 5.34
CA GLU A 12 2.64 -5.95 5.93
C GLU A 12 1.27 -6.46 5.48
N VAL A 13 1.25 -7.69 4.99
CA VAL A 13 0.01 -8.30 4.52
C VAL A 13 -0.50 -9.28 5.58
N SER A 14 -1.69 -8.97 6.09
CA SER A 14 -2.31 -9.81 7.11
C SER A 14 -3.12 -10.92 6.44
N ASN A 15 -4.17 -10.52 5.75
CA ASN A 15 -5.03 -11.46 5.06
C ASN A 15 -5.60 -12.46 6.07
N GLU A 16 -6.38 -11.93 7.01
CA GLU A 16 -6.99 -12.75 8.03
C GLU A 16 -8.15 -12.01 8.68
N ASP A 17 -8.71 -12.63 9.72
CA ASP A 17 -9.83 -12.05 10.44
C ASP A 17 -11.07 -12.05 9.54
N ASN A 18 -11.06 -12.97 8.58
CA ASN A 18 -12.17 -13.10 7.66
C ASN A 18 -12.15 -11.92 6.68
N SER A 19 -11.00 -11.28 6.60
CA SER A 19 -10.83 -10.14 5.71
C SER A 19 -9.33 -9.83 5.53
N LEU A 20 -9.07 -8.66 4.96
CA LEU A 20 -7.71 -8.24 4.73
C LEU A 20 -7.30 -7.24 5.81
N HIS A 21 -6.00 -6.98 5.89
CA HIS A 21 -5.47 -6.05 6.87
C HIS A 21 -4.05 -5.64 6.48
N PHE A 22 -3.97 -4.51 5.79
CA PHE A 22 -2.68 -4.00 5.35
C PHE A 22 -2.15 -2.94 6.32
N ILE A 23 -0.83 -2.87 6.40
CA ILE A 23 -0.19 -1.90 7.28
C ILE A 23 1.07 -1.36 6.61
N LEU A 24 1.02 -0.09 6.26
CA LEU A 24 2.14 0.56 5.60
C LEU A 24 2.76 1.59 6.55
N TYR A 25 4.07 1.70 6.49
CA TYR A 25 4.80 2.64 7.33
C TYR A 25 5.73 3.52 6.51
N ASN A 26 5.38 4.80 6.45
CA ASN A 26 6.18 5.75 5.69
C ASN A 26 7.59 5.80 6.27
N LYS A 27 8.51 5.12 5.58
CA LYS A 27 9.89 5.07 6.01
C LYS A 27 10.72 6.04 5.17
N THR A 28 10.15 6.40 4.02
CA THR A 28 10.83 7.32 3.12
C THR A 28 11.34 8.54 3.87
N ASN A 29 12.05 9.39 3.16
CA ASN A 29 12.61 10.60 3.74
C ASN A 29 11.48 11.60 4.00
N ILE A 30 10.78 11.94 2.93
CA ILE A 30 9.67 12.88 3.02
C ILE A 30 8.52 12.23 3.79
N ILE A 31 7.57 13.07 4.18
CA ILE A 31 6.42 12.59 4.92
C ILE A 31 5.18 12.67 4.03
N ILE A 32 4.44 11.57 4.00
CA ILE A 32 3.23 11.49 3.19
C ILE A 32 2.47 12.81 3.31
N PRO A 33 1.91 13.25 2.15
CA PRO A 33 1.17 14.49 2.10
C PRO A 33 -0.22 14.32 2.74
N GLY A 34 -0.78 13.13 2.56
CA GLY A 34 -2.09 12.83 3.10
C GLY A 34 -3.15 12.81 2.00
N ASN A 35 -4.26 12.14 2.31
CA ASN A 35 -5.35 12.03 1.35
C ASN A 35 -4.92 11.15 0.18
N CYS A 36 -3.94 10.30 0.46
CA CYS A 36 -3.43 9.40 -0.56
C CYS A 36 -4.50 8.34 -0.84
N THR A 37 -4.16 7.42 -1.74
CA THR A 37 -5.08 6.36 -2.10
C THR A 37 -4.30 5.13 -2.61
N PHE A 38 -4.72 3.97 -2.14
CA PHE A 38 -4.08 2.73 -2.55
C PHE A 38 -4.73 2.16 -3.81
N GLU A 39 -4.19 1.03 -4.25
CA GLU A 39 -4.70 0.37 -5.44
C GLU A 39 -3.96 -0.94 -5.69
N PHE A 40 -4.61 -2.04 -5.32
CA PHE A 40 -4.03 -3.35 -5.49
C PHE A 40 -4.84 -4.20 -6.46
N SER A 41 -4.14 -5.05 -7.19
CA SER A 41 -4.79 -5.93 -8.15
C SER A 41 -4.96 -7.33 -7.56
N SER A 42 -5.46 -8.23 -8.40
CA SER A 42 -5.68 -9.60 -7.98
C SER A 42 -6.21 -10.43 -9.15
N GLN A 43 -6.56 -11.66 -8.85
CA GLN A 43 -7.10 -12.56 -9.86
C GLN A 43 -8.57 -12.85 -9.60
N ILE A 44 -8.86 -13.27 -8.38
CA ILE A 44 -10.22 -13.58 -7.99
C ILE A 44 -11.07 -12.31 -8.09
N SER A 45 -10.47 -11.19 -7.71
CA SER A 45 -11.15 -9.91 -7.76
C SER A 45 -10.42 -8.96 -8.71
N GLU A 46 -10.92 -7.73 -8.76
CA GLU A 46 -10.33 -6.72 -9.63
C GLU A 46 -9.58 -5.67 -8.80
N VAL A 47 -9.07 -4.68 -9.49
CA VAL A 47 -8.33 -3.61 -8.83
C VAL A 47 -9.32 -2.64 -8.17
N PHE A 48 -8.89 -2.07 -7.05
CA PHE A 48 -9.72 -1.15 -6.32
C PHE A 48 -8.86 -0.16 -5.53
N SER A 49 -9.34 1.07 -5.48
CA SER A 49 -8.63 2.12 -4.75
C SER A 49 -9.37 2.46 -3.46
N ILE A 50 -8.63 2.43 -2.36
CA ILE A 50 -9.22 2.73 -1.06
C ILE A 50 -8.85 4.16 -0.65
N LYS A 51 -9.84 4.87 -0.12
CA LYS A 51 -9.63 6.24 0.30
C LYS A 51 -8.88 6.25 1.64
N MET A 52 -7.65 6.75 1.59
CA MET A 52 -6.83 6.82 2.78
C MET A 52 -7.14 8.08 3.59
N GLY A 53 -6.66 8.09 4.82
CA GLY A 53 -6.88 9.23 5.70
C GLY A 53 -6.18 10.48 5.15
N PRO A 54 -6.77 11.65 5.50
CA PRO A 54 -6.21 12.92 5.05
C PRO A 54 -4.96 13.29 5.86
N HIS A 55 -4.94 12.84 7.11
CA HIS A 55 -3.81 13.11 7.99
C HIS A 55 -2.59 12.33 7.49
N GLU A 56 -1.43 12.96 7.61
CA GLU A 56 -0.19 12.34 7.19
C GLU A 56 0.12 11.11 8.04
N ILE A 57 1.22 10.46 7.73
CA ILE A 57 1.64 9.28 8.46
C ILE A 57 2.82 9.64 9.37
N GLY A 58 3.99 9.77 8.75
CA GLY A 58 5.19 10.10 9.49
C GLY A 58 6.32 9.11 9.17
N ILE A 59 7.53 9.62 9.25
CA ILE A 59 8.70 8.80 8.99
C ILE A 59 8.57 7.46 9.72
N LYS A 60 7.81 7.50 10.81
CA LYS A 60 7.59 6.31 11.61
C LYS A 60 6.11 5.93 11.55
N GLY A 61 5.27 6.95 11.55
CA GLY A 61 3.83 6.73 11.50
C GLY A 61 3.47 5.61 10.53
N GLN A 62 2.37 4.93 10.82
CA GLN A 62 1.92 3.84 9.99
C GLN A 62 0.60 4.20 9.29
N LYS A 63 0.07 3.24 8.55
CA LYS A 63 -1.18 3.46 7.83
C LYS A 63 -1.85 2.10 7.61
N GLU A 64 -3.18 2.12 7.69
CA GLU A 64 -3.96 0.91 7.49
C GLU A 64 -4.83 1.04 6.24
N LEU A 65 -5.09 -0.10 5.62
CA LEU A 65 -5.90 -0.13 4.41
C LEU A 65 -6.80 -1.37 4.45
N TRP A 66 -7.68 -1.40 5.45
CA TRP A 66 -8.59 -2.51 5.60
C TRP A 66 -9.45 -2.60 4.32
N PHE A 67 -9.60 -3.82 3.84
CA PHE A 67 -10.38 -4.06 2.64
C PHE A 67 -11.27 -5.29 2.80
N PHE A 68 -12.35 -5.30 2.03
CA PHE A 68 -13.28 -6.41 2.08
C PHE A 68 -13.70 -6.84 0.67
N PRO A 69 -13.95 -8.17 0.52
CA PRO A 69 -13.84 -9.09 1.65
C PRO A 69 -12.36 -9.37 1.97
N SER A 70 -11.64 -9.80 0.94
CA SER A 70 -10.23 -10.10 1.11
C SER A 70 -9.65 -10.61 -0.22
N LEU A 71 -8.34 -10.82 -0.22
CA LEU A 71 -7.67 -11.30 -1.40
C LEU A 71 -6.62 -12.35 -1.00
N PRO A 72 -6.24 -13.19 -1.99
CA PRO A 72 -5.26 -14.24 -1.75
C PRO A 72 -3.85 -13.66 -1.67
N THR A 73 -3.04 -14.27 -0.80
CA THR A 73 -1.68 -13.82 -0.62
C THR A 73 -0.70 -14.97 -0.89
N PRO A 74 0.58 -14.59 -1.10
CA PRO A 74 0.97 -13.18 -1.08
C PRO A 74 0.50 -12.47 -2.35
N LEU A 75 0.89 -11.21 -2.45
CA LEU A 75 0.52 -10.40 -3.60
C LEU A 75 1.77 -10.14 -4.45
N SER A 76 2.39 -11.22 -4.88
CA SER A 76 3.59 -11.13 -5.70
C SER A 76 3.20 -10.97 -7.17
N ASN A 77 3.87 -10.04 -7.83
CA ASN A 77 3.62 -9.78 -9.23
C ASN A 77 2.40 -8.85 -9.37
N TYR A 78 1.90 -8.44 -8.22
CA TYR A 78 0.75 -7.54 -8.19
C TYR A 78 1.18 -6.08 -8.42
N THR A 79 0.20 -5.20 -8.37
CA THR A 79 0.46 -3.78 -8.57
C THR A 79 0.58 -3.07 -7.23
N MET A 80 -0.49 -3.17 -6.44
CA MET A 80 -0.51 -2.54 -5.13
C MET A 80 0.39 -1.29 -5.10
N LYS A 81 -0.01 -0.31 -5.90
CA LYS A 81 0.75 0.93 -5.97
C LYS A 81 0.17 1.94 -4.97
N VAL A 82 0.67 3.16 -5.05
CA VAL A 82 0.21 4.22 -4.16
C VAL A 82 0.13 5.54 -4.94
N VAL A 83 -1.01 6.20 -4.81
CA VAL A 83 -1.22 7.46 -5.49
C VAL A 83 -1.23 8.60 -4.46
N ASN A 84 -1.33 9.81 -4.97
CA ASN A 84 -1.35 10.98 -4.11
C ASN A 84 -2.79 11.47 -3.95
N GLN A 85 -2.92 12.68 -3.45
CA GLN A 85 -4.23 13.28 -3.23
C GLN A 85 -4.89 13.60 -4.58
N ASP A 86 -4.11 13.46 -5.64
CA ASP A 86 -4.59 13.73 -6.97
C ASP A 86 -4.78 12.42 -7.73
N GLY A 87 -4.74 11.32 -6.97
CA GLY A 87 -4.90 10.00 -7.55
C GLY A 87 -3.78 9.70 -8.55
N GLU A 88 -2.64 10.33 -8.32
CA GLU A 88 -1.48 10.14 -9.17
C GLU A 88 -0.47 9.20 -8.51
N THR A 89 -0.09 8.17 -9.25
CA THR A 89 0.87 7.19 -8.74
C THR A 89 2.14 7.90 -8.28
N ILE A 90 2.34 7.88 -6.96
CA ILE A 90 3.51 8.50 -6.37
C ILE A 90 4.61 7.46 -6.21
N LEU A 91 4.19 6.25 -5.83
CA LEU A 91 5.12 5.17 -5.64
C LEU A 91 4.52 3.88 -6.21
N VAL A 92 5.32 2.82 -6.15
CA VAL A 92 4.89 1.53 -6.65
C VAL A 92 5.59 0.41 -5.88
N GLY A 93 4.80 -0.54 -5.42
CA GLY A 93 5.34 -1.67 -4.67
C GLY A 93 5.86 -2.75 -5.60
N LYS A 94 7.09 -3.19 -5.33
CA LYS A 94 7.72 -4.22 -6.13
C LYS A 94 6.88 -5.50 -6.05
N CYS A 95 6.17 -5.63 -4.94
CA CYS A 95 5.33 -6.80 -4.73
C CYS A 95 6.15 -8.04 -5.05
N ALA A 96 7.02 -8.39 -4.10
CA ALA A 96 7.88 -9.56 -4.27
C ALA A 96 7.15 -10.79 -3.73
N ASP A 97 7.83 -11.92 -3.80
CA ASP A 97 7.27 -13.17 -3.33
C ASP A 97 7.30 -13.20 -1.80
N SER A 98 6.58 -12.26 -1.21
CA SER A 98 6.52 -12.16 0.24
C SER A 98 5.50 -11.10 0.65
N ASN A 99 4.91 -11.31 1.82
CA ASN A 99 3.92 -10.37 2.34
C ASN A 99 4.56 -8.98 2.47
N GLU A 100 5.88 -8.97 2.47
CA GLU A 100 6.62 -7.73 2.60
C GLU A 100 6.62 -6.98 1.26
N ILE A 101 6.60 -5.66 1.36
CA ILE A 101 6.60 -4.82 0.17
C ILE A 101 7.35 -3.51 0.47
N THR A 102 8.11 -3.06 -0.51
CA THR A 102 8.87 -1.84 -0.37
C THR A 102 8.80 -1.01 -1.65
N LEU A 103 7.90 -0.03 -1.64
CA LEU A 103 7.72 0.84 -2.79
C LEU A 103 9.08 1.31 -3.28
N LYS A 104 9.26 1.22 -4.59
CA LYS A 104 10.52 1.65 -5.19
C LYS A 104 10.37 3.07 -5.74
N SER A 105 9.70 3.16 -6.89
CA SER A 105 9.48 4.44 -7.53
C SER A 105 9.15 4.24 -9.01
N PRO A 106 8.21 5.08 -9.51
CA PRO A 106 7.80 5.01 -10.89
C PRO A 106 8.86 5.60 -11.81
N LEU A 107 8.87 6.93 -11.90
CA LEU A 107 9.83 7.63 -12.74
C LEU A 107 10.89 8.28 -11.85
N ASN A 5 19.47 6.08 5.98
CA ASN A 5 20.24 5.67 4.82
C ASN A 5 19.36 4.79 3.91
N ASP A 6 19.17 5.28 2.69
CA ASP A 6 18.36 4.55 1.73
C ASP A 6 16.99 4.24 2.35
N PRO A 7 16.05 5.21 2.20
CA PRO A 7 14.71 5.05 2.73
C PRO A 7 13.89 4.08 1.88
N LEU A 8 12.73 3.72 2.41
CA LEU A 8 11.85 2.80 1.70
C LEU A 8 10.51 2.73 2.45
N LEU A 9 9.49 2.31 1.71
CA LEU A 9 8.16 2.19 2.29
C LEU A 9 7.75 0.72 2.29
N HIS A 10 7.85 0.11 3.48
CA HIS A 10 7.48 -1.28 3.62
C HIS A 10 6.01 -1.39 4.02
N VAL A 11 5.48 -2.61 3.90
CA VAL A 11 4.09 -2.87 4.23
C VAL A 11 3.94 -4.33 4.65
N GLU A 12 2.90 -4.57 5.43
CA GLU A 12 2.62 -5.92 5.92
C GLU A 12 1.27 -6.40 5.39
N VAL A 13 1.19 -7.70 5.14
CA VAL A 13 -0.04 -8.28 4.64
C VAL A 13 -0.40 -9.50 5.50
N SER A 14 -1.26 -9.25 6.48
CA SER A 14 -1.69 -10.30 7.38
C SER A 14 -2.58 -11.30 6.63
N ASN A 15 -3.71 -10.80 6.17
CA ASN A 15 -4.65 -11.62 5.44
C ASN A 15 -5.13 -12.76 6.34
N GLU A 16 -6.11 -12.45 7.17
CA GLU A 16 -6.66 -13.44 8.09
C GLU A 16 -8.16 -13.60 7.84
N ASP A 17 -8.70 -14.67 8.42
CA ASP A 17 -10.12 -14.95 8.27
C ASP A 17 -10.92 -13.66 8.42
N ASN A 18 -10.75 -13.02 9.57
CA ASN A 18 -11.44 -11.77 9.84
C ASN A 18 -11.46 -10.91 8.57
N SER A 19 -10.27 -10.55 8.13
CA SER A 19 -10.14 -9.74 6.93
C SER A 19 -8.66 -9.40 6.68
N LEU A 20 -8.44 -8.55 5.69
CA LEU A 20 -7.08 -8.14 5.35
C LEU A 20 -6.64 -7.03 6.31
N HIS A 21 -5.33 -6.85 6.37
CA HIS A 21 -4.76 -5.82 7.23
C HIS A 21 -3.43 -5.35 6.66
N PHE A 22 -3.49 -4.25 5.92
CA PHE A 22 -2.31 -3.68 5.32
C PHE A 22 -1.84 -2.44 6.07
N ILE A 23 -0.68 -2.58 6.71
CA ILE A 23 -0.11 -1.49 7.48
C ILE A 23 1.16 -0.98 6.78
N LEU A 24 1.10 0.28 6.37
CA LEU A 24 2.23 0.89 5.70
C LEU A 24 2.93 1.86 6.65
N TYR A 25 4.22 2.03 6.42
CA TYR A 25 5.01 2.92 7.24
C TYR A 25 5.97 3.76 6.40
N ASN A 26 5.77 5.07 6.44
CA ASN A 26 6.60 5.98 5.68
C ASN A 26 7.92 6.20 6.43
N LYS A 27 8.98 5.59 5.90
CA LYS A 27 10.30 5.72 6.50
C LYS A 27 11.09 6.79 5.76
N THR A 28 10.56 7.20 4.61
CA THR A 28 11.22 8.21 3.80
C THR A 28 11.21 9.55 4.54
N ASN A 29 12.19 10.38 4.18
CA ASN A 29 12.32 11.69 4.79
C ASN A 29 11.13 12.56 4.37
N ILE A 30 10.76 12.44 3.11
CA ILE A 30 9.66 13.21 2.57
C ILE A 30 8.41 12.97 3.43
N ILE A 31 7.40 13.79 3.20
CA ILE A 31 6.15 13.67 3.94
C ILE A 31 5.00 13.45 2.96
N ILE A 32 3.93 12.88 3.48
CA ILE A 32 2.75 12.60 2.67
C ILE A 32 1.91 13.87 2.56
N PRO A 33 1.35 14.08 1.33
CA PRO A 33 0.52 15.25 1.07
C PRO A 33 -0.86 15.09 1.72
N GLY A 34 -1.16 13.86 2.11
CA GLY A 34 -2.44 13.57 2.73
C GLY A 34 -3.52 13.33 1.68
N ASN A 35 -4.49 12.50 2.05
CA ASN A 35 -5.59 12.19 1.15
C ASN A 35 -5.07 11.31 0.02
N CYS A 36 -4.38 10.25 0.40
CA CYS A 36 -3.83 9.32 -0.58
C CYS A 36 -4.86 8.24 -0.85
N THR A 37 -4.49 7.31 -1.72
CA THR A 37 -5.38 6.21 -2.07
C THR A 37 -4.56 5.00 -2.53
N PHE A 38 -4.98 3.83 -2.05
CA PHE A 38 -4.30 2.60 -2.41
C PHE A 38 -4.84 2.04 -3.74
N GLU A 39 -4.23 0.95 -4.17
CA GLU A 39 -4.65 0.30 -5.40
C GLU A 39 -4.32 -1.20 -5.35
N PHE A 40 -5.02 -1.89 -4.46
CA PHE A 40 -4.82 -3.32 -4.30
C PHE A 40 -5.86 -4.10 -5.09
N SER A 41 -5.37 -5.06 -5.87
CA SER A 41 -6.25 -5.90 -6.68
C SER A 41 -6.07 -7.36 -6.30
N SER A 42 -6.80 -8.22 -7.01
CA SER A 42 -6.73 -9.65 -6.77
C SER A 42 -6.25 -10.36 -8.03
N GLN A 43 -6.12 -9.60 -9.11
CA GLN A 43 -5.67 -10.15 -10.37
C GLN A 43 -5.57 -9.04 -11.42
N ILE A 44 -4.91 -9.38 -12.52
CA ILE A 44 -4.72 -8.43 -13.60
C ILE A 44 -6.02 -7.64 -13.81
N SER A 45 -7.13 -8.30 -13.49
CA SER A 45 -8.43 -7.67 -13.64
C SER A 45 -8.44 -6.31 -12.92
N GLU A 46 -9.63 -5.72 -12.87
CA GLU A 46 -9.79 -4.43 -12.23
C GLU A 46 -9.09 -4.41 -10.87
N VAL A 47 -9.06 -3.24 -10.27
CA VAL A 47 -8.41 -3.08 -8.97
C VAL A 47 -9.36 -2.32 -8.04
N PHE A 48 -9.00 -2.31 -6.76
CA PHE A 48 -9.80 -1.63 -5.77
C PHE A 48 -9.01 -0.47 -5.13
N SER A 49 -9.67 0.67 -5.04
CA SER A 49 -9.05 1.85 -4.46
C SER A 49 -9.73 2.20 -3.13
N ILE A 50 -8.93 2.21 -2.08
CA ILE A 50 -9.43 2.53 -0.76
C ILE A 50 -8.98 3.93 -0.37
N LYS A 51 -9.93 4.75 0.04
CA LYS A 51 -9.65 6.12 0.44
C LYS A 51 -8.83 6.09 1.73
N MET A 52 -7.60 6.60 1.63
CA MET A 52 -6.72 6.64 2.78
C MET A 52 -6.97 7.90 3.62
N GLY A 53 -6.72 7.76 4.92
CA GLY A 53 -6.91 8.87 5.84
C GLY A 53 -6.34 10.17 5.27
N PRO A 54 -6.96 11.30 5.68
CA PRO A 54 -6.52 12.60 5.21
C PRO A 54 -5.23 13.03 5.92
N HIS A 55 -5.06 12.52 7.13
CA HIS A 55 -3.88 12.83 7.91
C HIS A 55 -2.64 12.26 7.21
N GLU A 56 -1.55 13.02 7.30
CA GLU A 56 -0.30 12.60 6.70
C GLU A 56 0.51 11.75 7.67
N ILE A 57 1.10 10.68 7.14
CA ILE A 57 1.90 9.79 7.95
C ILE A 57 3.14 10.53 8.45
N GLY A 58 4.12 10.65 7.58
CA GLY A 58 5.35 11.33 7.93
C GLY A 58 6.47 10.33 8.25
N ILE A 59 7.43 10.79 9.04
CA ILE A 59 8.55 9.95 9.42
C ILE A 59 8.17 9.14 10.67
N LYS A 60 8.48 7.85 10.61
CA LYS A 60 8.18 6.97 11.73
C LYS A 60 6.66 6.80 11.85
N GLY A 61 5.96 7.34 10.86
CA GLY A 61 4.51 7.26 10.84
C GLY A 61 4.05 5.96 10.19
N GLN A 62 2.79 5.62 10.43
CA GLN A 62 2.22 4.41 9.88
C GLN A 62 0.87 4.71 9.23
N LYS A 63 0.31 3.69 8.60
CA LYS A 63 -0.98 3.83 7.94
C LYS A 63 -1.72 2.49 7.98
N GLU A 64 -3.04 2.57 7.97
CA GLU A 64 -3.87 1.38 7.99
C GLU A 64 -4.59 1.20 6.67
N LEU A 65 -4.69 -0.04 6.23
CA LEU A 65 -5.35 -0.36 4.98
C LEU A 65 -6.07 -1.71 5.10
N TRP A 66 -7.02 -1.76 6.03
CA TRP A 66 -7.77 -2.97 6.26
C TRP A 66 -8.84 -3.08 5.17
N PHE A 67 -8.78 -4.18 4.43
CA PHE A 67 -9.73 -4.42 3.36
C PHE A 67 -10.70 -5.54 3.73
N PHE A 68 -11.53 -5.91 2.76
CA PHE A 68 -12.50 -6.97 2.96
C PHE A 68 -13.07 -7.45 1.62
N PRO A 69 -13.64 -8.68 1.66
CA PRO A 69 -13.71 -9.44 2.90
C PRO A 69 -12.34 -10.04 3.25
N SER A 70 -11.62 -10.45 2.20
CA SER A 70 -10.30 -11.03 2.37
C SER A 70 -9.82 -11.63 1.05
N LEU A 71 -8.59 -11.29 0.71
CA LEU A 71 -8.01 -11.79 -0.53
C LEU A 71 -6.87 -12.75 -0.19
N PRO A 72 -6.52 -13.61 -1.19
CA PRO A 72 -5.46 -14.59 -1.00
C PRO A 72 -4.09 -13.92 -1.07
N THR A 73 -3.16 -14.46 -0.30
CA THR A 73 -1.80 -13.93 -0.27
C THR A 73 -0.80 -15.02 -0.62
N PRO A 74 0.45 -14.57 -0.94
CA PRO A 74 0.75 -13.14 -0.94
C PRO A 74 0.14 -12.46 -2.17
N LEU A 75 0.47 -11.17 -2.31
CA LEU A 75 -0.03 -10.40 -3.43
C LEU A 75 1.07 -10.24 -4.47
N SER A 76 1.53 -11.39 -4.98
CA SER A 76 2.58 -11.39 -5.98
C SER A 76 1.97 -11.16 -7.37
N ASN A 77 2.58 -10.24 -8.10
CA ASN A 77 2.12 -9.91 -9.44
C ASN A 77 0.88 -9.03 -9.34
N TYR A 78 0.74 -8.38 -8.19
CA TYR A 78 -0.40 -7.51 -7.95
C TYR A 78 -0.03 -6.05 -8.18
N THR A 79 -0.94 -5.17 -7.80
CA THR A 79 -0.72 -3.74 -7.95
C THR A 79 -0.46 -3.09 -6.59
N MET A 80 -1.48 -3.13 -5.75
CA MET A 80 -1.38 -2.55 -4.42
C MET A 80 -0.49 -1.31 -4.43
N LYS A 81 -0.57 -0.56 -5.53
CA LYS A 81 0.22 0.65 -5.68
C LYS A 81 -0.40 1.76 -4.83
N VAL A 82 0.35 2.85 -4.71
CA VAL A 82 -0.10 3.99 -3.93
C VAL A 82 -0.22 5.21 -4.84
N VAL A 83 -1.34 5.91 -4.70
CA VAL A 83 -1.59 7.09 -5.50
C VAL A 83 -1.72 8.31 -4.58
N ASN A 84 -1.79 9.47 -5.20
CA ASN A 84 -1.92 10.71 -4.45
C ASN A 84 -3.39 11.11 -4.37
N GLN A 85 -3.63 12.34 -3.97
CA GLN A 85 -4.98 12.86 -3.86
C GLN A 85 -5.59 13.07 -5.24
N ASP A 86 -4.75 12.87 -6.25
CA ASP A 86 -5.20 13.03 -7.63
C ASP A 86 -5.30 11.66 -8.29
N GLY A 87 -5.22 10.63 -7.47
CA GLY A 87 -5.30 9.27 -7.96
C GLY A 87 -4.07 8.93 -8.81
N GLU A 88 -3.10 9.83 -8.80
CA GLU A 88 -1.89 9.64 -9.56
C GLU A 88 -0.94 8.68 -8.82
N THR A 89 -0.46 7.68 -9.55
CA THR A 89 0.44 6.70 -8.98
C THR A 89 1.74 7.38 -8.54
N ILE A 90 1.89 7.47 -7.22
CA ILE A 90 3.08 8.09 -6.65
C ILE A 90 4.14 7.01 -6.40
N LEU A 91 3.68 5.89 -5.87
CA LEU A 91 4.57 4.78 -5.59
C LEU A 91 3.91 3.47 -6.03
N VAL A 92 4.72 2.42 -6.05
CA VAL A 92 4.23 1.11 -6.45
C VAL A 92 5.04 0.02 -5.74
N GLY A 93 4.33 -0.93 -5.17
CA GLY A 93 4.98 -2.03 -4.46
C GLY A 93 5.36 -3.15 -5.43
N LYS A 94 6.65 -3.45 -5.46
CA LYS A 94 7.15 -4.49 -6.33
C LYS A 94 6.24 -5.71 -6.24
N CYS A 95 5.58 -5.83 -5.09
CA CYS A 95 4.68 -6.94 -4.87
C CYS A 95 5.37 -8.23 -5.33
N ALA A 96 6.35 -8.65 -4.56
CA ALA A 96 7.10 -9.85 -4.88
C ALA A 96 6.36 -11.07 -4.33
N ASP A 97 6.97 -12.23 -4.49
CA ASP A 97 6.38 -13.46 -4.01
C ASP A 97 6.52 -13.54 -2.50
N SER A 98 5.86 -12.62 -1.83
CA SER A 98 5.91 -12.57 -0.38
C SER A 98 5.03 -11.42 0.14
N ASN A 99 4.46 -11.63 1.32
CA ASN A 99 3.60 -10.63 1.93
C ASN A 99 4.38 -9.32 2.08
N GLU A 100 5.70 -9.44 2.00
CA GLU A 100 6.57 -8.28 2.13
C GLU A 100 6.47 -7.40 0.88
N ILE A 101 6.29 -6.11 1.11
CA ILE A 101 6.17 -5.16 0.02
C ILE A 101 6.88 -3.85 0.41
N THR A 102 7.90 -3.52 -0.36
CA THR A 102 8.66 -2.30 -0.11
C THR A 102 8.54 -1.35 -1.30
N LEU A 103 7.50 -0.53 -1.26
CA LEU A 103 7.27 0.43 -2.33
C LEU A 103 8.60 1.04 -2.76
N LYS A 104 8.80 1.07 -4.07
CA LYS A 104 10.03 1.63 -4.62
C LYS A 104 9.69 2.84 -5.49
N SER A 105 8.87 2.58 -6.50
CA SER A 105 8.45 3.64 -7.41
C SER A 105 7.96 3.04 -8.72
N PRO A 106 7.14 3.84 -9.46
CA PRO A 106 6.61 3.39 -10.73
C PRO A 106 7.68 3.44 -11.82
N LEU A 107 8.08 4.65 -12.16
CA LEU A 107 9.09 4.84 -13.19
C LEU A 107 10.32 5.50 -12.56
N ASN A 5 16.99 6.37 7.31
CA ASN A 5 17.53 6.70 6.00
C ASN A 5 17.06 5.66 4.98
N ASP A 6 15.79 5.73 4.66
CA ASP A 6 15.19 4.81 3.71
C ASP A 6 13.80 5.31 3.33
N PRO A 7 13.74 5.94 2.12
CA PRO A 7 12.47 6.46 1.62
C PRO A 7 11.56 5.33 1.12
N LEU A 8 12.08 4.11 1.21
CA LEU A 8 11.34 2.95 0.77
C LEU A 8 10.05 2.83 1.59
N LEU A 9 9.05 2.24 0.97
CA LEU A 9 7.76 2.06 1.62
C LEU A 9 7.54 0.57 1.90
N HIS A 10 7.81 0.19 3.13
CA HIS A 10 7.66 -1.20 3.55
C HIS A 10 6.29 -1.37 4.22
N VAL A 11 5.57 -2.39 3.77
CA VAL A 11 4.25 -2.67 4.33
C VAL A 11 4.25 -4.08 4.90
N GLU A 12 3.16 -4.40 5.60
CA GLU A 12 3.02 -5.71 6.21
C GLU A 12 1.63 -6.28 5.93
N VAL A 13 1.61 -7.51 5.42
CA VAL A 13 0.36 -8.18 5.10
C VAL A 13 0.08 -9.24 6.16
N SER A 14 -0.97 -9.00 6.93
CA SER A 14 -1.35 -9.94 7.98
C SER A 14 -2.12 -11.11 7.37
N ASN A 15 -3.20 -10.77 6.68
CA ASN A 15 -4.04 -11.79 6.05
C ASN A 15 -4.59 -12.73 7.11
N GLU A 16 -5.46 -12.18 7.96
CA GLU A 16 -6.06 -12.95 9.02
C GLU A 16 -7.47 -13.41 8.62
N ASP A 17 -7.97 -14.39 9.35
CA ASP A 17 -9.30 -14.92 9.08
C ASP A 17 -10.31 -13.78 9.04
N ASN A 18 -10.18 -12.90 10.03
CA ASN A 18 -11.07 -11.75 10.13
C ASN A 18 -11.03 -10.96 8.81
N SER A 19 -9.85 -10.48 8.48
CA SER A 19 -9.67 -9.71 7.27
C SER A 19 -8.19 -9.38 7.07
N LEU A 20 -7.91 -8.62 6.01
CA LEU A 20 -6.55 -8.24 5.71
C LEU A 20 -6.11 -7.11 6.64
N HIS A 21 -4.83 -6.80 6.59
CA HIS A 21 -4.28 -5.74 7.42
C HIS A 21 -2.95 -5.27 6.83
N PHE A 22 -3.00 -4.11 6.19
CA PHE A 22 -1.82 -3.53 5.58
C PHE A 22 -1.34 -2.30 6.36
N ILE A 23 -0.48 -2.54 7.33
CA ILE A 23 0.06 -1.47 8.14
C ILE A 23 1.34 -0.92 7.49
N LEU A 24 1.17 0.16 6.75
CA LEU A 24 2.29 0.79 6.08
C LEU A 24 2.90 1.86 6.99
N TYR A 25 4.22 1.89 7.03
CA TYR A 25 4.93 2.85 7.84
C TYR A 25 5.85 3.72 6.99
N ASN A 26 5.47 4.99 6.88
CA ASN A 26 6.24 5.94 6.09
C ASN A 26 7.58 6.19 6.80
N LYS A 27 8.60 5.48 6.35
CA LYS A 27 9.92 5.61 6.93
C LYS A 27 10.79 6.48 6.00
N THR A 28 10.12 7.36 5.28
CA THR A 28 10.81 8.26 4.36
C THR A 28 10.92 9.66 4.96
N ASN A 29 12.05 10.30 4.69
CA ASN A 29 12.29 11.64 5.19
C ASN A 29 11.03 12.48 5.01
N ILE A 30 10.60 12.59 3.76
CA ILE A 30 9.42 13.36 3.44
C ILE A 30 8.24 12.87 4.29
N ILE A 31 7.13 13.59 4.19
CA ILE A 31 5.94 13.24 4.95
C ILE A 31 4.74 13.19 3.99
N ILE A 32 4.09 12.03 3.97
CA ILE A 32 2.93 11.85 3.12
C ILE A 32 2.08 13.12 3.14
N PRO A 33 1.60 13.50 1.92
CA PRO A 33 0.76 14.69 1.80
C PRO A 33 -0.65 14.43 2.32
N GLY A 34 -1.02 13.16 2.30
CA GLY A 34 -2.34 12.76 2.77
C GLY A 34 -3.36 12.79 1.63
N ASN A 35 -4.48 12.12 1.86
CA ASN A 35 -5.54 12.06 0.86
C ASN A 35 -5.06 11.21 -0.32
N CYS A 36 -4.26 10.20 -0.01
CA CYS A 36 -3.74 9.32 -1.03
C CYS A 36 -4.80 8.26 -1.33
N THR A 37 -4.45 7.36 -2.26
CA THR A 37 -5.35 6.30 -2.64
C THR A 37 -4.56 5.07 -3.11
N PHE A 38 -4.96 3.92 -2.59
CA PHE A 38 -4.31 2.67 -2.96
C PHE A 38 -4.98 2.03 -4.17
N GLU A 39 -4.46 0.87 -4.55
CA GLU A 39 -4.99 0.15 -5.69
C GLU A 39 -4.35 -1.24 -5.78
N PHE A 40 -4.99 -2.19 -5.13
CA PHE A 40 -4.50 -3.56 -5.13
C PHE A 40 -5.50 -4.51 -5.79
N SER A 41 -5.00 -5.28 -6.74
CA SER A 41 -5.84 -6.22 -7.46
C SER A 41 -5.73 -7.61 -6.82
N SER A 42 -6.66 -8.47 -7.18
CA SER A 42 -6.68 -9.83 -6.65
C SER A 42 -6.74 -10.84 -7.80
N GLN A 43 -6.70 -10.32 -9.01
CA GLN A 43 -6.76 -11.15 -10.19
C GLN A 43 -6.65 -10.29 -11.46
N ILE A 44 -6.62 -10.97 -12.60
CA ILE A 44 -6.52 -10.30 -13.87
C ILE A 44 -7.67 -9.30 -14.00
N SER A 45 -8.71 -9.55 -13.23
CA SER A 45 -9.88 -8.68 -13.25
C SER A 45 -9.47 -7.23 -12.97
N GLU A 46 -10.47 -6.40 -12.70
CA GLU A 46 -10.22 -5.00 -12.41
C GLU A 46 -9.65 -4.83 -11.01
N VAL A 47 -9.51 -3.57 -10.60
CA VAL A 47 -8.99 -3.28 -9.28
C VAL A 47 -9.83 -2.17 -8.64
N PHE A 48 -9.57 -1.93 -7.37
CA PHE A 48 -10.30 -0.90 -6.64
C PHE A 48 -9.34 -0.05 -5.80
N SER A 49 -9.68 1.23 -5.69
CA SER A 49 -8.86 2.17 -4.93
C SER A 49 -9.53 2.46 -3.59
N ILE A 50 -8.75 2.34 -2.53
CA ILE A 50 -9.25 2.59 -1.19
C ILE A 50 -8.90 4.03 -0.79
N LYS A 51 -9.92 4.75 -0.36
CA LYS A 51 -9.74 6.14 0.05
C LYS A 51 -8.97 6.17 1.37
N MET A 52 -7.72 6.59 1.28
CA MET A 52 -6.86 6.66 2.45
C MET A 52 -7.18 7.91 3.27
N GLY A 53 -6.81 7.86 4.55
CA GLY A 53 -7.05 8.97 5.44
C GLY A 53 -6.27 10.21 5.00
N PRO A 54 -6.89 11.40 5.27
CA PRO A 54 -6.26 12.66 4.89
C PRO A 54 -5.12 13.01 5.85
N HIS A 55 -5.26 12.54 7.08
CA HIS A 55 -4.24 12.79 8.09
C HIS A 55 -2.87 12.33 7.58
N GLU A 56 -1.84 12.97 8.09
CA GLU A 56 -0.48 12.63 7.69
C GLU A 56 0.05 11.47 8.54
N ILE A 57 0.99 10.75 7.96
CA ILE A 57 1.59 9.61 8.63
C ILE A 57 2.84 10.06 9.38
N GLY A 58 3.93 10.20 8.64
CA GLY A 58 5.19 10.64 9.22
C GLY A 58 6.17 9.48 9.29
N ILE A 59 7.33 9.76 9.87
CA ILE A 59 8.37 8.76 10.00
C ILE A 59 7.79 7.53 10.70
N LYS A 60 7.81 7.57 12.02
CA LYS A 60 7.29 6.46 12.82
C LYS A 60 5.80 6.29 12.52
N GLY A 61 5.19 7.37 12.06
CA GLY A 61 3.77 7.34 11.74
C GLY A 61 3.44 6.16 10.83
N GLN A 62 2.36 5.48 11.16
CA GLN A 62 1.92 4.33 10.38
C GLN A 62 0.58 4.63 9.70
N LYS A 63 0.13 3.67 8.91
CA LYS A 63 -1.12 3.81 8.19
C LYS A 63 -1.73 2.43 7.96
N GLU A 64 -3.05 2.38 8.03
CA GLU A 64 -3.78 1.14 7.83
C GLU A 64 -4.39 1.09 6.43
N LEU A 65 -4.77 -0.10 6.01
CA LEU A 65 -5.38 -0.30 4.71
C LEU A 65 -6.12 -1.63 4.68
N TRP A 66 -7.27 -1.64 5.35
CA TRP A 66 -8.08 -2.84 5.41
C TRP A 66 -8.73 -3.04 4.05
N PHE A 67 -8.55 -4.25 3.51
CA PHE A 67 -9.10 -4.58 2.21
C PHE A 67 -10.17 -5.66 2.33
N PHE A 68 -10.96 -5.55 3.40
CA PHE A 68 -12.01 -6.51 3.64
C PHE A 68 -12.69 -6.93 2.34
N PRO A 69 -13.34 -8.14 2.38
CA PRO A 69 -13.36 -8.93 3.60
C PRO A 69 -12.01 -9.61 3.84
N SER A 70 -11.39 -10.03 2.74
CA SER A 70 -10.09 -10.69 2.83
C SER A 70 -9.66 -11.15 1.43
N LEU A 71 -8.36 -11.09 1.20
CA LEU A 71 -7.80 -11.50 -0.08
C LEU A 71 -6.64 -12.48 0.17
N PRO A 72 -6.33 -13.26 -0.89
CA PRO A 72 -5.26 -14.24 -0.81
C PRO A 72 -3.89 -13.55 -0.87
N THR A 73 -2.96 -14.10 -0.11
CA THR A 73 -1.61 -13.56 -0.07
C THR A 73 -0.58 -14.65 -0.37
N PRO A 74 0.66 -14.20 -0.72
CA PRO A 74 0.94 -12.77 -0.79
C PRO A 74 0.32 -12.16 -2.05
N LEU A 75 0.49 -10.85 -2.17
CA LEU A 75 -0.04 -10.14 -3.32
C LEU A 75 1.02 -10.06 -4.41
N SER A 76 1.39 -11.23 -4.92
CA SER A 76 2.40 -11.30 -5.97
C SER A 76 1.75 -11.06 -7.33
N ASN A 77 2.42 -10.26 -8.14
CA ASN A 77 1.93 -9.94 -9.47
C ASN A 77 0.73 -9.01 -9.35
N TYR A 78 0.51 -8.51 -8.14
CA TYR A 78 -0.60 -7.61 -7.88
C TYR A 78 -0.15 -6.15 -7.95
N THR A 79 -0.84 -5.40 -8.79
CA THR A 79 -0.53 -3.99 -8.95
C THR A 79 -0.20 -3.35 -7.60
N MET A 80 -1.18 -3.38 -6.71
CA MET A 80 -1.01 -2.81 -5.38
C MET A 80 -0.03 -1.63 -5.42
N LYS A 81 -0.48 -0.55 -6.05
CA LYS A 81 0.33 0.65 -6.16
C LYS A 81 -0.19 1.70 -5.16
N VAL A 82 0.35 2.90 -5.29
CA VAL A 82 -0.04 4.00 -4.42
C VAL A 82 -0.10 5.29 -5.23
N VAL A 83 -1.26 5.92 -5.20
CA VAL A 83 -1.47 7.16 -5.92
C VAL A 83 -1.62 8.31 -4.92
N ASN A 84 -1.97 9.47 -5.45
CA ASN A 84 -2.14 10.66 -4.62
C ASN A 84 -3.53 11.25 -4.89
N GLN A 85 -3.74 12.43 -4.31
CA GLN A 85 -5.02 13.11 -4.47
C GLN A 85 -5.23 13.50 -5.94
N ASP A 86 -4.18 13.28 -6.73
CA ASP A 86 -4.25 13.60 -8.14
C ASP A 86 -4.79 12.39 -8.92
N GLY A 87 -4.79 11.24 -8.24
CA GLY A 87 -5.27 10.02 -8.84
C GLY A 87 -4.17 9.34 -9.65
N GLU A 88 -2.99 9.96 -9.63
CA GLU A 88 -1.85 9.42 -10.36
C GLU A 88 -0.99 8.55 -9.44
N THR A 89 -0.30 7.60 -10.05
CA THR A 89 0.56 6.71 -9.29
C THR A 89 1.92 7.36 -9.04
N ILE A 90 2.33 7.34 -7.78
CA ILE A 90 3.60 7.92 -7.40
C ILE A 90 4.62 6.80 -7.16
N LEU A 91 4.12 5.71 -6.59
CA LEU A 91 4.98 4.58 -6.30
C LEU A 91 4.26 3.30 -6.74
N VAL A 92 5.02 2.21 -6.74
CA VAL A 92 4.49 0.91 -7.14
C VAL A 92 5.27 -0.20 -6.46
N GLY A 93 4.54 -1.01 -5.70
CA GLY A 93 5.16 -2.12 -4.99
C GLY A 93 5.46 -3.28 -5.93
N LYS A 94 6.74 -3.62 -6.01
CA LYS A 94 7.17 -4.71 -6.87
C LYS A 94 6.22 -5.89 -6.70
N CYS A 95 5.63 -5.97 -5.52
CA CYS A 95 4.69 -7.04 -5.22
C CYS A 95 5.36 -8.37 -5.58
N ALA A 96 6.28 -8.79 -4.74
CA ALA A 96 7.00 -10.04 -4.97
C ALA A 96 6.21 -11.19 -4.34
N ASP A 97 6.78 -12.38 -4.46
CA ASP A 97 6.16 -13.57 -3.92
C ASP A 97 6.34 -13.59 -2.40
N SER A 98 5.81 -12.56 -1.75
CA SER A 98 5.92 -12.44 -0.30
C SER A 98 5.23 -11.17 0.17
N ASN A 99 4.56 -11.28 1.31
CA ASN A 99 3.85 -10.15 1.88
C ASN A 99 4.76 -8.92 1.85
N GLU A 100 6.06 -9.19 1.87
CA GLU A 100 7.05 -8.13 1.86
C GLU A 100 6.94 -7.33 0.55
N ILE A 101 6.78 -6.02 0.72
CA ILE A 101 6.66 -5.13 -0.43
C ILE A 101 7.39 -3.83 -0.14
N THR A 102 8.34 -3.50 -1.01
CA THR A 102 9.11 -2.29 -0.86
C THR A 102 9.05 -1.45 -2.14
N LEU A 103 8.04 -0.61 -2.21
CA LEU A 103 7.85 0.26 -3.36
C LEU A 103 9.21 0.79 -3.82
N LYS A 104 9.38 0.82 -5.12
CA LYS A 104 10.63 1.32 -5.70
C LYS A 104 10.36 2.62 -6.44
N SER A 105 9.57 2.51 -7.49
CA SER A 105 9.23 3.67 -8.30
C SER A 105 8.75 3.23 -9.69
N PRO A 106 7.78 4.01 -10.23
CA PRO A 106 7.23 3.71 -11.55
C PRO A 106 8.22 4.09 -12.66
N LEU A 107 8.22 5.36 -13.00
CA LEU A 107 9.10 5.86 -14.04
C LEU A 107 10.37 6.43 -13.39
N ASN A 5 18.40 7.99 2.01
CA ASN A 5 17.99 6.59 2.08
C ASN A 5 17.11 6.26 0.87
N ASP A 6 16.73 5.00 0.78
CA ASP A 6 15.90 4.54 -0.31
C ASP A 6 14.44 4.91 -0.03
N PRO A 7 13.67 5.08 -1.13
CA PRO A 7 12.26 5.44 -1.01
C PRO A 7 11.43 4.24 -0.56
N LEU A 8 12.11 3.11 -0.38
CA LEU A 8 11.44 1.90 0.04
C LEU A 8 10.39 2.24 1.10
N LEU A 9 9.27 1.53 1.01
CA LEU A 9 8.17 1.75 1.94
C LEU A 9 7.74 0.41 2.53
N HIS A 10 8.16 0.20 3.78
CA HIS A 10 7.82 -1.04 4.47
C HIS A 10 6.32 -1.09 4.73
N VAL A 11 5.77 -2.28 4.55
CA VAL A 11 4.35 -2.48 4.75
C VAL A 11 4.11 -3.87 5.35
N GLU A 12 2.89 -4.08 5.82
CA GLU A 12 2.53 -5.36 6.42
C GLU A 12 1.33 -5.97 5.69
N VAL A 13 1.24 -7.28 5.76
CA VAL A 13 0.15 -8.00 5.12
C VAL A 13 -0.40 -9.06 6.07
N SER A 14 -1.45 -8.68 6.78
CA SER A 14 -2.08 -9.59 7.73
C SER A 14 -2.78 -10.72 6.98
N ASN A 15 -3.83 -10.36 6.25
CA ASN A 15 -4.58 -11.34 5.49
C ASN A 15 -5.17 -12.38 6.45
N GLU A 16 -6.07 -11.91 7.31
CA GLU A 16 -6.71 -12.79 8.27
C GLU A 16 -8.01 -13.35 7.69
N ASP A 17 -8.29 -14.59 8.07
CA ASP A 17 -9.50 -15.26 7.60
C ASP A 17 -10.69 -14.31 7.72
N ASN A 18 -10.64 -13.49 8.77
CA ASN A 18 -11.70 -12.54 9.02
C ASN A 18 -11.72 -11.50 7.89
N SER A 19 -10.55 -10.92 7.65
CA SER A 19 -10.42 -9.92 6.60
C SER A 19 -8.95 -9.58 6.38
N LEU A 20 -8.72 -8.60 5.52
CA LEU A 20 -7.37 -8.17 5.21
C LEU A 20 -6.95 -7.09 6.21
N HIS A 21 -5.70 -6.67 6.08
CA HIS A 21 -5.15 -5.65 6.97
C HIS A 21 -3.73 -5.30 6.53
N PHE A 22 -3.61 -4.14 5.87
CA PHE A 22 -2.31 -3.68 5.40
C PHE A 22 -1.87 -2.43 6.15
N ILE A 23 -0.67 -2.50 6.69
CA ILE A 23 -0.12 -1.38 7.44
C ILE A 23 1.16 -0.90 6.75
N LEU A 24 1.12 0.34 6.28
CA LEU A 24 2.27 0.92 5.61
C LEU A 24 2.98 1.89 6.57
N TYR A 25 4.29 1.71 6.67
CA TYR A 25 5.08 2.56 7.54
C TYR A 25 6.14 3.32 6.75
N ASN A 26 5.93 4.62 6.62
CA ASN A 26 6.86 5.46 5.88
C ASN A 26 8.17 5.58 6.68
N LYS A 27 8.95 4.51 6.63
CA LYS A 27 10.23 4.48 7.34
C LYS A 27 11.28 5.18 6.49
N THR A 28 10.97 6.40 6.09
CA THR A 28 11.88 7.19 5.29
C THR A 28 12.11 8.56 5.91
N ASN A 29 12.90 9.37 5.21
CA ASN A 29 13.20 10.71 5.70
C ASN A 29 12.26 11.71 5.02
N ILE A 30 11.18 11.18 4.49
CA ILE A 30 10.19 12.01 3.82
C ILE A 30 8.86 11.94 4.57
N ILE A 31 7.95 12.82 4.19
CA ILE A 31 6.64 12.87 4.82
C ILE A 31 5.55 12.64 3.76
N ILE A 32 4.57 11.84 4.12
CA ILE A 32 3.47 11.53 3.22
C ILE A 32 2.49 12.72 3.21
N PRO A 33 2.02 13.06 1.98
CA PRO A 33 1.09 14.16 1.81
C PRO A 33 -0.32 13.76 2.27
N GLY A 34 -0.57 12.45 2.20
CA GLY A 34 -1.86 11.93 2.59
C GLY A 34 -2.88 12.04 1.46
N ASN A 35 -4.15 12.03 1.83
CA ASN A 35 -5.23 12.12 0.86
C ASN A 35 -4.86 11.29 -0.37
N CYS A 36 -4.12 10.23 -0.12
CA CYS A 36 -3.71 9.33 -1.20
C CYS A 36 -4.80 8.29 -1.41
N THR A 37 -4.50 7.32 -2.27
CA THR A 37 -5.46 6.27 -2.57
C THR A 37 -4.72 4.99 -3.00
N PHE A 38 -5.03 3.91 -2.32
CA PHE A 38 -4.42 2.63 -2.60
C PHE A 38 -5.07 1.98 -3.83
N GLU A 39 -4.46 0.88 -4.27
CA GLU A 39 -4.97 0.15 -5.41
C GLU A 39 -4.31 -1.22 -5.51
N PHE A 40 -4.95 -2.20 -4.89
CA PHE A 40 -4.42 -3.56 -4.89
C PHE A 40 -5.33 -4.49 -5.70
N SER A 41 -4.74 -5.09 -6.72
CA SER A 41 -5.49 -6.00 -7.58
C SER A 41 -5.02 -7.44 -7.35
N SER A 42 -5.84 -8.38 -7.77
CA SER A 42 -5.53 -9.79 -7.62
C SER A 42 -5.75 -10.52 -8.95
N GLN A 43 -7.01 -10.53 -9.36
CA GLN A 43 -7.39 -11.19 -10.61
C GLN A 43 -7.58 -10.16 -11.72
N ILE A 44 -7.74 -10.67 -12.93
CA ILE A 44 -7.94 -9.81 -14.08
C ILE A 44 -9.34 -9.21 -14.03
N SER A 45 -10.12 -9.68 -13.07
CA SER A 45 -11.48 -9.19 -12.91
C SER A 45 -11.49 -7.67 -12.90
N GLU A 46 -10.99 -7.10 -11.80
CA GLU A 46 -10.94 -5.66 -11.66
C GLU A 46 -10.12 -5.28 -10.42
N VAL A 47 -9.95 -3.98 -10.24
CA VAL A 47 -9.19 -3.48 -9.11
C VAL A 47 -10.07 -2.50 -8.31
N PHE A 48 -9.59 -2.16 -7.13
CA PHE A 48 -10.31 -1.23 -6.26
C PHE A 48 -9.36 -0.23 -5.62
N SER A 49 -9.87 0.97 -5.41
CA SER A 49 -9.08 2.03 -4.81
C SER A 49 -9.71 2.47 -3.49
N ILE A 50 -8.92 2.38 -2.43
CA ILE A 50 -9.39 2.77 -1.11
C ILE A 50 -8.86 4.16 -0.76
N LYS A 51 -9.78 5.04 -0.39
CA LYS A 51 -9.41 6.40 -0.03
C LYS A 51 -8.58 6.38 1.25
N MET A 52 -7.38 6.93 1.16
CA MET A 52 -6.50 6.98 2.31
C MET A 52 -6.80 8.20 3.19
N GLY A 53 -6.56 8.03 4.48
CA GLY A 53 -6.81 9.09 5.44
C GLY A 53 -6.11 10.39 5.01
N PRO A 54 -6.66 11.52 5.50
CA PRO A 54 -6.11 12.83 5.18
C PRO A 54 -4.80 13.08 5.94
N HIS A 55 -4.69 12.42 7.09
CA HIS A 55 -3.51 12.56 7.92
C HIS A 55 -2.26 12.28 7.09
N GLU A 56 -1.12 12.30 7.75
CA GLU A 56 0.14 12.05 7.09
C GLU A 56 0.90 10.91 7.78
N ILE A 57 2.03 10.54 7.19
CA ILE A 57 2.84 9.47 7.74
C ILE A 57 4.31 9.89 7.74
N GLY A 58 4.58 10.96 8.49
CA GLY A 58 5.93 11.48 8.58
C GLY A 58 6.88 10.43 9.14
N ILE A 59 7.53 10.78 10.24
CA ILE A 59 8.47 9.88 10.89
C ILE A 59 7.78 9.18 12.07
N LYS A 60 8.04 7.90 12.18
CA LYS A 60 7.45 7.11 13.26
C LYS A 60 5.94 7.00 13.04
N GLY A 61 5.52 7.45 11.87
CA GLY A 61 4.11 7.42 11.52
C GLY A 61 3.81 6.27 10.55
N GLN A 62 2.61 5.71 10.70
CA GLN A 62 2.20 4.61 9.84
C GLN A 62 0.78 4.87 9.30
N LYS A 63 0.30 3.90 8.55
CA LYS A 63 -1.03 4.00 7.96
C LYS A 63 -1.64 2.61 7.84
N GLU A 64 -2.96 2.57 7.92
CA GLU A 64 -3.68 1.30 7.82
C GLU A 64 -4.47 1.25 6.51
N LEU A 65 -4.81 0.03 6.11
CA LEU A 65 -5.56 -0.17 4.89
C LEU A 65 -6.31 -1.50 4.96
N TRP A 66 -7.33 -1.52 5.82
CA TRP A 66 -8.13 -2.72 6.00
C TRP A 66 -9.04 -2.86 4.78
N PHE A 67 -9.02 -4.05 4.20
CA PHE A 67 -9.85 -4.33 3.03
C PHE A 67 -10.86 -5.44 3.34
N PHE A 68 -11.53 -5.87 2.28
CA PHE A 68 -12.53 -6.93 2.42
C PHE A 68 -12.99 -7.42 1.03
N PRO A 69 -13.56 -8.66 1.03
CA PRO A 69 -13.71 -9.42 2.26
C PRO A 69 -12.36 -10.00 2.72
N SER A 70 -11.56 -10.40 1.73
CA SER A 70 -10.26 -10.97 2.01
C SER A 70 -9.66 -11.56 0.73
N LEU A 71 -8.41 -11.21 0.48
CA LEU A 71 -7.71 -11.69 -0.70
C LEU A 71 -6.55 -12.59 -0.26
N PRO A 72 -6.10 -13.45 -1.22
CA PRO A 72 -5.00 -14.35 -0.95
C PRO A 72 -3.66 -13.61 -0.95
N THR A 73 -2.77 -14.08 -0.09
CA THR A 73 -1.46 -13.46 0.03
C THR A 73 -0.36 -14.52 -0.12
N PRO A 74 0.88 -14.04 -0.35
CA PRO A 74 1.12 -12.61 -0.46
C PRO A 74 0.61 -12.07 -1.80
N LEU A 75 0.73 -10.75 -1.95
CA LEU A 75 0.29 -10.10 -3.17
C LEU A 75 1.46 -10.00 -4.15
N SER A 76 1.90 -11.15 -4.61
CA SER A 76 3.02 -11.22 -5.55
C SER A 76 2.53 -10.94 -6.96
N ASN A 77 3.19 -9.99 -7.61
CA ASN A 77 2.83 -9.62 -8.97
C ASN A 77 1.54 -8.81 -8.94
N TYR A 78 1.26 -8.23 -7.78
CA TYR A 78 0.06 -7.43 -7.61
C TYR A 78 0.39 -5.94 -7.62
N THR A 79 -0.40 -5.19 -8.36
CA THR A 79 -0.19 -3.75 -8.46
C THR A 79 0.03 -3.15 -7.07
N MET A 80 -1.02 -3.20 -6.26
CA MET A 80 -0.95 -2.66 -4.92
C MET A 80 -0.03 -1.44 -4.85
N LYS A 81 -0.35 -0.46 -5.67
CA LYS A 81 0.44 0.76 -5.71
C LYS A 81 -0.19 1.81 -4.79
N VAL A 82 0.26 3.04 -4.96
CA VAL A 82 -0.24 4.14 -4.15
C VAL A 82 -0.28 5.42 -5.00
N VAL A 83 -1.46 6.03 -5.03
CA VAL A 83 -1.65 7.25 -5.80
C VAL A 83 -1.81 8.43 -4.84
N ASN A 84 -2.15 9.57 -5.41
CA ASN A 84 -2.35 10.77 -4.63
C ASN A 84 -3.79 11.28 -4.82
N GLN A 85 -4.03 12.47 -4.30
CA GLN A 85 -5.35 13.08 -4.40
C GLN A 85 -5.68 13.37 -5.87
N ASP A 86 -4.68 13.20 -6.72
CA ASP A 86 -4.84 13.45 -8.14
C ASP A 86 -5.18 12.13 -8.85
N GLY A 87 -5.07 11.05 -8.09
CA GLY A 87 -5.35 9.73 -8.63
C GLY A 87 -4.14 9.18 -9.39
N GLU A 88 -3.12 10.01 -9.50
CA GLU A 88 -1.91 9.62 -10.19
C GLU A 88 -1.02 8.77 -9.28
N THR A 89 -0.42 7.75 -9.87
CA THR A 89 0.46 6.87 -9.12
C THR A 89 1.71 7.61 -8.66
N ILE A 90 1.92 7.60 -7.34
CA ILE A 90 3.07 8.27 -6.76
C ILE A 90 4.18 7.25 -6.52
N LEU A 91 3.78 6.08 -6.04
CA LEU A 91 4.73 5.02 -5.77
C LEU A 91 4.11 3.68 -6.16
N VAL A 92 4.94 2.65 -6.14
CA VAL A 92 4.50 1.31 -6.49
C VAL A 92 5.27 0.28 -5.66
N GLY A 93 4.52 -0.60 -5.02
CA GLY A 93 5.13 -1.63 -4.20
C GLY A 93 5.43 -2.88 -5.03
N LYS A 94 6.72 -3.17 -5.17
CA LYS A 94 7.16 -4.33 -5.93
C LYS A 94 6.30 -5.53 -5.55
N CYS A 95 5.78 -5.49 -4.34
CA CYS A 95 4.95 -6.57 -3.84
C CYS A 95 5.57 -7.89 -4.27
N ALA A 96 6.73 -8.18 -3.68
CA ALA A 96 7.44 -9.41 -3.99
C ALA A 96 6.69 -10.60 -3.37
N ASP A 97 7.31 -11.76 -3.46
CA ASP A 97 6.72 -12.97 -2.92
C ASP A 97 6.96 -13.02 -1.40
N SER A 98 6.47 -11.98 -0.73
CA SER A 98 6.63 -11.89 0.71
C SER A 98 5.74 -10.77 1.25
N ASN A 99 5.16 -11.03 2.42
CA ASN A 99 4.29 -10.05 3.06
C ASN A 99 4.95 -8.67 3.01
N GLU A 100 6.28 -8.68 3.05
CA GLU A 100 7.05 -7.46 3.01
C GLU A 100 6.83 -6.74 1.67
N ILE A 101 6.88 -5.42 1.73
CA ILE A 101 6.69 -4.61 0.54
C ILE A 101 7.48 -3.30 0.69
N THR A 102 8.07 -2.88 -0.43
CA THR A 102 8.85 -1.66 -0.44
C THR A 102 8.62 -0.89 -1.74
N LEU A 103 7.89 0.21 -1.62
CA LEU A 103 7.59 1.04 -2.77
C LEU A 103 8.89 1.57 -3.36
N LYS A 104 8.98 1.48 -4.69
CA LYS A 104 10.16 1.94 -5.39
C LYS A 104 9.86 3.28 -6.08
N SER A 105 9.13 3.19 -7.18
CA SER A 105 8.76 4.38 -7.93
C SER A 105 8.38 4.00 -9.36
N PRO A 106 7.37 4.72 -9.90
CA PRO A 106 6.91 4.47 -11.26
C PRO A 106 7.89 5.02 -12.29
N LEU A 107 7.90 6.33 -12.42
CA LEU A 107 8.78 6.99 -13.36
C LEU A 107 9.54 8.11 -12.64
N ASN A 5 22.27 1.80 4.19
CA ASN A 5 21.81 3.16 4.06
C ASN A 5 20.90 3.27 2.83
N ASP A 6 19.75 2.60 2.92
CA ASP A 6 18.80 2.62 1.83
C ASP A 6 17.42 2.23 2.37
N PRO A 7 16.77 3.21 3.04
CA PRO A 7 15.44 2.98 3.60
C PRO A 7 14.37 2.97 2.50
N LEU A 8 13.17 2.61 2.91
CA LEU A 8 12.05 2.56 1.98
C LEU A 8 10.75 2.38 2.76
N LEU A 9 9.66 2.27 2.01
CA LEU A 9 8.35 2.10 2.62
C LEU A 9 7.98 0.62 2.62
N HIS A 10 8.14 0.00 3.79
CA HIS A 10 7.83 -1.41 3.93
C HIS A 10 6.35 -1.57 4.29
N VAL A 11 5.76 -2.63 3.75
CA VAL A 11 4.36 -2.92 4.00
C VAL A 11 4.21 -4.34 4.54
N GLU A 12 3.26 -4.51 5.44
CA GLU A 12 3.01 -5.81 6.04
C GLU A 12 1.58 -6.28 5.73
N VAL A 13 1.50 -7.43 5.08
CA VAL A 13 0.20 -7.98 4.73
C VAL A 13 -0.16 -9.09 5.72
N SER A 14 -1.12 -8.78 6.58
CA SER A 14 -1.56 -9.74 7.57
C SER A 14 -2.30 -10.90 6.90
N ASN A 15 -3.34 -10.55 6.16
CA ASN A 15 -4.13 -11.55 5.46
C ASN A 15 -4.62 -12.59 6.46
N GLU A 16 -5.54 -12.17 7.32
CA GLU A 16 -6.10 -13.06 8.32
C GLU A 16 -7.59 -13.29 8.06
N ASP A 17 -8.11 -14.35 8.66
CA ASP A 17 -9.50 -14.69 8.50
C ASP A 17 -10.35 -13.41 8.58
N ASN A 18 -10.14 -12.68 9.66
CA ASN A 18 -10.87 -11.44 9.87
C ASN A 18 -10.92 -10.65 8.56
N SER A 19 -9.74 -10.24 8.12
CA SER A 19 -9.63 -9.48 6.88
C SER A 19 -8.16 -9.15 6.61
N LEU A 20 -7.96 -8.36 5.56
CA LEU A 20 -6.62 -7.97 5.18
C LEU A 20 -6.13 -6.84 6.11
N HIS A 21 -4.85 -6.55 6.01
CA HIS A 21 -4.25 -5.51 6.82
C HIS A 21 -2.89 -5.13 6.25
N PHE A 22 -2.81 -3.90 5.75
CA PHE A 22 -1.58 -3.41 5.17
C PHE A 22 -1.04 -2.22 5.97
N ILE A 23 0.03 -2.47 6.72
CA ILE A 23 0.64 -1.43 7.53
C ILE A 23 1.87 -0.88 6.80
N LEU A 24 1.69 0.30 6.23
CA LEU A 24 2.77 0.94 5.49
C LEU A 24 3.34 2.09 6.33
N TYR A 25 4.65 2.05 6.53
CA TYR A 25 5.31 3.07 7.32
C TYR A 25 6.25 3.92 6.44
N ASN A 26 5.95 5.21 6.38
CA ASN A 26 6.75 6.12 5.58
C ASN A 26 8.02 6.50 6.37
N LYS A 27 9.09 5.78 6.07
CA LYS A 27 10.35 6.03 6.74
C LYS A 27 11.14 7.09 5.96
N THR A 28 11.33 6.80 4.68
CA THR A 28 12.06 7.71 3.81
C THR A 28 11.08 8.54 2.97
N ASN A 29 11.64 9.49 2.24
CA ASN A 29 10.84 10.36 1.39
C ASN A 29 10.24 11.48 2.24
N ILE A 30 9.35 12.24 1.61
CA ILE A 30 8.70 13.34 2.30
C ILE A 30 7.55 12.81 3.14
N ILE A 31 6.80 13.73 3.73
CA ILE A 31 5.67 13.37 4.57
C ILE A 31 4.40 13.35 3.71
N ILE A 32 3.70 12.22 3.78
CA ILE A 32 2.47 12.06 3.02
C ILE A 32 1.63 13.33 3.14
N PRO A 33 1.05 13.74 1.98
CA PRO A 33 0.23 14.94 1.94
C PRO A 33 -1.15 14.68 2.58
N GLY A 34 -1.59 13.44 2.45
CA GLY A 34 -2.88 13.06 3.01
C GLY A 34 -3.95 12.98 1.92
N ASN A 35 -4.96 12.15 2.17
CA ASN A 35 -6.05 11.98 1.22
C ASN A 35 -5.56 11.13 0.05
N CYS A 36 -4.65 10.21 0.36
CA CYS A 36 -4.10 9.32 -0.66
C CYS A 36 -5.13 8.22 -0.93
N THR A 37 -4.73 7.30 -1.79
CA THR A 37 -5.59 6.19 -2.14
C THR A 37 -4.76 4.98 -2.60
N PHE A 38 -5.19 3.80 -2.18
CA PHE A 38 -4.50 2.58 -2.53
C PHE A 38 -5.03 2.01 -3.85
N GLU A 39 -4.49 0.86 -4.23
CA GLU A 39 -4.90 0.21 -5.46
C GLU A 39 -4.17 -1.13 -5.61
N PHE A 40 -4.88 -2.20 -5.27
CA PHE A 40 -4.31 -3.53 -5.38
C PHE A 40 -5.18 -4.43 -6.26
N SER A 41 -4.51 -5.33 -6.97
CA SER A 41 -5.20 -6.25 -7.85
C SER A 41 -5.85 -7.38 -7.05
N SER A 42 -6.79 -8.06 -7.68
CA SER A 42 -7.48 -9.15 -7.04
C SER A 42 -7.89 -10.20 -8.07
N GLN A 43 -8.67 -9.75 -9.04
CA GLN A 43 -9.14 -10.63 -10.10
C GLN A 43 -9.16 -9.89 -11.43
N ILE A 44 -9.36 -10.66 -12.51
CA ILE A 44 -9.41 -10.08 -13.84
C ILE A 44 -10.24 -8.80 -13.80
N SER A 45 -11.17 -8.76 -12.87
CA SER A 45 -12.04 -7.59 -12.72
C SER A 45 -11.19 -6.33 -12.66
N GLU A 46 -11.89 -5.20 -12.49
CA GLU A 46 -11.22 -3.92 -12.41
C GLU A 46 -10.61 -3.72 -11.03
N VAL A 47 -9.37 -3.26 -11.01
CA VAL A 47 -8.68 -3.02 -9.76
C VAL A 47 -9.58 -2.22 -8.82
N PHE A 48 -9.15 -2.12 -7.57
CA PHE A 48 -9.91 -1.38 -6.57
C PHE A 48 -9.12 -0.17 -6.06
N SER A 49 -9.71 0.50 -5.09
CA SER A 49 -9.08 1.68 -4.50
C SER A 49 -9.74 2.01 -3.16
N ILE A 50 -8.90 2.07 -2.13
CA ILE A 50 -9.39 2.38 -0.80
C ILE A 50 -9.14 3.86 -0.50
N LYS A 51 -10.14 4.49 0.07
CA LYS A 51 -10.04 5.90 0.42
C LYS A 51 -9.26 6.04 1.73
N MET A 52 -8.04 6.52 1.61
CA MET A 52 -7.18 6.71 2.78
C MET A 52 -7.53 8.02 3.48
N GLY A 53 -7.25 8.04 4.78
CA GLY A 53 -7.52 9.22 5.59
C GLY A 53 -6.86 10.46 4.98
N PRO A 54 -7.48 11.64 5.27
CA PRO A 54 -6.97 12.90 4.76
C PRO A 54 -5.70 13.33 5.52
N HIS A 55 -5.54 12.75 6.69
CA HIS A 55 -4.38 13.05 7.52
C HIS A 55 -3.13 12.43 6.91
N GLU A 56 -1.98 12.95 7.33
CA GLU A 56 -0.71 12.45 6.83
C GLU A 56 -0.22 11.28 7.68
N ILE A 57 0.88 10.69 7.25
CA ILE A 57 1.46 9.56 7.96
C ILE A 57 2.59 10.05 8.86
N GLY A 58 3.71 10.38 8.23
CA GLY A 58 4.87 10.86 8.96
C GLY A 58 6.08 9.96 8.72
N ILE A 59 7.25 10.53 8.98
CA ILE A 59 8.49 9.79 8.80
C ILE A 59 8.47 8.52 9.67
N LYS A 60 7.75 8.62 10.78
CA LYS A 60 7.64 7.51 11.71
C LYS A 60 6.20 6.96 11.64
N GLY A 61 5.26 7.86 11.45
CA GLY A 61 3.86 7.47 11.37
C GLY A 61 3.68 6.26 10.45
N GLN A 62 2.48 5.70 10.50
CA GLN A 62 2.17 4.54 9.68
C GLN A 62 0.81 4.73 8.99
N LYS A 63 0.41 3.72 8.24
CA LYS A 63 -0.85 3.76 7.53
C LYS A 63 -1.56 2.41 7.66
N GLU A 64 -2.87 2.45 7.50
CA GLU A 64 -3.67 1.24 7.61
C GLU A 64 -4.65 1.15 6.43
N LEU A 65 -4.29 0.34 5.46
CA LEU A 65 -5.14 0.17 4.28
C LEU A 65 -5.97 -1.10 4.45
N TRP A 66 -6.28 -1.42 5.70
CA TRP A 66 -7.07 -2.60 6.00
C TRP A 66 -8.21 -2.67 4.98
N PHE A 67 -8.32 -3.83 4.34
CA PHE A 67 -9.35 -4.04 3.36
C PHE A 67 -10.14 -5.32 3.66
N PHE A 68 -11.20 -5.52 2.88
CA PHE A 68 -12.05 -6.69 3.06
C PHE A 68 -12.61 -7.17 1.72
N PRO A 69 -13.08 -8.44 1.71
CA PRO A 69 -13.04 -9.26 2.90
C PRO A 69 -11.61 -9.75 3.18
N SER A 70 -11.04 -10.38 2.17
CA SER A 70 -9.68 -10.90 2.29
C SER A 70 -9.22 -11.47 0.94
N LEU A 71 -7.93 -11.34 0.70
CA LEU A 71 -7.35 -11.84 -0.55
C LEU A 71 -6.22 -12.81 -0.22
N PRO A 72 -5.90 -13.67 -1.22
CA PRO A 72 -4.85 -14.66 -1.06
C PRO A 72 -3.47 -14.00 -1.13
N THR A 73 -2.55 -14.55 -0.34
CA THR A 73 -1.20 -14.03 -0.31
C THR A 73 -0.19 -15.15 -0.57
N PRO A 74 1.07 -14.73 -0.89
CA PRO A 74 1.39 -13.32 -0.97
C PRO A 74 0.81 -12.69 -2.25
N LEU A 75 1.04 -11.40 -2.37
CA LEU A 75 0.55 -10.67 -3.55
C LEU A 75 1.72 -10.38 -4.48
N SER A 76 2.34 -11.45 -4.97
CA SER A 76 3.46 -11.31 -5.87
C SER A 76 2.97 -11.20 -7.30
N ASN A 77 3.61 -10.29 -8.04
CA ASN A 77 3.24 -10.07 -9.43
C ASN A 77 2.04 -9.12 -9.50
N TYR A 78 1.58 -8.73 -8.32
CA TYR A 78 0.44 -7.83 -8.23
C TYR A 78 0.87 -6.38 -8.44
N THR A 79 -0.07 -5.47 -8.23
CA THR A 79 0.20 -4.05 -8.41
C THR A 79 0.30 -3.36 -7.05
N MET A 80 -0.78 -3.47 -6.28
CA MET A 80 -0.83 -2.86 -4.97
C MET A 80 0.05 -1.60 -4.91
N LYS A 81 -0.30 -0.64 -5.75
CA LYS A 81 0.44 0.61 -5.81
C LYS A 81 -0.17 1.60 -4.82
N VAL A 82 0.31 2.84 -4.88
CA VAL A 82 -0.17 3.88 -4.00
C VAL A 82 -0.26 5.20 -4.79
N VAL A 83 -1.45 5.79 -4.75
CA VAL A 83 -1.67 7.04 -5.45
C VAL A 83 -1.83 8.17 -4.42
N ASN A 84 -1.89 9.39 -4.93
CA ASN A 84 -2.05 10.55 -4.07
C ASN A 84 -3.51 11.01 -4.12
N GLN A 85 -3.72 12.24 -3.65
CA GLN A 85 -5.05 12.82 -3.62
C GLN A 85 -5.53 13.10 -5.05
N ASP A 86 -4.62 12.92 -5.99
CA ASP A 86 -4.94 13.15 -7.40
C ASP A 86 -4.98 11.81 -8.13
N GLY A 87 -4.99 10.75 -7.35
CA GLY A 87 -5.03 9.41 -7.91
C GLY A 87 -3.78 9.12 -8.74
N GLU A 88 -2.72 9.84 -8.42
CA GLU A 88 -1.46 9.67 -9.14
C GLU A 88 -0.54 8.72 -8.36
N THR A 89 -0.20 7.62 -9.02
CA THR A 89 0.69 6.63 -8.40
C THR A 89 1.96 7.30 -7.89
N ILE A 90 1.97 7.57 -6.59
CA ILE A 90 3.11 8.19 -5.96
C ILE A 90 4.21 7.15 -5.75
N LEU A 91 3.80 5.95 -5.38
CA LEU A 91 4.73 4.87 -5.15
C LEU A 91 4.14 3.57 -5.73
N VAL A 92 4.96 2.53 -5.68
CA VAL A 92 4.54 1.23 -6.19
C VAL A 92 5.37 0.14 -5.53
N GLY A 93 4.67 -0.74 -4.81
CA GLY A 93 5.34 -1.84 -4.12
C GLY A 93 5.89 -2.86 -5.12
N LYS A 94 7.18 -3.15 -4.96
CA LYS A 94 7.83 -4.11 -5.83
C LYS A 94 6.98 -5.37 -5.94
N CYS A 95 6.20 -5.62 -4.90
CA CYS A 95 5.34 -6.78 -4.86
C CYS A 95 6.16 -8.01 -5.23
N ALA A 96 6.85 -8.54 -4.22
CA ALA A 96 7.68 -9.71 -4.42
C ALA A 96 6.94 -10.95 -3.92
N ASP A 97 7.66 -12.07 -3.93
CA ASP A 97 7.08 -13.33 -3.48
C ASP A 97 7.06 -13.35 -1.95
N SER A 98 6.42 -12.34 -1.38
CA SER A 98 6.32 -12.23 0.07
C SER A 98 5.38 -11.07 0.44
N ASN A 99 4.52 -11.35 1.41
CA ASN A 99 3.57 -10.35 1.87
C ASN A 99 4.28 -9.01 2.04
N GLU A 100 5.56 -9.09 2.43
CA GLU A 100 6.35 -7.90 2.63
C GLU A 100 6.51 -7.14 1.30
N ILE A 101 6.43 -5.82 1.41
CA ILE A 101 6.55 -4.97 0.25
C ILE A 101 7.27 -3.67 0.63
N THR A 102 8.40 -3.43 -0.02
CA THR A 102 9.18 -2.24 0.26
C THR A 102 9.11 -1.28 -0.93
N LEU A 103 8.03 -0.50 -0.96
CA LEU A 103 7.83 0.45 -2.03
C LEU A 103 9.16 1.12 -2.37
N LYS A 104 9.32 1.46 -3.64
CA LYS A 104 10.54 2.10 -4.11
C LYS A 104 10.18 3.40 -4.82
N SER A 105 9.91 3.29 -6.11
CA SER A 105 9.56 4.45 -6.90
C SER A 105 9.20 4.02 -8.32
N PRO A 106 8.12 4.65 -8.86
CA PRO A 106 7.67 4.34 -10.21
C PRO A 106 8.59 4.96 -11.25
N LEU A 107 8.44 6.27 -11.43
CA LEU A 107 9.26 6.99 -12.38
C LEU A 107 9.87 8.22 -11.70
N ASN A 5 18.20 4.64 6.41
CA ASN A 5 17.87 6.02 6.05
C ASN A 5 17.51 6.08 4.57
N ASP A 6 16.37 5.49 4.23
CA ASP A 6 15.91 5.48 2.85
C ASP A 6 14.40 5.72 2.83
N PRO A 7 13.93 6.27 1.67
CA PRO A 7 12.51 6.55 1.51
C PRO A 7 11.72 5.26 1.26
N LEU A 8 12.44 4.16 1.26
CA LEU A 8 11.82 2.86 1.03
C LEU A 8 10.51 2.79 1.82
N LEU A 9 9.54 2.12 1.21
CA LEU A 9 8.23 1.97 1.83
C LEU A 9 7.91 0.49 1.98
N HIS A 10 8.11 -0.02 3.19
CA HIS A 10 7.85 -1.42 3.47
C HIS A 10 6.44 -1.57 4.05
N VAL A 11 5.70 -2.51 3.49
CA VAL A 11 4.35 -2.77 3.94
C VAL A 11 4.28 -4.14 4.61
N GLU A 12 3.21 -4.35 5.36
CA GLU A 12 3.02 -5.61 6.07
C GLU A 12 1.69 -6.23 5.67
N VAL A 13 1.78 -7.45 5.16
CA VAL A 13 0.59 -8.18 4.73
C VAL A 13 0.23 -9.21 5.80
N SER A 14 -0.89 -8.95 6.47
CA SER A 14 -1.37 -9.83 7.51
C SER A 14 -2.20 -10.96 6.90
N ASN A 15 -3.23 -10.55 6.17
CA ASN A 15 -4.12 -11.51 5.52
C ASN A 15 -4.78 -12.37 6.58
N GLU A 16 -5.72 -11.77 7.29
CA GLU A 16 -6.44 -12.48 8.34
C GLU A 16 -7.59 -13.29 7.75
N ASP A 17 -7.84 -14.44 8.36
CA ASP A 17 -8.91 -15.32 7.90
C ASP A 17 -10.21 -14.53 7.85
N ASN A 18 -10.26 -13.45 8.62
CA ASN A 18 -11.44 -12.61 8.67
C ASN A 18 -11.42 -11.64 7.48
N SER A 19 -10.24 -11.11 7.22
CA SER A 19 -10.07 -10.16 6.13
C SER A 19 -8.58 -9.83 5.95
N LEU A 20 -8.33 -8.90 5.04
CA LEU A 20 -6.96 -8.49 4.76
C LEU A 20 -6.57 -7.37 5.74
N HIS A 21 -5.33 -6.92 5.59
CA HIS A 21 -4.81 -5.86 6.44
C HIS A 21 -3.38 -5.53 6.03
N PHE A 22 -3.23 -4.36 5.43
CA PHE A 22 -1.93 -3.90 4.98
C PHE A 22 -1.45 -2.72 5.82
N ILE A 23 -0.42 -2.98 6.62
CA ILE A 23 0.14 -1.95 7.47
C ILE A 23 1.45 -1.45 6.86
N LEU A 24 1.41 -0.22 6.36
CA LEU A 24 2.57 0.38 5.75
C LEU A 24 3.03 1.58 6.60
N TYR A 25 4.34 1.68 6.77
CA TYR A 25 4.91 2.77 7.55
C TYR A 25 5.88 3.60 6.70
N ASN A 26 5.64 4.90 6.70
CA ASN A 26 6.48 5.81 5.95
C ASN A 26 7.71 6.18 6.78
N LYS A 27 8.78 5.42 6.57
CA LYS A 27 10.01 5.66 7.29
C LYS A 27 10.94 6.53 6.44
N THR A 28 10.34 7.20 5.47
CA THR A 28 11.09 8.07 4.58
C THR A 28 11.41 9.39 5.28
N ASN A 29 11.97 10.32 4.51
CA ASN A 29 12.31 11.62 5.03
C ASN A 29 11.10 12.55 4.95
N ILE A 30 10.63 12.74 3.71
CA ILE A 30 9.49 13.60 3.47
C ILE A 30 8.28 13.07 4.27
N ILE A 31 7.34 13.97 4.51
CA ILE A 31 6.14 13.60 5.25
C ILE A 31 4.98 13.40 4.27
N ILE A 32 4.31 12.28 4.42
CA ILE A 32 3.19 11.95 3.56
C ILE A 32 2.18 13.11 3.58
N PRO A 33 1.69 13.46 2.37
CA PRO A 33 0.73 14.55 2.23
C PRO A 33 -0.66 14.12 2.71
N GLY A 34 -0.88 12.81 2.67
CA GLY A 34 -2.15 12.25 3.10
C GLY A 34 -3.16 12.24 1.95
N ASN A 35 -4.28 11.58 2.20
CA ASN A 35 -5.32 11.48 1.18
C ASN A 35 -4.82 10.65 0.01
N CYS A 36 -4.18 9.53 0.35
CA CYS A 36 -3.64 8.63 -0.67
C CYS A 36 -4.77 7.71 -1.13
N THR A 37 -4.43 6.86 -2.09
CA THR A 37 -5.40 5.91 -2.62
C THR A 37 -4.69 4.69 -3.20
N PHE A 38 -4.66 3.64 -2.40
CA PHE A 38 -4.02 2.39 -2.81
C PHE A 38 -4.57 1.91 -4.16
N GLU A 39 -4.15 0.71 -4.53
CA GLU A 39 -4.60 0.13 -5.78
C GLU A 39 -3.86 -1.19 -6.06
N PHE A 40 -4.57 -2.28 -5.85
CA PHE A 40 -3.99 -3.60 -6.07
C PHE A 40 -4.85 -4.43 -7.01
N SER A 41 -4.29 -5.57 -7.43
CA SER A 41 -5.00 -6.45 -8.34
C SER A 41 -5.59 -7.63 -7.56
N SER A 42 -6.12 -8.58 -8.31
CA SER A 42 -6.73 -9.76 -7.71
C SER A 42 -7.72 -9.34 -6.62
N GLN A 43 -8.76 -8.63 -7.06
CA GLN A 43 -9.78 -8.17 -6.14
C GLN A 43 -11.07 -8.99 -6.31
N ILE A 44 -11.99 -8.78 -5.39
CA ILE A 44 -13.26 -9.49 -5.43
C ILE A 44 -13.78 -9.51 -6.87
N SER A 45 -13.50 -8.42 -7.58
CA SER A 45 -13.93 -8.31 -8.96
C SER A 45 -12.74 -7.97 -9.86
N GLU A 46 -12.12 -6.82 -9.56
CA GLU A 46 -10.97 -6.38 -10.33
C GLU A 46 -10.23 -5.28 -9.57
N VAL A 47 -9.05 -4.95 -10.07
CA VAL A 47 -8.23 -3.92 -9.45
C VAL A 47 -9.13 -2.77 -9.01
N PHE A 48 -8.82 -2.23 -7.84
CA PHE A 48 -9.58 -1.12 -7.29
C PHE A 48 -8.73 -0.28 -6.34
N SER A 49 -9.12 0.98 -6.20
CA SER A 49 -8.41 1.89 -5.34
C SER A 49 -9.23 2.20 -4.09
N ILE A 50 -8.56 2.19 -2.95
CA ILE A 50 -9.22 2.46 -1.68
C ILE A 50 -8.88 3.88 -1.23
N LYS A 51 -9.91 4.59 -0.81
CA LYS A 51 -9.74 5.96 -0.35
C LYS A 51 -9.07 5.95 1.03
N MET A 52 -7.84 6.44 1.06
CA MET A 52 -7.08 6.49 2.29
C MET A 52 -7.26 7.84 2.99
N GLY A 53 -7.48 7.77 4.30
CA GLY A 53 -7.66 8.97 5.08
C GLY A 53 -6.76 10.10 4.60
N PRO A 54 -7.27 11.35 4.73
CA PRO A 54 -6.52 12.52 4.31
C PRO A 54 -5.40 12.84 5.30
N HIS A 55 -5.59 12.39 6.53
CA HIS A 55 -4.61 12.62 7.58
C HIS A 55 -3.24 12.14 7.11
N GLU A 56 -2.22 12.86 7.53
CA GLU A 56 -0.85 12.53 7.16
C GLU A 56 -0.35 11.35 8.01
N ILE A 57 0.55 10.58 7.42
CA ILE A 57 1.11 9.42 8.10
C ILE A 57 2.22 9.88 9.05
N GLY A 58 3.36 10.22 8.46
CA GLY A 58 4.49 10.69 9.23
C GLY A 58 5.72 9.80 9.00
N ILE A 59 6.86 10.31 9.44
CA ILE A 59 8.11 9.57 9.28
C ILE A 59 8.05 8.29 10.13
N LYS A 60 7.33 8.38 11.23
CA LYS A 60 7.19 7.24 12.12
C LYS A 60 5.75 6.73 12.06
N GLY A 61 4.85 7.62 11.66
CA GLY A 61 3.44 7.27 11.55
C GLY A 61 3.25 6.10 10.59
N GLN A 62 2.12 5.42 10.76
CA GLN A 62 1.79 4.28 9.92
C GLN A 62 0.47 4.53 9.18
N LYS A 63 0.04 3.50 8.47
CA LYS A 63 -1.20 3.59 7.71
C LYS A 63 -1.87 2.22 7.67
N GLU A 64 -3.19 2.24 7.51
CA GLU A 64 -3.95 1.01 7.45
C GLU A 64 -4.75 0.94 6.14
N LEU A 65 -4.71 -0.23 5.52
CA LEU A 65 -5.42 -0.45 4.27
C LEU A 65 -6.13 -1.80 4.32
N TRP A 66 -7.02 -1.93 5.29
CA TRP A 66 -7.78 -3.16 5.46
C TRP A 66 -8.78 -3.26 4.30
N PHE A 67 -8.78 -4.43 3.67
CA PHE A 67 -9.68 -4.66 2.55
C PHE A 67 -10.66 -5.80 2.87
N PHE A 68 -11.61 -5.98 1.96
CA PHE A 68 -12.61 -7.03 2.13
C PHE A 68 -13.08 -7.57 0.77
N PRO A 69 -13.38 -8.89 0.75
CA PRO A 69 -13.24 -9.71 1.94
C PRO A 69 -11.77 -10.00 2.25
N SER A 70 -11.05 -10.37 1.20
CA SER A 70 -9.64 -10.68 1.34
C SER A 70 -9.06 -11.12 0.00
N LEU A 71 -7.74 -11.28 -0.03
CA LEU A 71 -7.06 -11.70 -1.23
C LEU A 71 -6.00 -12.74 -0.89
N PRO A 72 -5.56 -13.49 -1.93
CA PRO A 72 -4.55 -14.52 -1.75
C PRO A 72 -3.16 -13.90 -1.56
N THR A 73 -2.37 -14.55 -0.72
CA THR A 73 -1.03 -14.08 -0.44
C THR A 73 -0.01 -15.21 -0.63
N PRO A 74 1.27 -14.81 -0.82
CA PRO A 74 1.62 -13.39 -0.84
C PRO A 74 1.17 -12.73 -2.14
N LEU A 75 1.26 -11.41 -2.15
CA LEU A 75 0.88 -10.65 -3.33
C LEU A 75 2.02 -10.67 -4.34
N SER A 76 2.32 -11.87 -4.83
CA SER A 76 3.38 -12.04 -5.80
C SER A 76 2.86 -11.76 -7.21
N ASN A 77 3.64 -10.97 -7.94
CA ASN A 77 3.26 -10.62 -9.30
C ASN A 77 2.07 -9.66 -9.26
N TYR A 78 1.98 -8.93 -8.16
CA TYR A 78 0.89 -7.98 -7.99
C TYR A 78 1.36 -6.55 -8.28
N THR A 79 0.42 -5.62 -8.21
CA THR A 79 0.72 -4.23 -8.47
C THR A 79 0.64 -3.42 -7.17
N MET A 80 -0.47 -3.60 -6.47
CA MET A 80 -0.69 -2.89 -5.21
C MET A 80 0.10 -1.58 -5.18
N LYS A 81 -0.24 -0.71 -6.11
CA LYS A 81 0.43 0.59 -6.20
C LYS A 81 -0.15 1.52 -5.13
N VAL A 82 0.28 2.78 -5.21
CA VAL A 82 -0.19 3.78 -4.25
C VAL A 82 -0.15 5.16 -4.92
N VAL A 83 -1.30 5.83 -4.90
CA VAL A 83 -1.40 7.15 -5.49
C VAL A 83 -1.66 8.18 -4.38
N ASN A 84 -1.84 9.42 -4.81
CA ASN A 84 -2.09 10.50 -3.86
C ASN A 84 -3.46 11.13 -4.17
N GLN A 85 -3.64 12.33 -3.66
CA GLN A 85 -4.89 13.05 -3.88
C GLN A 85 -4.96 13.59 -5.31
N ASP A 86 -3.89 13.34 -6.05
CA ASP A 86 -3.81 13.78 -7.43
C ASP A 86 -4.09 12.61 -8.35
N GLY A 87 -4.35 11.46 -7.75
CA GLY A 87 -4.63 10.25 -8.50
C GLY A 87 -3.39 9.79 -9.28
N GLU A 88 -2.28 10.45 -9.01
CA GLU A 88 -1.03 10.12 -9.67
C GLU A 88 -0.21 9.14 -8.81
N THR A 89 0.12 8.02 -9.42
CA THR A 89 0.90 7.00 -8.73
C THR A 89 2.20 7.59 -8.21
N ILE A 90 2.31 7.64 -6.89
CA ILE A 90 3.50 8.17 -6.24
C ILE A 90 4.54 7.06 -6.09
N LEU A 91 4.04 5.87 -5.78
CA LEU A 91 4.92 4.73 -5.61
C LEU A 91 4.19 3.46 -6.08
N VAL A 92 4.96 2.40 -6.25
CA VAL A 92 4.41 1.13 -6.70
C VAL A 92 5.24 -0.02 -6.13
N GLY A 93 4.56 -0.91 -5.43
CA GLY A 93 5.23 -2.05 -4.83
C GLY A 93 5.82 -2.97 -5.90
N LYS A 94 7.11 -3.24 -5.76
CA LYS A 94 7.80 -4.09 -6.70
C LYS A 94 7.18 -5.48 -6.68
N CYS A 95 6.61 -5.83 -5.53
CA CYS A 95 5.98 -7.12 -5.36
C CYS A 95 7.05 -8.13 -4.91
N ALA A 96 6.61 -9.36 -4.72
CA ALA A 96 7.51 -10.41 -4.29
C ALA A 96 6.69 -11.60 -3.77
N ASP A 97 7.33 -12.76 -3.78
CA ASP A 97 6.66 -13.97 -3.31
C ASP A 97 6.68 -13.98 -1.78
N SER A 98 6.11 -12.94 -1.20
CA SER A 98 6.06 -12.81 0.25
C SER A 98 5.33 -11.52 0.64
N ASN A 99 5.21 -11.32 1.94
CA ASN A 99 4.56 -10.14 2.46
C ASN A 99 5.52 -8.95 2.40
N GLU A 100 6.77 -9.26 2.10
CA GLU A 100 7.80 -8.23 2.00
C GLU A 100 7.66 -7.48 0.67
N ILE A 101 7.39 -6.19 0.79
CA ILE A 101 7.23 -5.35 -0.38
C ILE A 101 7.76 -3.95 -0.08
N THR A 102 8.70 -3.52 -0.91
CA THR A 102 9.30 -2.20 -0.74
C THR A 102 9.16 -1.38 -2.02
N LEU A 103 8.12 -0.55 -2.05
CA LEU A 103 7.87 0.30 -3.20
C LEU A 103 9.20 0.82 -3.75
N LYS A 104 9.30 0.83 -5.07
CA LYS A 104 10.51 1.31 -5.73
C LYS A 104 10.21 2.64 -6.42
N SER A 105 9.11 2.66 -7.14
CA SER A 105 8.71 3.86 -7.87
C SER A 105 7.80 3.49 -9.03
N PRO A 106 6.95 4.48 -9.43
CA PRO A 106 6.02 4.27 -10.53
C PRO A 106 6.75 4.31 -11.87
N LEU A 107 7.52 5.38 -12.06
CA LEU A 107 8.26 5.56 -13.29
C LEU A 107 9.72 5.89 -12.95
N ASN A 5 17.87 8.59 2.56
CA ASN A 5 17.81 8.59 1.11
C ASN A 5 17.18 7.28 0.63
N ASP A 6 16.27 6.77 1.44
CA ASP A 6 15.58 5.53 1.12
C ASP A 6 14.08 5.75 1.23
N PRO A 7 13.44 6.02 0.05
CA PRO A 7 12.01 6.23 0.01
C PRO A 7 11.24 4.92 0.16
N LEU A 8 12.00 3.84 0.19
CA LEU A 8 11.40 2.52 0.33
C LEU A 8 10.25 2.59 1.33
N LEU A 9 9.18 1.88 0.99
CA LEU A 9 8.01 1.85 1.86
C LEU A 9 7.73 0.42 2.29
N HIS A 10 8.10 0.12 3.53
CA HIS A 10 7.90 -1.21 4.08
C HIS A 10 6.45 -1.35 4.56
N VAL A 11 5.78 -2.36 4.03
CA VAL A 11 4.40 -2.62 4.39
C VAL A 11 4.28 -4.05 4.94
N GLU A 12 3.15 -4.30 5.59
CA GLU A 12 2.90 -5.61 6.17
C GLU A 12 1.60 -6.19 5.62
N VAL A 13 1.68 -7.45 5.22
CA VAL A 13 0.52 -8.14 4.67
C VAL A 13 0.03 -9.18 5.67
N SER A 14 -1.12 -8.89 6.29
CA SER A 14 -1.69 -9.80 7.27
C SER A 14 -2.55 -10.84 6.56
N ASN A 15 -3.58 -10.36 5.89
CA ASN A 15 -4.48 -11.25 5.17
C ASN A 15 -5.07 -12.28 6.14
N GLU A 16 -5.82 -11.77 7.11
CA GLU A 16 -6.44 -12.63 8.10
C GLU A 16 -7.76 -13.18 7.58
N ASP A 17 -8.06 -14.41 7.99
CA ASP A 17 -9.29 -15.05 7.58
C ASP A 17 -10.47 -14.10 7.79
N ASN A 18 -10.29 -13.19 8.72
CA ASN A 18 -11.32 -12.22 9.04
C ASN A 18 -11.35 -11.14 7.95
N SER A 19 -10.17 -10.63 7.63
CA SER A 19 -10.05 -9.60 6.61
C SER A 19 -8.57 -9.33 6.32
N LEU A 20 -8.35 -8.33 5.48
CA LEU A 20 -6.99 -7.95 5.11
C LEU A 20 -6.44 -6.98 6.14
N HIS A 21 -5.21 -6.53 5.90
CA HIS A 21 -4.56 -5.61 6.80
C HIS A 21 -3.20 -5.20 6.23
N PHE A 22 -3.18 -4.01 5.63
CA PHE A 22 -1.96 -3.51 5.04
C PHE A 22 -1.50 -2.22 5.74
N ILE A 23 -0.63 -2.38 6.72
CA ILE A 23 -0.12 -1.23 7.46
C ILE A 23 1.09 -0.66 6.74
N LEU A 24 1.04 0.64 6.50
CA LEU A 24 2.13 1.33 5.81
C LEU A 24 2.85 2.24 6.81
N TYR A 25 4.18 2.21 6.73
CA TYR A 25 4.99 3.03 7.60
C TYR A 25 6.03 3.83 6.81
N ASN A 26 6.03 5.13 7.05
CA ASN A 26 6.96 6.02 6.36
C ASN A 26 8.32 5.98 7.08
N LYS A 27 9.25 5.26 6.48
CA LYS A 27 10.57 5.13 7.05
C LYS A 27 11.56 5.93 6.19
N THR A 28 11.02 6.85 5.42
CA THR A 28 11.83 7.69 4.55
C THR A 28 11.98 9.09 5.15
N ASN A 29 12.45 10.00 4.31
CA ASN A 29 12.64 11.38 4.74
C ASN A 29 11.35 12.17 4.50
N ILE A 30 10.84 12.08 3.29
CA ILE A 30 9.63 12.76 2.93
C ILE A 30 8.53 12.41 3.92
N ILE A 31 7.49 13.24 3.94
CA ILE A 31 6.37 13.02 4.85
C ILE A 31 5.10 12.80 4.02
N ILE A 32 4.60 11.58 4.08
CA ILE A 32 3.40 11.22 3.35
C ILE A 32 2.27 12.20 3.72
N PRO A 33 1.49 12.59 2.68
CA PRO A 33 0.39 13.51 2.90
C PRO A 33 -0.80 12.80 3.57
N GLY A 34 -0.85 11.49 3.38
CA GLY A 34 -1.92 10.70 3.96
C GLY A 34 -3.12 10.62 3.02
N ASN A 35 -3.37 11.72 2.32
CA ASN A 35 -4.47 11.78 1.39
C ASN A 35 -4.11 11.02 0.11
N CYS A 36 -3.78 9.75 0.29
CA CYS A 36 -3.40 8.91 -0.83
C CYS A 36 -4.60 8.02 -1.19
N THR A 37 -4.37 7.13 -2.13
CA THR A 37 -5.42 6.22 -2.58
C THR A 37 -4.81 4.92 -3.12
N PHE A 38 -4.78 3.92 -2.26
CA PHE A 38 -4.24 2.63 -2.63
C PHE A 38 -4.94 2.07 -3.87
N GLU A 39 -4.38 0.99 -4.39
CA GLU A 39 -4.94 0.35 -5.57
C GLU A 39 -4.31 -1.03 -5.77
N PHE A 40 -5.02 -2.05 -5.29
CA PHE A 40 -4.54 -3.40 -5.42
C PHE A 40 -5.57 -4.28 -6.13
N SER A 41 -5.07 -5.13 -7.02
CA SER A 41 -5.92 -6.02 -7.79
C SER A 41 -5.91 -7.42 -7.15
N SER A 42 -6.64 -8.33 -7.80
CA SER A 42 -6.73 -9.69 -7.32
C SER A 42 -6.42 -10.67 -8.46
N GLN A 43 -6.72 -11.93 -8.20
CA GLN A 43 -6.48 -12.97 -9.19
C GLN A 43 -6.88 -12.47 -10.59
N ILE A 44 -8.19 -12.49 -10.83
CA ILE A 44 -8.71 -12.06 -12.10
C ILE A 44 -9.86 -11.08 -11.88
N SER A 45 -9.99 -10.66 -10.63
CA SER A 45 -11.05 -9.72 -10.25
C SER A 45 -10.61 -8.30 -10.58
N GLU A 46 -11.55 -7.37 -10.37
CA GLU A 46 -11.28 -5.96 -10.65
C GLU A 46 -10.42 -5.37 -9.53
N VAL A 47 -10.09 -4.09 -9.70
CA VAL A 47 -9.28 -3.39 -8.72
C VAL A 47 -10.12 -2.31 -8.05
N PHE A 48 -9.65 -1.86 -6.89
CA PHE A 48 -10.35 -0.83 -6.14
C PHE A 48 -9.37 0.09 -5.42
N SER A 49 -9.82 1.30 -5.15
CA SER A 49 -8.99 2.28 -4.47
C SER A 49 -9.62 2.65 -3.12
N ILE A 50 -8.80 2.59 -2.08
CA ILE A 50 -9.24 2.92 -0.75
C ILE A 50 -8.87 4.36 -0.41
N LYS A 51 -9.88 5.13 -0.04
CA LYS A 51 -9.66 6.52 0.31
C LYS A 51 -8.88 6.60 1.63
N MET A 52 -7.59 6.83 1.50
CA MET A 52 -6.73 6.93 2.67
C MET A 52 -6.98 8.24 3.42
N GLY A 53 -7.06 8.12 4.74
CA GLY A 53 -7.29 9.28 5.58
C GLY A 53 -6.36 10.43 5.20
N PRO A 54 -6.81 11.67 5.52
CA PRO A 54 -6.04 12.86 5.22
C PRO A 54 -4.86 13.01 6.19
N HIS A 55 -5.07 12.52 7.39
CA HIS A 55 -4.04 12.59 8.42
C HIS A 55 -2.72 12.07 7.84
N GLU A 56 -1.74 12.97 7.79
CA GLU A 56 -0.43 12.62 7.27
C GLU A 56 0.21 11.53 8.15
N ILE A 57 1.06 10.73 7.52
CA ILE A 57 1.74 9.65 8.22
C ILE A 57 2.90 10.24 9.02
N GLY A 58 4.06 10.33 8.36
CA GLY A 58 5.25 10.85 8.99
C GLY A 58 6.05 9.75 9.69
N ILE A 59 6.91 10.17 10.59
CA ILE A 59 7.74 9.23 11.33
C ILE A 59 6.89 8.57 12.43
N LYS A 60 6.87 7.25 12.40
CA LYS A 60 6.11 6.50 13.37
C LYS A 60 4.61 6.73 13.14
N GLY A 61 4.32 7.41 12.05
CA GLY A 61 2.94 7.70 11.69
C GLY A 61 2.36 6.61 10.79
N GLN A 62 2.47 5.38 11.25
CA GLN A 62 1.97 4.25 10.48
C GLN A 62 0.60 4.58 9.88
N LYS A 63 0.19 3.75 8.93
CA LYS A 63 -1.08 3.94 8.26
C LYS A 63 -1.85 2.62 8.23
N GLU A 64 -3.17 2.74 8.25
CA GLU A 64 -4.02 1.56 8.23
C GLU A 64 -4.83 1.52 6.92
N LEU A 65 -4.53 0.50 6.12
CA LEU A 65 -5.23 0.34 4.85
C LEU A 65 -6.05 -0.96 4.89
N TRP A 66 -6.80 -1.11 5.96
CA TRP A 66 -7.64 -2.28 6.13
C TRP A 66 -8.60 -2.35 4.95
N PHE A 67 -8.85 -3.57 4.49
CA PHE A 67 -9.76 -3.78 3.37
C PHE A 67 -10.62 -5.02 3.60
N PHE A 68 -11.65 -5.13 2.79
CA PHE A 68 -12.57 -6.26 2.89
C PHE A 68 -13.11 -6.65 1.51
N PRO A 69 -13.57 -7.93 1.42
CA PRO A 69 -13.55 -8.81 2.57
C PRO A 69 -12.12 -9.31 2.85
N SER A 70 -11.46 -9.72 1.78
CA SER A 70 -10.10 -10.23 1.88
C SER A 70 -9.54 -10.56 0.50
N LEU A 71 -8.23 -10.71 0.44
CA LEU A 71 -7.57 -11.03 -0.81
C LEU A 71 -6.51 -12.10 -0.56
N PRO A 72 -6.14 -12.81 -1.67
CA PRO A 72 -5.14 -13.86 -1.58
C PRO A 72 -3.73 -13.27 -1.44
N THR A 73 -2.89 -14.00 -0.74
CA THR A 73 -1.52 -13.56 -0.52
C THR A 73 -0.56 -14.74 -0.69
N PRO A 74 0.74 -14.39 -0.94
CA PRO A 74 1.13 -13.00 -1.05
C PRO A 74 0.67 -12.39 -2.37
N LEU A 75 0.81 -11.08 -2.47
CA LEU A 75 0.41 -10.37 -3.68
C LEU A 75 1.60 -10.29 -4.63
N SER A 76 2.14 -11.46 -4.96
CA SER A 76 3.28 -11.53 -5.86
C SER A 76 2.84 -11.23 -7.29
N ASN A 77 3.37 -10.14 -7.82
CA ASN A 77 3.04 -9.74 -9.18
C ASN A 77 1.69 -9.02 -9.18
N TYR A 78 1.49 -8.21 -8.16
CA TYR A 78 0.25 -7.47 -8.02
C TYR A 78 0.50 -5.96 -8.10
N THR A 79 -0.44 -5.27 -8.71
CA THR A 79 -0.33 -3.82 -8.86
C THR A 79 -0.13 -3.16 -7.50
N MET A 80 -1.12 -3.34 -6.63
CA MET A 80 -1.07 -2.77 -5.30
C MET A 80 -0.21 -1.50 -5.28
N LYS A 81 -0.53 -0.60 -6.21
CA LYS A 81 0.20 0.65 -6.31
C LYS A 81 -0.36 1.65 -5.29
N VAL A 82 0.22 2.83 -5.30
CA VAL A 82 -0.20 3.87 -4.37
C VAL A 82 -0.16 5.23 -5.09
N VAL A 83 -1.25 5.97 -4.97
CA VAL A 83 -1.34 7.27 -5.60
C VAL A 83 -1.40 8.35 -4.51
N ASN A 84 -1.34 9.60 -4.96
CA ASN A 84 -1.39 10.73 -4.04
C ASN A 84 -2.74 11.45 -4.18
N GLN A 85 -2.81 12.61 -3.57
CA GLN A 85 -4.04 13.41 -3.63
C GLN A 85 -4.31 13.86 -5.06
N ASP A 86 -3.33 13.61 -5.92
CA ASP A 86 -3.46 13.99 -7.32
C ASP A 86 -4.12 12.85 -8.09
N GLY A 87 -4.22 11.71 -7.44
CA GLY A 87 -4.83 10.54 -8.06
C GLY A 87 -3.85 9.83 -8.99
N GLU A 88 -2.69 10.46 -9.17
CA GLU A 88 -1.66 9.90 -10.03
C GLU A 88 -0.72 9.00 -9.23
N THR A 89 -0.29 7.93 -9.87
CA THR A 89 0.61 6.99 -9.23
C THR A 89 1.90 7.69 -8.78
N ILE A 90 2.25 7.45 -7.52
CA ILE A 90 3.45 8.05 -6.97
C ILE A 90 4.49 6.96 -6.69
N LEU A 91 3.99 5.81 -6.24
CA LEU A 91 4.86 4.69 -5.94
C LEU A 91 4.18 3.40 -6.42
N VAL A 92 4.97 2.33 -6.42
CA VAL A 92 4.47 1.04 -6.84
C VAL A 92 5.26 -0.07 -6.12
N GLY A 93 4.51 -0.97 -5.50
CA GLY A 93 5.12 -2.07 -4.78
C GLY A 93 5.62 -3.15 -5.74
N LYS A 94 6.70 -3.81 -5.34
CA LYS A 94 7.28 -4.85 -6.16
C LYS A 94 6.64 -6.19 -5.79
N CYS A 95 6.33 -6.34 -4.52
CA CYS A 95 5.72 -7.57 -4.03
C CYS A 95 6.39 -8.76 -4.72
N ALA A 96 7.48 -9.20 -4.11
CA ALA A 96 8.23 -10.33 -4.65
C ALA A 96 7.94 -11.58 -3.82
N ASP A 97 6.74 -12.11 -4.02
CA ASP A 97 6.33 -13.30 -3.29
C ASP A 97 6.78 -13.19 -1.83
N SER A 98 6.40 -12.09 -1.22
CA SER A 98 6.77 -11.84 0.17
C SER A 98 5.83 -10.79 0.78
N ASN A 99 5.19 -11.18 1.87
CA ASN A 99 4.27 -10.28 2.55
C ASN A 99 4.87 -8.88 2.59
N GLU A 100 6.19 -8.84 2.69
CA GLU A 100 6.90 -7.56 2.73
C GLU A 100 6.88 -6.90 1.36
N ILE A 101 6.84 -5.57 1.38
CA ILE A 101 6.82 -4.81 0.14
C ILE A 101 7.57 -3.49 0.35
N THR A 102 8.36 -3.13 -0.66
CA THR A 102 9.13 -1.90 -0.61
C THR A 102 8.96 -1.11 -1.90
N LEU A 103 7.90 -0.32 -1.93
CA LEU A 103 7.60 0.50 -3.10
C LEU A 103 8.92 1.08 -3.65
N LYS A 104 9.09 0.91 -4.95
CA LYS A 104 10.30 1.40 -5.61
C LYS A 104 9.99 2.76 -6.26
N SER A 105 9.26 2.70 -7.36
CA SER A 105 8.89 3.91 -8.07
C SER A 105 8.50 3.56 -9.51
N PRO A 106 7.53 4.35 -10.05
CA PRO A 106 7.06 4.14 -11.41
C PRO A 106 8.08 4.64 -12.43
N LEU A 107 8.40 5.92 -12.33
CA LEU A 107 9.37 6.53 -13.23
C LEU A 107 10.41 7.30 -12.41
N ASN A 5 16.03 3.64 7.01
CA ASN A 5 16.92 4.35 6.11
C ASN A 5 16.26 4.45 4.73
N ASP A 6 16.71 5.44 3.97
CA ASP A 6 16.18 5.65 2.63
C ASP A 6 14.68 5.94 2.72
N PRO A 7 14.15 6.57 1.64
CA PRO A 7 12.73 6.89 1.58
C PRO A 7 11.89 5.65 1.33
N LEU A 8 12.58 4.54 1.14
CA LEU A 8 11.90 3.27 0.89
C LEU A 8 10.66 3.17 1.78
N LEU A 9 9.62 2.58 1.23
CA LEU A 9 8.37 2.42 1.97
C LEU A 9 8.02 0.93 2.03
N HIS A 10 8.26 0.36 3.21
CA HIS A 10 7.98 -1.05 3.42
C HIS A 10 6.50 -1.23 3.78
N VAL A 11 6.06 -2.47 3.74
CA VAL A 11 4.68 -2.79 4.06
C VAL A 11 4.60 -4.22 4.59
N GLU A 12 3.46 -4.54 5.19
CA GLU A 12 3.24 -5.86 5.74
C GLU A 12 1.86 -6.39 5.34
N VAL A 13 1.84 -7.65 4.91
CA VAL A 13 0.60 -8.28 4.50
C VAL A 13 0.33 -9.49 5.40
N SER A 14 -0.58 -9.30 6.34
CA SER A 14 -0.94 -10.36 7.27
C SER A 14 -1.57 -11.53 6.50
N ASN A 15 -2.60 -11.19 5.73
CA ASN A 15 -3.31 -12.20 4.95
C ASN A 15 -3.88 -13.27 5.89
N GLU A 16 -4.98 -12.91 6.53
CA GLU A 16 -5.63 -13.82 7.46
C GLU A 16 -7.04 -14.15 6.96
N ASP A 17 -7.50 -15.34 7.34
CA ASP A 17 -8.83 -15.79 6.95
C ASP A 17 -9.81 -14.62 7.08
N ASN A 18 -9.74 -13.96 8.22
CA ASN A 18 -10.62 -12.83 8.48
C ASN A 18 -10.65 -11.91 7.26
N SER A 19 -9.49 -11.33 6.96
CA SER A 19 -9.37 -10.44 5.83
C SER A 19 -7.90 -10.05 5.62
N LEU A 20 -7.68 -9.15 4.68
CA LEU A 20 -6.34 -8.69 4.37
C LEU A 20 -5.98 -7.52 5.30
N HIS A 21 -4.69 -7.39 5.57
CA HIS A 21 -4.22 -6.33 6.44
C HIS A 21 -2.94 -5.73 5.85
N PHE A 22 -3.08 -4.51 5.33
CA PHE A 22 -1.96 -3.81 4.73
C PHE A 22 -1.56 -2.59 5.58
N ILE A 23 -0.47 -2.75 6.30
CA ILE A 23 0.03 -1.68 7.15
C ILE A 23 1.26 -1.04 6.49
N LEU A 24 1.08 0.20 6.05
CA LEU A 24 2.16 0.92 5.41
C LEU A 24 2.81 1.86 6.43
N TYR A 25 4.14 1.76 6.50
CA TYR A 25 4.90 2.59 7.42
C TYR A 25 5.85 3.52 6.67
N ASN A 26 5.48 4.79 6.64
CA ASN A 26 6.29 5.79 5.96
C ASN A 26 7.57 6.03 6.75
N LYS A 27 8.55 5.18 6.48
CA LYS A 27 9.84 5.28 7.15
C LYS A 27 10.77 6.19 6.34
N THR A 28 10.27 7.38 6.06
CA THR A 28 11.04 8.35 5.30
C THR A 28 11.15 9.66 6.06
N ASN A 29 12.05 10.51 5.59
CA ASN A 29 12.26 11.80 6.21
C ASN A 29 11.12 12.75 5.84
N ILE A 30 10.84 12.81 4.54
CA ILE A 30 9.78 13.66 4.04
C ILE A 30 8.49 13.37 4.82
N ILE A 31 7.44 14.08 4.45
CA ILE A 31 6.15 13.92 5.10
C ILE A 31 5.09 13.55 4.04
N ILE A 32 4.39 12.46 4.31
CA ILE A 32 3.36 11.99 3.40
C ILE A 32 2.33 13.11 3.20
N PRO A 33 1.93 13.29 1.91
CA PRO A 33 0.96 14.31 1.57
C PRO A 33 -0.45 13.89 1.99
N GLY A 34 -0.64 12.57 2.09
CA GLY A 34 -1.92 12.02 2.47
C GLY A 34 -2.90 12.04 1.29
N ASN A 35 -4.18 11.89 1.61
CA ASN A 35 -5.21 11.88 0.60
C ASN A 35 -4.81 10.93 -0.53
N CYS A 36 -4.12 9.86 -0.15
CA CYS A 36 -3.67 8.88 -1.11
C CYS A 36 -4.81 7.88 -1.34
N THR A 37 -4.59 6.98 -2.29
CA THR A 37 -5.59 5.97 -2.62
C THR A 37 -4.91 4.72 -3.18
N PHE A 38 -4.73 3.73 -2.32
CA PHE A 38 -4.11 2.49 -2.72
C PHE A 38 -4.79 1.91 -3.96
N GLU A 39 -4.28 0.76 -4.40
CA GLU A 39 -4.82 0.09 -5.56
C GLU A 39 -4.14 -1.26 -5.77
N PHE A 40 -4.82 -2.30 -5.35
CA PHE A 40 -4.29 -3.65 -5.49
C PHE A 40 -5.14 -4.49 -6.44
N SER A 41 -4.50 -5.46 -7.07
CA SER A 41 -5.19 -6.33 -8.01
C SER A 41 -5.80 -7.51 -7.26
N SER A 42 -6.47 -8.37 -8.02
CA SER A 42 -7.10 -9.54 -7.45
C SER A 42 -8.14 -9.12 -6.39
N GLN A 43 -9.23 -8.55 -6.88
CA GLN A 43 -10.29 -8.10 -6.00
C GLN A 43 -11.55 -8.94 -6.21
N ILE A 44 -12.51 -8.75 -5.31
CA ILE A 44 -13.76 -9.48 -5.38
C ILE A 44 -14.42 -9.21 -6.74
N SER A 45 -14.14 -8.03 -7.28
CA SER A 45 -14.70 -7.65 -8.57
C SER A 45 -13.58 -7.35 -9.56
N GLU A 46 -12.80 -6.33 -9.24
CA GLU A 46 -11.69 -5.93 -10.08
C GLU A 46 -10.79 -4.92 -9.36
N VAL A 47 -9.63 -4.68 -9.94
CA VAL A 47 -8.68 -3.74 -9.38
C VAL A 47 -9.44 -2.52 -8.84
N PHE A 48 -9.31 -2.29 -7.54
CA PHE A 48 -9.97 -1.17 -6.90
C PHE A 48 -8.99 -0.36 -6.06
N SER A 49 -9.40 0.86 -5.74
CA SER A 49 -8.56 1.75 -4.95
C SER A 49 -9.29 2.14 -3.66
N ILE A 50 -8.60 1.96 -2.54
CA ILE A 50 -9.18 2.29 -1.25
C ILE A 50 -8.77 3.72 -0.87
N LYS A 51 -9.76 4.50 -0.47
CA LYS A 51 -9.52 5.88 -0.08
C LYS A 51 -8.81 5.90 1.27
N MET A 52 -7.55 6.36 1.24
CA MET A 52 -6.76 6.44 2.44
C MET A 52 -7.12 7.68 3.26
N GLY A 53 -6.72 7.65 4.53
CA GLY A 53 -6.99 8.76 5.42
C GLY A 53 -6.23 10.01 4.99
N PRO A 54 -6.77 11.19 5.39
CA PRO A 54 -6.15 12.46 5.06
C PRO A 54 -4.91 12.71 5.92
N HIS A 55 -4.98 12.22 7.15
CA HIS A 55 -3.87 12.38 8.09
C HIS A 55 -2.56 12.04 7.39
N GLU A 56 -1.51 12.76 7.76
CA GLU A 56 -0.20 12.54 7.18
C GLU A 56 0.63 11.62 8.07
N ILE A 57 1.14 10.56 7.46
CA ILE A 57 1.95 9.59 8.19
C ILE A 57 3.22 10.27 8.68
N GLY A 58 4.17 10.44 7.76
CA GLY A 58 5.43 11.08 8.09
C GLY A 58 6.37 10.09 8.77
N ILE A 59 7.31 10.65 9.53
CA ILE A 59 8.28 9.84 10.24
C ILE A 59 7.56 9.09 11.37
N LYS A 60 8.17 7.98 11.79
CA LYS A 60 7.60 7.17 12.84
C LYS A 60 6.08 7.10 12.68
N GLY A 61 5.65 7.18 11.43
CA GLY A 61 4.23 7.13 11.13
C GLY A 61 3.86 5.80 10.46
N GLN A 62 2.61 5.41 10.64
CA GLN A 62 2.12 4.17 10.06
C GLN A 62 0.86 4.43 9.23
N LYS A 63 0.33 3.36 8.67
CA LYS A 63 -0.87 3.46 7.85
C LYS A 63 -1.64 2.14 7.91
N GLU A 64 -2.95 2.24 7.78
CA GLU A 64 -3.80 1.07 7.81
C GLU A 64 -4.57 0.93 6.51
N LEU A 65 -4.52 -0.27 5.95
CA LEU A 65 -5.21 -0.54 4.69
C LEU A 65 -5.85 -1.94 4.77
N TRP A 66 -6.77 -2.07 5.71
CA TRP A 66 -7.46 -3.34 5.90
C TRP A 66 -8.48 -3.49 4.77
N PHE A 67 -8.24 -4.46 3.91
CA PHE A 67 -9.14 -4.71 2.80
C PHE A 67 -10.04 -5.91 3.07
N PHE A 68 -10.98 -6.13 2.16
CA PHE A 68 -11.92 -7.24 2.30
C PHE A 68 -12.52 -7.61 0.95
N PRO A 69 -13.04 -8.87 0.88
CA PRO A 69 -12.99 -9.76 2.03
C PRO A 69 -11.58 -10.32 2.23
N SER A 70 -10.92 -10.58 1.11
CA SER A 70 -9.56 -11.10 1.16
C SER A 70 -9.15 -11.59 -0.23
N LEU A 71 -7.85 -11.53 -0.48
CA LEU A 71 -7.31 -11.95 -1.76
C LEU A 71 -6.25 -13.03 -1.53
N PRO A 72 -5.78 -13.63 -2.65
CA PRO A 72 -4.76 -14.66 -2.58
C PRO A 72 -3.38 -14.07 -2.28
N THR A 73 -2.59 -14.84 -1.57
CA THR A 73 -1.25 -14.41 -1.19
C THR A 73 -0.24 -15.52 -1.48
N PRO A 74 1.06 -15.10 -1.59
CA PRO A 74 1.40 -13.69 -1.46
C PRO A 74 1.00 -12.91 -2.71
N LEU A 75 1.11 -11.58 -2.60
CA LEU A 75 0.76 -10.71 -3.69
C LEU A 75 1.99 -10.50 -4.58
N SER A 76 2.45 -11.60 -5.15
CA SER A 76 3.62 -11.54 -6.03
C SER A 76 3.19 -11.25 -7.46
N ASN A 77 3.94 -10.36 -8.10
CA ASN A 77 3.64 -9.97 -9.47
C ASN A 77 2.44 -9.03 -9.49
N TYR A 78 2.01 -8.64 -8.29
CA TYR A 78 0.88 -7.74 -8.15
C TYR A 78 1.30 -6.29 -8.38
N THR A 79 0.33 -5.40 -8.30
CA THR A 79 0.59 -3.98 -8.50
C THR A 79 0.56 -3.24 -7.16
N MET A 80 -0.54 -3.44 -6.44
CA MET A 80 -0.70 -2.79 -5.14
C MET A 80 0.09 -1.49 -5.08
N LYS A 81 -0.24 -0.59 -6.00
CA LYS A 81 0.43 0.70 -6.05
C LYS A 81 -0.30 1.69 -5.14
N VAL A 82 0.06 2.95 -5.29
CA VAL A 82 -0.55 4.00 -4.50
C VAL A 82 -0.58 5.30 -5.31
N VAL A 83 -1.70 5.99 -5.22
CA VAL A 83 -1.86 7.25 -5.93
C VAL A 83 -1.82 8.41 -4.93
N ASN A 84 -1.94 9.61 -5.47
CA ASN A 84 -1.92 10.80 -4.64
C ASN A 84 -3.32 11.45 -4.66
N GLN A 85 -3.39 12.64 -4.07
CA GLN A 85 -4.64 13.36 -4.01
C GLN A 85 -5.04 13.85 -5.40
N ASP A 86 -4.16 13.59 -6.36
CA ASP A 86 -4.40 14.01 -7.73
C ASP A 86 -4.91 12.80 -8.53
N GLY A 87 -4.91 11.65 -7.87
CA GLY A 87 -5.36 10.42 -8.51
C GLY A 87 -4.36 9.96 -9.58
N GLU A 88 -3.14 9.72 -9.13
CA GLU A 88 -2.08 9.29 -10.04
C GLU A 88 -1.01 8.51 -9.27
N THR A 89 -0.84 7.26 -9.65
CA THR A 89 0.14 6.41 -9.01
C THR A 89 1.48 7.15 -8.85
N ILE A 90 1.94 7.22 -7.62
CA ILE A 90 3.19 7.89 -7.32
C ILE A 90 4.28 6.85 -7.03
N LEU A 91 3.88 5.80 -6.33
CA LEU A 91 4.80 4.73 -6.00
C LEU A 91 4.17 3.38 -6.36
N VAL A 92 5.00 2.36 -6.34
CA VAL A 92 4.54 1.01 -6.67
C VAL A 92 5.41 -0.01 -5.93
N GLY A 93 4.74 -0.96 -5.29
CA GLY A 93 5.43 -2.00 -4.55
C GLY A 93 5.83 -3.15 -5.46
N LYS A 94 7.13 -3.42 -5.50
CA LYS A 94 7.65 -4.49 -6.32
C LYS A 94 6.76 -5.73 -6.17
N CYS A 95 6.12 -5.82 -5.02
CA CYS A 95 5.24 -6.95 -4.74
C CYS A 95 6.00 -8.24 -5.04
N ALA A 96 7.07 -8.44 -4.29
CA ALA A 96 7.89 -9.64 -4.46
C ALA A 96 7.11 -10.86 -3.98
N ASP A 97 7.76 -12.02 -4.08
CA ASP A 97 7.14 -13.26 -3.66
C ASP A 97 7.17 -13.35 -2.13
N SER A 98 6.48 -12.40 -1.50
CA SER A 98 6.42 -12.37 -0.06
C SER A 98 5.45 -11.27 0.40
N ASN A 99 4.77 -11.54 1.51
CA ASN A 99 3.82 -10.59 2.05
C ASN A 99 4.50 -9.23 2.22
N GLU A 100 5.82 -9.27 2.28
CA GLU A 100 6.60 -8.05 2.44
C GLU A 100 6.64 -7.28 1.13
N ILE A 101 6.60 -5.96 1.23
CA ILE A 101 6.64 -5.09 0.07
C ILE A 101 7.36 -3.80 0.42
N THR A 102 8.18 -3.34 -0.51
CA THR A 102 8.94 -2.12 -0.32
C THR A 102 8.83 -1.21 -1.56
N LEU A 103 7.88 -0.30 -1.50
CA LEU A 103 7.67 0.62 -2.61
C LEU A 103 9.01 1.21 -3.05
N LYS A 104 9.23 1.21 -4.35
CA LYS A 104 10.47 1.73 -4.90
C LYS A 104 10.14 2.92 -5.81
N SER A 105 9.36 2.64 -6.84
CA SER A 105 8.97 3.67 -7.79
C SER A 105 8.53 3.03 -9.11
N PRO A 106 7.60 3.73 -9.81
CA PRO A 106 7.08 3.25 -11.08
C PRO A 106 8.12 3.43 -12.20
N LEU A 107 8.55 4.67 -12.36
CA LEU A 107 9.54 4.98 -13.38
C LEU A 107 10.85 5.41 -12.71
N ASN A 5 15.67 2.64 8.58
CA ASN A 5 15.84 4.05 8.33
C ASN A 5 16.22 4.27 6.86
N ASP A 6 15.36 3.78 5.98
CA ASP A 6 15.59 3.91 4.55
C ASP A 6 14.41 4.64 3.91
N PRO A 7 14.68 5.23 2.71
CA PRO A 7 13.66 5.95 1.99
C PRO A 7 12.67 5.00 1.32
N LEU A 8 12.93 3.70 1.50
CA LEU A 8 12.09 2.69 0.93
C LEU A 8 10.76 2.64 1.69
N LEU A 9 9.74 2.10 1.02
CA LEU A 9 8.43 1.99 1.62
C LEU A 9 8.09 0.52 1.82
N HIS A 10 8.29 0.05 3.05
CA HIS A 10 8.00 -1.33 3.39
C HIS A 10 6.62 -1.42 4.03
N VAL A 11 5.83 -2.36 3.51
CA VAL A 11 4.48 -2.56 4.02
C VAL A 11 4.38 -3.96 4.62
N GLU A 12 3.26 -4.20 5.30
CA GLU A 12 3.03 -5.49 5.93
C GLU A 12 1.60 -5.98 5.62
N VAL A 13 1.54 -7.15 5.02
CA VAL A 13 0.25 -7.74 4.67
C VAL A 13 -0.08 -8.86 5.66
N SER A 14 -1.10 -8.60 6.47
CA SER A 14 -1.53 -9.56 7.47
C SER A 14 -2.30 -10.70 6.80
N ASN A 15 -3.44 -10.35 6.24
CA ASN A 15 -4.29 -11.33 5.55
C ASN A 15 -4.84 -12.32 6.58
N GLU A 16 -5.70 -11.80 7.45
CA GLU A 16 -6.30 -12.61 8.49
C GLU A 16 -7.60 -13.25 7.96
N ASP A 17 -8.11 -14.20 8.75
CA ASP A 17 -9.33 -14.88 8.38
C ASP A 17 -10.52 -13.94 8.58
N ASN A 18 -10.26 -12.87 9.31
CA ASN A 18 -11.30 -11.88 9.59
C ASN A 18 -11.34 -10.85 8.45
N SER A 19 -10.15 -10.40 8.06
CA SER A 19 -10.04 -9.42 6.99
C SER A 19 -8.57 -9.16 6.68
N LEU A 20 -8.35 -8.23 5.76
CA LEU A 20 -7.00 -7.88 5.36
C LEU A 20 -6.51 -6.73 6.24
N HIS A 21 -5.24 -6.38 6.05
CA HIS A 21 -4.63 -5.31 6.82
C HIS A 21 -3.25 -5.00 6.26
N PHE A 22 -3.16 -3.89 5.53
CA PHE A 22 -1.90 -3.47 4.95
C PHE A 22 -1.33 -2.26 5.69
N ILE A 23 -0.49 -2.56 6.68
CA ILE A 23 0.14 -1.51 7.46
C ILE A 23 1.45 -1.09 6.80
N LEU A 24 1.43 0.11 6.26
CA LEU A 24 2.62 0.64 5.59
C LEU A 24 3.20 1.78 6.42
N TYR A 25 4.50 1.70 6.66
CA TYR A 25 5.19 2.72 7.43
C TYR A 25 6.20 3.47 6.57
N ASN A 26 6.22 4.78 6.74
CA ASN A 26 7.14 5.63 5.99
C ASN A 26 8.52 5.57 6.63
N LYS A 27 9.48 5.09 5.85
CA LYS A 27 10.85 4.98 6.33
C LYS A 27 11.66 6.18 5.85
N THR A 28 11.06 6.92 4.92
CA THR A 28 11.70 8.09 4.36
C THR A 28 11.74 9.21 5.39
N ASN A 29 12.40 10.31 5.01
CA ASN A 29 12.52 11.46 5.88
C ASN A 29 11.32 12.38 5.67
N ILE A 30 10.98 12.56 4.40
CA ILE A 30 9.87 13.43 4.04
C ILE A 30 8.62 12.97 4.80
N ILE A 31 7.55 13.74 4.63
CA ILE A 31 6.30 13.43 5.29
C ILE A 31 5.21 13.17 4.25
N ILE A 32 4.46 12.11 4.47
CA ILE A 32 3.39 11.75 3.55
C ILE A 32 2.41 12.92 3.43
N PRO A 33 1.96 13.15 2.17
CA PRO A 33 1.02 14.23 1.90
C PRO A 33 -0.39 13.87 2.38
N GLY A 34 -0.68 12.57 2.34
CA GLY A 34 -1.98 12.09 2.76
C GLY A 34 -2.99 12.14 1.61
N ASN A 35 -4.27 12.13 1.98
CA ASN A 35 -5.33 12.18 0.99
C ASN A 35 -4.96 11.30 -0.20
N CYS A 36 -4.23 10.22 0.10
CA CYS A 36 -3.80 9.30 -0.94
C CYS A 36 -4.89 8.24 -1.11
N THR A 37 -4.60 7.28 -1.99
CA THR A 37 -5.54 6.21 -2.24
C THR A 37 -4.81 4.99 -2.81
N PHE A 38 -4.93 3.88 -2.09
CA PHE A 38 -4.28 2.64 -2.49
C PHE A 38 -4.89 2.12 -3.80
N GLU A 39 -4.28 1.07 -4.31
CA GLU A 39 -4.75 0.46 -5.55
C GLU A 39 -4.30 -1.00 -5.64
N PHE A 40 -5.03 -1.85 -4.93
CA PHE A 40 -4.72 -3.27 -4.90
C PHE A 40 -5.79 -4.07 -5.65
N SER A 41 -5.35 -5.19 -6.21
CA SER A 41 -6.27 -6.06 -6.94
C SER A 41 -6.30 -7.46 -6.30
N SER A 42 -7.05 -8.34 -6.93
CA SER A 42 -7.17 -9.70 -6.44
C SER A 42 -6.49 -10.67 -7.41
N GLN A 43 -6.84 -10.55 -8.67
CA GLN A 43 -6.27 -11.39 -9.70
C GLN A 43 -7.03 -11.23 -11.02
N ILE A 44 -6.34 -10.65 -11.99
CA ILE A 44 -6.94 -10.43 -13.30
C ILE A 44 -8.39 -9.97 -13.12
N SER A 45 -8.63 -9.29 -12.00
CA SER A 45 -9.96 -8.80 -11.71
C SER A 45 -9.94 -7.27 -11.60
N GLU A 46 -11.07 -6.72 -11.20
CA GLU A 46 -11.20 -5.28 -11.06
C GLU A 46 -10.46 -4.80 -9.81
N VAL A 47 -9.72 -3.71 -9.99
CA VAL A 47 -8.96 -3.15 -8.89
C VAL A 47 -9.87 -2.21 -8.07
N PHE A 48 -9.54 -2.10 -6.79
CA PHE A 48 -10.31 -1.24 -5.91
C PHE A 48 -9.42 -0.18 -5.25
N SER A 49 -9.89 1.04 -5.30
CA SER A 49 -9.14 2.16 -4.71
C SER A 49 -9.74 2.54 -3.36
N ILE A 50 -8.93 2.38 -2.33
CA ILE A 50 -9.37 2.70 -0.97
C ILE A 50 -8.85 4.08 -0.60
N LYS A 51 -9.78 4.93 -0.18
CA LYS A 51 -9.43 6.29 0.21
C LYS A 51 -8.60 6.24 1.50
N MET A 52 -7.38 6.73 1.39
CA MET A 52 -6.48 6.75 2.52
C MET A 52 -6.75 7.96 3.42
N GLY A 53 -6.44 7.79 4.70
CA GLY A 53 -6.65 8.85 5.67
C GLY A 53 -6.17 10.20 5.11
N PRO A 54 -6.89 11.28 5.50
CA PRO A 54 -6.54 12.62 5.06
C PRO A 54 -5.31 13.14 5.80
N HIS A 55 -5.11 12.61 7.00
CA HIS A 55 -3.98 13.01 7.81
C HIS A 55 -2.68 12.53 7.15
N GLU A 56 -1.57 12.86 7.81
CA GLU A 56 -0.27 12.48 7.29
C GLU A 56 0.40 11.48 8.24
N ILE A 57 0.89 10.39 7.64
CA ILE A 57 1.54 9.35 8.43
C ILE A 57 2.49 10.00 9.44
N GLY A 58 3.48 10.70 8.91
CA GLY A 58 4.46 11.37 9.75
C GLY A 58 5.83 10.71 9.62
N ILE A 59 6.71 11.05 10.56
CA ILE A 59 8.05 10.49 10.57
C ILE A 59 7.97 8.99 10.77
N LYS A 60 7.86 8.59 12.03
CA LYS A 60 7.79 7.18 12.37
C LYS A 60 6.31 6.74 12.36
N GLY A 61 5.48 7.59 11.77
CA GLY A 61 4.06 7.30 11.70
C GLY A 61 3.80 6.03 10.88
N GLN A 62 2.52 5.68 10.79
CA GLN A 62 2.13 4.50 10.04
C GLN A 62 0.83 4.76 9.28
N LYS A 63 0.42 3.76 8.50
CA LYS A 63 -0.80 3.87 7.72
C LYS A 63 -1.55 2.54 7.79
N GLU A 64 -2.88 2.65 7.77
CA GLU A 64 -3.73 1.48 7.83
C GLU A 64 -4.55 1.36 6.55
N LEU A 65 -4.49 0.19 5.95
CA LEU A 65 -5.22 -0.07 4.72
C LEU A 65 -5.99 -1.40 4.84
N TRP A 66 -6.82 -1.47 5.87
CA TRP A 66 -7.60 -2.67 6.12
C TRP A 66 -8.67 -2.76 5.03
N PHE A 67 -8.66 -3.89 4.32
CA PHE A 67 -9.61 -4.12 3.26
C PHE A 67 -10.63 -5.20 3.66
N PHE A 68 -11.35 -5.68 2.65
CA PHE A 68 -12.36 -6.71 2.88
C PHE A 68 -12.92 -7.21 1.55
N PRO A 69 -13.53 -8.43 1.62
CA PRO A 69 -13.62 -9.15 2.87
C PRO A 69 -12.27 -9.78 3.24
N SER A 70 -11.55 -10.22 2.22
CA SER A 70 -10.25 -10.84 2.43
C SER A 70 -9.78 -11.50 1.12
N LEU A 71 -8.54 -11.17 0.76
CA LEU A 71 -7.95 -11.72 -0.45
C LEU A 71 -6.82 -12.69 -0.07
N PRO A 72 -6.50 -13.59 -1.03
CA PRO A 72 -5.44 -14.57 -0.81
C PRO A 72 -4.06 -13.91 -0.92
N THR A 73 -3.13 -14.45 -0.15
CA THR A 73 -1.77 -13.94 -0.14
C THR A 73 -0.77 -15.06 -0.41
N PRO A 74 0.47 -14.64 -0.76
CA PRO A 74 0.79 -13.24 -0.85
C PRO A 74 0.19 -12.62 -2.12
N LEU A 75 0.55 -11.35 -2.35
CA LEU A 75 0.05 -10.65 -3.51
C LEU A 75 1.20 -10.47 -4.52
N SER A 76 1.74 -11.60 -4.94
CA SER A 76 2.84 -11.58 -5.89
C SER A 76 2.29 -11.44 -7.31
N ASN A 77 2.91 -10.53 -8.06
CA ASN A 77 2.49 -10.28 -9.43
C ASN A 77 1.19 -9.47 -9.43
N TYR A 78 1.01 -8.72 -8.36
CA TYR A 78 -0.18 -7.89 -8.22
C TYR A 78 0.14 -6.43 -8.54
N THR A 79 -0.85 -5.58 -8.27
CA THR A 79 -0.70 -4.16 -8.53
C THR A 79 -0.37 -3.42 -7.23
N MET A 80 -1.31 -3.44 -6.32
CA MET A 80 -1.15 -2.78 -5.03
C MET A 80 -0.25 -1.55 -5.17
N LYS A 81 -0.78 -0.53 -5.82
CA LYS A 81 -0.04 0.70 -6.02
C LYS A 81 -0.51 1.75 -5.01
N VAL A 82 -0.11 2.99 -5.26
CA VAL A 82 -0.48 4.08 -4.37
C VAL A 82 -0.54 5.38 -5.18
N VAL A 83 -1.66 6.07 -5.06
CA VAL A 83 -1.84 7.33 -5.77
C VAL A 83 -1.77 8.49 -4.78
N ASN A 84 -1.87 9.69 -5.30
CA ASN A 84 -1.82 10.89 -4.47
C ASN A 84 -3.20 11.55 -4.46
N GLN A 85 -3.24 12.74 -3.86
CA GLN A 85 -4.48 13.48 -3.77
C GLN A 85 -4.92 13.97 -5.15
N ASP A 86 -4.07 13.70 -6.14
CA ASP A 86 -4.35 14.09 -7.50
C ASP A 86 -4.95 12.91 -8.26
N GLY A 87 -4.93 11.76 -7.60
CA GLY A 87 -5.46 10.55 -8.20
C GLY A 87 -4.51 10.01 -9.28
N GLU A 88 -3.27 9.81 -8.88
CA GLU A 88 -2.25 9.30 -9.80
C GLU A 88 -1.21 8.47 -9.03
N THR A 89 -0.98 7.27 -9.53
CA THR A 89 -0.01 6.38 -8.91
C THR A 89 1.36 7.05 -8.85
N ILE A 90 1.84 7.24 -7.63
CA ILE A 90 3.14 7.86 -7.42
C ILE A 90 4.19 6.77 -7.23
N LEU A 91 3.78 5.71 -6.54
CA LEU A 91 4.68 4.60 -6.28
C LEU A 91 3.96 3.28 -6.62
N VAL A 92 4.75 2.21 -6.64
CA VAL A 92 4.20 0.90 -6.94
C VAL A 92 5.06 -0.17 -6.27
N GLY A 93 4.39 -1.11 -5.62
CA GLY A 93 5.07 -2.19 -4.93
C GLY A 93 5.36 -3.35 -5.88
N LYS A 94 6.63 -3.68 -6.00
CA LYS A 94 7.05 -4.76 -6.86
C LYS A 94 6.12 -5.96 -6.67
N CYS A 95 5.55 -6.03 -5.47
CA CYS A 95 4.63 -7.12 -5.15
C CYS A 95 5.35 -8.44 -5.42
N ALA A 96 6.41 -8.66 -4.66
CA ALA A 96 7.19 -9.88 -4.80
C ALA A 96 6.39 -11.07 -4.25
N ASP A 97 7.03 -12.22 -4.23
CA ASP A 97 6.39 -13.43 -3.72
C ASP A 97 6.48 -13.44 -2.21
N SER A 98 6.01 -12.36 -1.60
CA SER A 98 6.02 -12.23 -0.16
C SER A 98 5.20 -11.02 0.28
N ASN A 99 4.50 -11.19 1.39
CA ASN A 99 3.67 -10.12 1.91
C ASN A 99 4.47 -8.81 1.92
N GLU A 100 5.78 -8.97 1.99
CA GLU A 100 6.66 -7.81 2.00
C GLU A 100 6.65 -7.11 0.64
N ILE A 101 6.67 -5.79 0.69
CA ILE A 101 6.65 -4.99 -0.53
C ILE A 101 7.46 -3.71 -0.30
N THR A 102 8.29 -3.39 -1.27
CA THR A 102 9.11 -2.20 -1.19
C THR A 102 8.94 -1.34 -2.45
N LEU A 103 7.93 -0.47 -2.40
CA LEU A 103 7.65 0.40 -3.53
C LEU A 103 8.96 0.90 -4.12
N LYS A 104 9.04 0.87 -5.44
CA LYS A 104 10.23 1.32 -6.14
C LYS A 104 9.95 2.67 -6.81
N SER A 105 9.19 2.61 -7.89
CA SER A 105 8.85 3.80 -8.63
C SER A 105 8.44 3.45 -10.07
N PRO A 106 7.34 4.09 -10.53
CA PRO A 106 6.84 3.84 -11.87
C PRO A 106 7.73 4.53 -12.92
N LEU A 107 7.63 5.85 -12.95
CA LEU A 107 8.41 6.63 -13.88
C LEU A 107 9.41 7.51 -13.12
N ASN A 5 20.76 8.77 3.26
CA ASN A 5 19.42 8.42 3.67
C ASN A 5 18.83 7.42 2.69
N ASP A 6 18.39 6.29 3.23
CA ASP A 6 17.81 5.24 2.41
C ASP A 6 16.34 5.04 2.81
N PRO A 7 15.45 5.85 2.18
CA PRO A 7 14.03 5.78 2.47
C PRO A 7 13.41 4.54 1.81
N LEU A 8 12.20 4.22 2.25
CA LEU A 8 11.49 3.07 1.72
C LEU A 8 10.13 2.95 2.41
N LEU A 9 9.21 2.31 1.71
CA LEU A 9 7.87 2.12 2.24
C LEU A 9 7.64 0.63 2.51
N HIS A 10 7.80 0.25 3.77
CA HIS A 10 7.61 -1.14 4.16
C HIS A 10 6.16 -1.35 4.63
N VAL A 11 5.55 -2.40 4.11
CA VAL A 11 4.19 -2.71 4.46
C VAL A 11 4.13 -4.11 5.09
N GLU A 12 3.00 -4.41 5.70
CA GLU A 12 2.81 -5.70 6.33
C GLU A 12 1.48 -6.32 5.90
N VAL A 13 1.58 -7.50 5.29
CA VAL A 13 0.41 -8.20 4.81
C VAL A 13 -0.09 -9.14 5.92
N SER A 14 -1.33 -8.90 6.34
CA SER A 14 -1.93 -9.70 7.38
C SER A 14 -2.72 -10.86 6.75
N ASN A 15 -3.74 -10.50 5.99
CA ASN A 15 -4.58 -11.49 5.33
C ASN A 15 -5.15 -12.45 6.38
N GLU A 16 -5.97 -11.88 7.26
CA GLU A 16 -6.59 -12.66 8.31
C GLU A 16 -7.78 -13.44 7.76
N ASP A 17 -8.21 -14.43 8.54
CA ASP A 17 -9.34 -15.26 8.14
C ASP A 17 -10.62 -14.46 8.26
N ASN A 18 -10.52 -13.32 8.94
CA ASN A 18 -11.66 -12.46 9.14
C ASN A 18 -11.69 -11.39 8.04
N SER A 19 -10.50 -10.91 7.71
CA SER A 19 -10.38 -9.89 6.68
C SER A 19 -8.90 -9.60 6.40
N LEU A 20 -8.66 -8.61 5.56
CA LEU A 20 -7.31 -8.22 5.21
C LEU A 20 -6.81 -7.17 6.20
N HIS A 21 -5.56 -6.76 6.00
CA HIS A 21 -4.95 -5.76 6.86
C HIS A 21 -3.55 -5.43 6.37
N PHE A 22 -3.42 -4.25 5.79
CA PHE A 22 -2.14 -3.81 5.26
C PHE A 22 -1.70 -2.50 5.92
N ILE A 23 -0.78 -2.63 6.88
CA ILE A 23 -0.28 -1.47 7.60
C ILE A 23 0.95 -0.92 6.86
N LEU A 24 0.96 0.39 6.67
CA LEU A 24 2.05 1.04 5.99
C LEU A 24 2.80 1.94 6.98
N TYR A 25 4.09 2.09 6.75
CA TYR A 25 4.93 2.91 7.61
C TYR A 25 5.72 3.93 6.78
N ASN A 26 5.42 5.20 7.01
CA ASN A 26 6.11 6.26 6.30
C ASN A 26 7.53 6.42 6.85
N LYS A 27 8.40 5.52 6.41
CA LYS A 27 9.78 5.54 6.86
C LYS A 27 10.65 6.16 5.77
N THR A 28 9.99 6.79 4.80
CA THR A 28 10.68 7.43 3.71
C THR A 28 11.30 8.75 4.16
N ASN A 29 11.71 9.54 3.18
CA ASN A 29 12.32 10.83 3.46
C ASN A 29 11.22 11.87 3.70
N ILE A 30 10.47 12.14 2.65
CA ILE A 30 9.39 13.10 2.72
C ILE A 30 8.28 12.54 3.61
N ILE A 31 7.21 13.33 3.74
CA ILE A 31 6.08 12.93 4.56
C ILE A 31 4.82 12.91 3.71
N ILE A 32 4.09 11.81 3.81
CA ILE A 32 2.86 11.66 3.06
C ILE A 32 2.09 12.98 3.06
N PRO A 33 1.50 13.31 1.88
CA PRO A 33 0.74 14.55 1.75
C PRO A 33 -0.63 14.42 2.42
N GLY A 34 -1.16 13.20 2.38
CA GLY A 34 -2.46 12.94 2.99
C GLY A 34 -3.55 12.83 1.92
N ASN A 35 -4.58 12.07 2.26
CA ASN A 35 -5.69 11.88 1.34
C ASN A 35 -5.24 10.98 0.18
N CYS A 36 -4.26 10.14 0.48
CA CYS A 36 -3.74 9.22 -0.52
C CYS A 36 -4.80 8.17 -0.80
N THR A 37 -4.44 7.24 -1.69
CA THR A 37 -5.36 6.17 -2.06
C THR A 37 -4.58 4.96 -2.57
N PHE A 38 -5.03 3.78 -2.14
CA PHE A 38 -4.38 2.55 -2.54
C PHE A 38 -5.02 1.99 -3.81
N GLU A 39 -4.58 0.79 -4.18
CA GLU A 39 -5.10 0.13 -5.36
C GLU A 39 -4.40 -1.21 -5.58
N PHE A 40 -5.10 -2.27 -5.22
CA PHE A 40 -4.55 -3.61 -5.36
C PHE A 40 -5.52 -4.52 -6.11
N SER A 41 -5.00 -5.18 -7.13
CA SER A 41 -5.81 -6.08 -7.93
C SER A 41 -5.43 -7.54 -7.64
N SER A 42 -6.40 -8.43 -7.86
CA SER A 42 -6.16 -9.84 -7.63
C SER A 42 -6.50 -10.65 -8.88
N GLN A 43 -6.84 -9.91 -9.94
CA GLN A 43 -7.19 -10.54 -11.20
C GLN A 43 -7.48 -9.47 -12.25
N ILE A 44 -7.64 -9.93 -13.49
CA ILE A 44 -7.93 -9.04 -14.60
C ILE A 44 -9.31 -8.42 -14.40
N SER A 45 -10.09 -9.04 -13.53
CA SER A 45 -11.43 -8.58 -13.24
C SER A 45 -11.43 -7.05 -13.14
N GLU A 46 -10.96 -6.56 -12.00
CA GLU A 46 -10.90 -5.13 -11.76
C GLU A 46 -10.07 -4.84 -10.51
N VAL A 47 -10.01 -3.55 -10.17
CA VAL A 47 -9.26 -3.13 -9.01
C VAL A 47 -10.11 -2.17 -8.18
N PHE A 48 -9.67 -1.93 -6.95
CA PHE A 48 -10.37 -1.04 -6.05
C PHE A 48 -9.40 -0.10 -5.34
N SER A 49 -9.82 1.15 -5.22
CA SER A 49 -9.00 2.16 -4.56
C SER A 49 -9.65 2.57 -3.23
N ILE A 50 -8.86 2.47 -2.18
CA ILE A 50 -9.34 2.82 -0.85
C ILE A 50 -8.89 4.24 -0.51
N LYS A 51 -9.83 5.03 -0.01
CA LYS A 51 -9.55 6.41 0.36
C LYS A 51 -8.78 6.43 1.68
N MET A 52 -7.47 6.64 1.55
CA MET A 52 -6.61 6.68 2.73
C MET A 52 -6.82 7.99 3.52
N GLY A 53 -6.57 7.90 4.81
CA GLY A 53 -6.73 9.06 5.68
C GLY A 53 -6.25 10.33 4.98
N PRO A 54 -7.00 11.44 5.23
CA PRO A 54 -6.67 12.72 4.64
C PRO A 54 -5.46 13.35 5.32
N HIS A 55 -5.24 12.93 6.56
CA HIS A 55 -4.13 13.44 7.35
C HIS A 55 -2.82 12.83 6.82
N GLU A 56 -1.72 13.30 7.40
CA GLU A 56 -0.41 12.82 7.01
C GLU A 56 0.04 11.67 7.92
N ILE A 57 0.92 10.83 7.40
CA ILE A 57 1.42 9.70 8.15
C ILE A 57 2.47 10.20 9.15
N GLY A 58 3.69 10.35 8.65
CA GLY A 58 4.79 10.80 9.47
C GLY A 58 5.98 9.84 9.40
N ILE A 59 7.17 10.43 9.38
CA ILE A 59 8.39 9.63 9.31
C ILE A 59 8.24 8.40 10.21
N LYS A 60 7.52 8.59 11.30
CA LYS A 60 7.30 7.51 12.25
C LYS A 60 5.84 7.09 12.20
N GLY A 61 4.98 8.05 11.87
CA GLY A 61 3.56 7.80 11.79
C GLY A 61 3.27 6.52 10.99
N GLN A 62 2.36 5.72 11.50
CA GLN A 62 1.99 4.48 10.84
C GLN A 62 0.84 4.72 9.87
N LYS A 63 0.32 3.63 9.33
CA LYS A 63 -0.78 3.71 8.38
C LYS A 63 -1.48 2.35 8.30
N GLU A 64 -2.79 2.40 8.12
CA GLU A 64 -3.59 1.18 8.03
C GLU A 64 -4.38 1.17 6.73
N LEU A 65 -4.53 -0.02 6.17
CA LEU A 65 -5.26 -0.18 4.93
C LEU A 65 -6.02 -1.51 4.96
N TRP A 66 -6.92 -1.62 5.93
CA TRP A 66 -7.72 -2.82 6.08
C TRP A 66 -8.68 -2.90 4.89
N PHE A 67 -8.72 -4.09 4.29
CA PHE A 67 -9.60 -4.31 3.15
C PHE A 67 -10.63 -5.39 3.46
N PHE A 68 -11.54 -5.58 2.52
CA PHE A 68 -12.58 -6.58 2.67
C PHE A 68 -13.11 -7.04 1.30
N PRO A 69 -13.67 -8.28 1.29
CA PRO A 69 -13.73 -9.09 2.50
C PRO A 69 -12.35 -9.67 2.84
N SER A 70 -11.62 -10.03 1.79
CA SER A 70 -10.29 -10.60 1.98
C SER A 70 -9.75 -11.09 0.63
N LEU A 71 -8.43 -11.04 0.51
CA LEU A 71 -7.77 -11.48 -0.71
C LEU A 71 -6.66 -12.46 -0.36
N PRO A 72 -6.29 -13.30 -1.36
CA PRO A 72 -5.23 -14.28 -1.18
C PRO A 72 -3.85 -13.62 -1.16
N THR A 73 -2.95 -14.22 -0.40
CA THR A 73 -1.60 -13.71 -0.29
C THR A 73 -0.58 -14.84 -0.41
N PRO A 74 0.68 -14.45 -0.70
CA PRO A 74 1.01 -13.04 -0.88
C PRO A 74 0.50 -12.54 -2.23
N LEU A 75 0.64 -11.23 -2.43
CA LEU A 75 0.20 -10.62 -3.68
C LEU A 75 1.38 -10.51 -4.63
N SER A 76 1.89 -11.67 -5.02
CA SER A 76 3.02 -11.72 -5.94
C SER A 76 2.55 -11.44 -7.37
N ASN A 77 3.14 -10.41 -7.96
CA ASN A 77 2.78 -10.03 -9.31
C ASN A 77 1.47 -9.24 -9.30
N TYR A 78 1.25 -8.53 -8.20
CA TYR A 78 0.04 -7.74 -8.05
C TYR A 78 0.36 -6.24 -8.07
N THR A 79 -0.53 -5.49 -8.72
CA THR A 79 -0.35 -4.06 -8.82
C THR A 79 -0.12 -3.45 -7.44
N MET A 80 -1.14 -3.59 -6.58
CA MET A 80 -1.06 -3.07 -5.24
C MET A 80 -0.11 -1.87 -5.16
N LYS A 81 -0.45 -0.83 -5.92
CA LYS A 81 0.36 0.37 -5.95
C LYS A 81 -0.24 1.40 -5.00
N VAL A 82 0.35 2.60 -5.02
CA VAL A 82 -0.12 3.68 -4.17
C VAL A 82 -0.15 4.97 -4.98
N VAL A 83 -1.23 5.72 -4.80
CA VAL A 83 -1.40 6.98 -5.50
C VAL A 83 -1.44 8.12 -4.48
N ASN A 84 -1.61 9.33 -5.00
CA ASN A 84 -1.67 10.51 -4.16
C ASN A 84 -3.12 10.99 -4.07
N GLN A 85 -3.28 12.17 -3.47
CA GLN A 85 -4.60 12.75 -3.31
C GLN A 85 -5.20 13.09 -4.68
N ASP A 86 -4.35 12.98 -5.70
CA ASP A 86 -4.78 13.28 -7.06
C ASP A 86 -5.11 11.97 -7.78
N GLY A 87 -4.79 10.87 -7.12
CA GLY A 87 -5.05 9.55 -7.68
C GLY A 87 -3.93 9.14 -8.64
N GLU A 88 -2.82 9.88 -8.56
CA GLU A 88 -1.68 9.60 -9.40
C GLU A 88 -0.71 8.67 -8.69
N THR A 89 -0.27 7.65 -9.42
CA THR A 89 0.66 6.68 -8.86
C THR A 89 1.97 7.36 -8.48
N ILE A 90 2.41 7.07 -7.26
CA ILE A 90 3.64 7.65 -6.75
C ILE A 90 4.66 6.54 -6.51
N LEU A 91 4.16 5.42 -6.01
CA LEU A 91 5.01 4.28 -5.73
C LEU A 91 4.29 2.99 -6.15
N VAL A 92 5.05 1.91 -6.21
CA VAL A 92 4.51 0.62 -6.60
C VAL A 92 5.26 -0.48 -5.86
N GLY A 93 4.49 -1.29 -5.14
CA GLY A 93 5.07 -2.39 -4.39
C GLY A 93 5.56 -3.49 -5.32
N LYS A 94 6.73 -4.01 -4.99
CA LYS A 94 7.34 -5.07 -5.78
C LYS A 94 6.59 -6.38 -5.53
N CYS A 95 6.19 -6.56 -4.28
CA CYS A 95 5.48 -7.76 -3.89
C CYS A 95 6.13 -8.96 -4.58
N ALA A 96 7.15 -9.50 -3.92
CA ALA A 96 7.86 -10.65 -4.46
C ALA A 96 7.53 -11.89 -3.62
N ASP A 97 6.32 -12.37 -3.79
CA ASP A 97 5.88 -13.55 -3.06
C ASP A 97 6.33 -13.44 -1.60
N SER A 98 5.95 -12.33 -0.98
CA SER A 98 6.31 -12.08 0.41
C SER A 98 5.43 -10.98 0.99
N ASN A 99 4.90 -11.26 2.17
CA ASN A 99 4.04 -10.31 2.84
C ASN A 99 4.70 -8.93 2.82
N GLU A 100 6.01 -8.93 2.98
CA GLU A 100 6.77 -7.69 2.97
C GLU A 100 6.72 -7.04 1.58
N ILE A 101 6.72 -5.72 1.58
CA ILE A 101 6.67 -4.96 0.34
C ILE A 101 7.49 -3.68 0.49
N THR A 102 8.49 -3.55 -0.38
CA THR A 102 9.35 -2.38 -0.35
C THR A 102 9.18 -1.57 -1.63
N LEU A 103 8.11 -0.80 -1.69
CA LEU A 103 7.83 0.02 -2.85
C LEU A 103 9.15 0.61 -3.38
N LYS A 104 9.17 0.83 -4.68
CA LYS A 104 10.35 1.38 -5.33
C LYS A 104 9.95 2.61 -6.15
N SER A 105 8.98 2.42 -7.03
CA SER A 105 8.51 3.51 -7.86
C SER A 105 7.84 2.94 -9.13
N PRO A 106 6.92 3.75 -9.71
CA PRO A 106 6.21 3.35 -10.91
C PRO A 106 7.12 3.45 -12.14
N LEU A 107 7.82 4.58 -12.22
CA LEU A 107 8.72 4.81 -13.33
C LEU A 107 9.45 3.50 -13.69
N ASN A 5 16.54 8.55 2.57
CA ASN A 5 17.55 8.02 1.67
C ASN A 5 16.87 7.39 0.46
N ASP A 6 15.87 6.56 0.74
CA ASP A 6 15.13 5.88 -0.32
C ASP A 6 13.64 6.01 -0.03
N PRO A 7 12.85 6.09 -1.15
CA PRO A 7 11.41 6.21 -1.03
C PRO A 7 10.78 4.87 -0.65
N LEU A 8 11.63 3.87 -0.50
CA LEU A 8 11.17 2.55 -0.14
C LEU A 8 10.15 2.65 1.00
N LEU A 9 9.02 1.99 0.80
CA LEU A 9 7.96 2.00 1.79
C LEU A 9 7.66 0.57 2.23
N HIS A 10 8.12 0.24 3.43
CA HIS A 10 7.90 -1.09 3.97
C HIS A 10 6.44 -1.25 4.38
N VAL A 11 5.81 -2.28 3.83
CA VAL A 11 4.42 -2.55 4.13
C VAL A 11 4.30 -3.93 4.78
N GLU A 12 3.12 -4.19 5.31
CA GLU A 12 2.87 -5.47 5.96
C GLU A 12 1.58 -6.10 5.42
N VAL A 13 1.57 -7.43 5.37
CA VAL A 13 0.42 -8.15 4.88
C VAL A 13 -0.04 -9.16 5.94
N SER A 14 -1.11 -8.81 6.62
CA SER A 14 -1.66 -9.66 7.66
C SER A 14 -2.41 -10.83 7.03
N ASN A 15 -3.54 -10.51 6.44
CA ASN A 15 -4.37 -11.52 5.80
C ASN A 15 -4.80 -12.55 6.83
N GLU A 16 -5.62 -12.10 7.76
CA GLU A 16 -6.12 -12.97 8.82
C GLU A 16 -7.29 -12.31 9.55
N ASP A 17 -7.74 -12.98 10.60
CA ASP A 17 -8.84 -12.47 11.39
C ASP A 17 -10.12 -12.50 10.55
N ASN A 18 -10.05 -13.24 9.45
CA ASN A 18 -11.19 -13.37 8.56
C ASN A 18 -11.23 -12.15 7.63
N SER A 19 -10.09 -11.49 7.51
CA SER A 19 -9.99 -10.32 6.66
C SER A 19 -8.51 -9.99 6.41
N LEU A 20 -8.29 -8.89 5.71
CA LEU A 20 -6.95 -8.45 5.40
C LEU A 20 -6.53 -7.34 6.36
N HIS A 21 -5.27 -6.95 6.26
CA HIS A 21 -4.74 -5.90 7.12
C HIS A 21 -3.33 -5.53 6.66
N PHE A 22 -3.18 -4.28 6.26
CA PHE A 22 -1.90 -3.79 5.79
C PHE A 22 -1.52 -2.48 6.50
N ILE A 23 -0.42 -2.55 7.23
CA ILE A 23 0.06 -1.38 7.96
C ILE A 23 1.24 -0.75 7.20
N LEU A 24 0.99 0.44 6.69
CA LEU A 24 2.01 1.15 5.94
C LEU A 24 2.69 2.18 6.87
N TYR A 25 4.01 2.05 6.95
CA TYR A 25 4.79 2.94 7.80
C TYR A 25 5.69 3.84 6.95
N ASN A 26 5.78 5.10 7.36
CA ASN A 26 6.61 6.06 6.66
C ASN A 26 8.02 6.06 7.25
N LYS A 27 8.86 5.18 6.71
CA LYS A 27 10.22 5.07 7.18
C LYS A 27 11.16 5.71 6.15
N THR A 28 10.58 6.14 5.04
CA THR A 28 11.35 6.77 3.98
C THR A 28 12.12 7.97 4.52
N ASN A 29 11.71 8.43 5.68
CA ASN A 29 12.36 9.57 6.32
C ASN A 29 11.78 10.86 5.74
N ILE A 30 10.46 10.87 5.61
CA ILE A 30 9.79 12.05 5.07
C ILE A 30 8.37 12.11 5.63
N ILE A 31 7.66 13.16 5.26
CA ILE A 31 6.29 13.35 5.72
C ILE A 31 5.33 13.06 4.57
N ILE A 32 4.33 12.23 4.87
CA ILE A 32 3.33 11.87 3.88
C ILE A 32 2.44 13.07 3.59
N PRO A 33 2.14 13.27 2.28
CA PRO A 33 1.30 14.38 1.87
C PRO A 33 -0.18 14.11 2.20
N GLY A 34 -0.50 12.83 2.31
CA GLY A 34 -1.86 12.42 2.62
C GLY A 34 -2.76 12.56 1.39
N ASN A 35 -4.02 12.19 1.59
CA ASN A 35 -5.00 12.27 0.52
C ASN A 35 -4.58 11.31 -0.61
N CYS A 36 -3.92 10.23 -0.22
CA CYS A 36 -3.46 9.23 -1.17
C CYS A 36 -4.57 8.19 -1.34
N THR A 37 -4.30 7.22 -2.21
CA THR A 37 -5.26 6.18 -2.48
C THR A 37 -4.54 4.91 -2.97
N PHE A 38 -4.84 3.80 -2.30
CA PHE A 38 -4.23 2.54 -2.65
C PHE A 38 -4.93 1.90 -3.86
N GLU A 39 -4.25 0.93 -4.45
CA GLU A 39 -4.79 0.24 -5.61
C GLU A 39 -4.25 -1.20 -5.67
N PHE A 40 -4.97 -2.09 -5.01
CA PHE A 40 -4.59 -3.49 -4.99
C PHE A 40 -5.69 -4.38 -5.57
N SER A 41 -5.29 -5.21 -6.51
CA SER A 41 -6.23 -6.11 -7.16
C SER A 41 -5.89 -7.57 -6.80
N SER A 42 -6.71 -8.47 -7.32
CA SER A 42 -6.52 -9.88 -7.06
C SER A 42 -6.21 -10.62 -8.37
N GLN A 43 -6.85 -10.16 -9.44
CA GLN A 43 -6.65 -10.76 -10.74
C GLN A 43 -6.51 -9.67 -11.81
N ILE A 44 -6.20 -10.10 -13.02
CA ILE A 44 -6.04 -9.18 -14.13
C ILE A 44 -7.25 -8.25 -14.19
N SER A 45 -8.35 -8.72 -13.64
CA SER A 45 -9.57 -7.95 -13.62
C SER A 45 -9.31 -6.56 -13.05
N GLU A 46 -10.38 -5.79 -12.92
CA GLU A 46 -10.28 -4.44 -12.39
C GLU A 46 -9.55 -4.45 -11.04
N VAL A 47 -9.51 -3.28 -10.42
CA VAL A 47 -8.84 -3.15 -9.13
C VAL A 47 -9.72 -2.30 -8.21
N PHE A 48 -9.34 -2.28 -6.94
CA PHE A 48 -10.07 -1.52 -5.95
C PHE A 48 -9.19 -0.41 -5.35
N SER A 49 -9.80 0.74 -5.16
CA SER A 49 -9.09 1.88 -4.60
C SER A 49 -9.76 2.32 -3.30
N ILE A 50 -8.96 2.33 -2.24
CA ILE A 50 -9.45 2.72 -0.93
C ILE A 50 -8.96 4.13 -0.61
N LYS A 51 -9.90 4.99 -0.22
CA LYS A 51 -9.57 6.36 0.12
C LYS A 51 -8.81 6.38 1.45
N MET A 52 -7.56 6.83 1.36
CA MET A 52 -6.71 6.91 2.53
C MET A 52 -7.06 8.14 3.39
N GLY A 53 -6.58 8.13 4.61
CA GLY A 53 -6.84 9.23 5.52
C GLY A 53 -6.13 10.51 5.04
N PRO A 54 -6.79 11.66 5.35
CA PRO A 54 -6.24 12.95 4.95
C PRO A 54 -5.06 13.34 5.85
N HIS A 55 -5.12 12.87 7.09
CA HIS A 55 -4.06 13.17 8.05
C HIS A 55 -2.75 12.54 7.57
N GLU A 56 -1.68 13.30 7.73
CA GLU A 56 -0.36 12.83 7.33
C GLU A 56 0.15 11.76 8.30
N ILE A 57 0.80 10.76 7.75
CA ILE A 57 1.34 9.68 8.56
C ILE A 57 2.48 10.22 9.43
N GLY A 58 3.65 10.34 8.82
CA GLY A 58 4.81 10.85 9.53
C GLY A 58 5.83 9.73 9.77
N ILE A 59 7.08 10.14 9.95
CA ILE A 59 8.15 9.19 10.19
C ILE A 59 7.64 8.07 11.11
N LYS A 60 7.45 8.42 12.37
CA LYS A 60 6.97 7.47 13.35
C LYS A 60 5.52 7.10 13.03
N GLY A 61 4.84 8.04 12.40
CA GLY A 61 3.44 7.84 12.03
C GLY A 61 3.27 6.50 11.30
N GLN A 62 2.04 6.02 11.31
CA GLN A 62 1.72 4.76 10.65
C GLN A 62 0.50 4.93 9.74
N LYS A 63 0.06 3.81 9.18
CA LYS A 63 -1.08 3.82 8.30
C LYS A 63 -1.71 2.43 8.27
N GLU A 64 -3.00 2.40 7.90
CA GLU A 64 -3.72 1.15 7.83
C GLU A 64 -4.53 1.08 6.54
N LEU A 65 -4.67 -0.14 6.02
CA LEU A 65 -5.42 -0.34 4.79
C LEU A 65 -6.15 -1.69 4.86
N TRP A 66 -7.08 -1.76 5.81
CA TRP A 66 -7.85 -2.99 6.00
C TRP A 66 -8.84 -3.10 4.84
N PHE A 67 -8.91 -4.29 4.29
CA PHE A 67 -9.82 -4.55 3.18
C PHE A 67 -10.82 -5.67 3.52
N PHE A 68 -11.84 -5.79 2.69
CA PHE A 68 -12.85 -6.81 2.89
C PHE A 68 -13.33 -7.38 1.55
N PRO A 69 -13.61 -8.71 1.57
CA PRO A 69 -13.45 -9.49 2.79
C PRO A 69 -11.98 -9.76 3.09
N SER A 70 -11.30 -10.33 2.10
CA SER A 70 -9.89 -10.64 2.24
C SER A 70 -9.40 -11.41 1.01
N LEU A 71 -8.57 -10.74 0.23
CA LEU A 71 -8.02 -11.34 -0.98
C LEU A 71 -7.01 -12.42 -0.58
N PRO A 72 -6.77 -13.35 -1.54
CA PRO A 72 -5.84 -14.44 -1.30
C PRO A 72 -4.40 -13.94 -1.39
N THR A 73 -3.53 -14.56 -0.59
CA THR A 73 -2.13 -14.19 -0.56
C THR A 73 -1.26 -15.37 -0.99
N PRO A 74 0.01 -15.05 -1.33
CA PRO A 74 0.48 -13.68 -1.29
C PRO A 74 -0.08 -12.87 -2.46
N LEU A 75 0.41 -11.64 -2.58
CA LEU A 75 -0.03 -10.77 -3.64
C LEU A 75 1.04 -10.72 -4.73
N SER A 76 2.00 -11.62 -4.62
CA SER A 76 3.09 -11.70 -5.57
C SER A 76 2.54 -11.62 -7.00
N ASN A 77 2.96 -10.59 -7.71
CA ASN A 77 2.53 -10.39 -9.08
C ASN A 77 1.22 -9.59 -9.08
N TYR A 78 1.19 -8.57 -8.23
CA TYR A 78 0.02 -7.72 -8.12
C TYR A 78 0.37 -6.26 -8.43
N THR A 79 -0.60 -5.39 -8.17
CA THR A 79 -0.41 -3.97 -8.42
C THR A 79 -0.20 -3.23 -7.10
N MET A 80 -1.17 -3.40 -6.20
CA MET A 80 -1.11 -2.74 -4.91
C MET A 80 -0.21 -1.50 -4.95
N LYS A 81 -0.58 -0.58 -5.84
CA LYS A 81 0.18 0.65 -5.99
C LYS A 81 -0.42 1.72 -5.09
N VAL A 82 0.23 2.88 -5.09
CA VAL A 82 -0.22 4.00 -4.27
C VAL A 82 -0.23 5.27 -5.12
N VAL A 83 -1.36 5.96 -5.07
CA VAL A 83 -1.51 7.20 -5.83
C VAL A 83 -1.53 8.38 -4.86
N ASN A 84 -1.82 9.55 -5.40
CA ASN A 84 -1.87 10.77 -4.60
C ASN A 84 -3.26 11.39 -4.72
N GLN A 85 -3.37 12.60 -4.20
CA GLN A 85 -4.63 13.32 -4.24
C GLN A 85 -5.04 13.59 -5.69
N ASP A 86 -4.11 13.35 -6.60
CA ASP A 86 -4.36 13.57 -8.01
C ASP A 86 -4.81 12.25 -8.65
N GLY A 87 -4.60 11.17 -7.91
CA GLY A 87 -4.98 9.86 -8.39
C GLY A 87 -3.83 9.21 -9.17
N GLU A 88 -2.80 10.00 -9.41
CA GLU A 88 -1.65 9.52 -10.15
C GLU A 88 -0.77 8.66 -9.25
N THR A 89 -0.34 7.53 -9.79
CA THR A 89 0.50 6.61 -9.05
C THR A 89 1.83 7.29 -8.68
N ILE A 90 2.02 7.45 -7.38
CA ILE A 90 3.24 8.08 -6.88
C ILE A 90 4.31 7.01 -6.66
N LEU A 91 3.86 5.86 -6.19
CA LEU A 91 4.76 4.75 -5.93
C LEU A 91 4.07 3.44 -6.33
N VAL A 92 4.87 2.38 -6.34
CA VAL A 92 4.36 1.06 -6.70
C VAL A 92 5.14 -0.01 -5.94
N GLY A 93 4.40 -0.97 -5.41
CA GLY A 93 5.00 -2.06 -4.66
C GLY A 93 5.31 -3.25 -5.56
N LYS A 94 6.59 -3.58 -5.64
CA LYS A 94 7.02 -4.69 -6.47
C LYS A 94 6.17 -5.93 -6.15
N CYS A 95 5.66 -5.95 -4.92
CA CYS A 95 4.84 -7.05 -4.48
C CYS A 95 5.52 -8.36 -4.90
N ALA A 96 6.55 -8.72 -4.14
CA ALA A 96 7.29 -9.95 -4.42
C ALA A 96 6.53 -11.14 -3.82
N ASP A 97 7.19 -12.29 -3.87
CA ASP A 97 6.60 -13.52 -3.35
C ASP A 97 6.76 -13.54 -1.83
N SER A 98 6.23 -12.51 -1.19
CA SER A 98 6.31 -12.41 0.26
C SER A 98 5.41 -11.28 0.75
N ASN A 99 5.12 -11.32 2.04
CA ASN A 99 4.27 -10.30 2.65
C ASN A 99 5.00 -8.96 2.63
N GLU A 100 6.30 -9.02 2.86
CA GLU A 100 7.12 -7.82 2.87
C GLU A 100 7.08 -7.15 1.49
N ILE A 101 6.87 -5.84 1.51
CA ILE A 101 6.81 -5.07 0.28
C ILE A 101 7.45 -3.69 0.51
N THR A 102 8.34 -3.33 -0.40
CA THR A 102 9.02 -2.05 -0.31
C THR A 102 8.92 -1.29 -1.64
N LEU A 103 7.92 -0.43 -1.72
CA LEU A 103 7.71 0.36 -2.92
C LEU A 103 9.05 0.80 -3.49
N LYS A 104 9.07 1.01 -4.80
CA LYS A 104 10.29 1.45 -5.47
C LYS A 104 10.00 2.71 -6.26
N SER A 105 9.09 2.60 -7.20
CA SER A 105 8.72 3.73 -8.04
C SER A 105 8.06 3.24 -9.33
N PRO A 106 7.16 4.09 -9.88
CA PRO A 106 6.46 3.75 -11.11
C PRO A 106 7.38 3.89 -12.32
N LEU A 107 7.55 5.13 -12.76
CA LEU A 107 8.40 5.40 -13.91
C LEU A 107 9.80 5.79 -13.42
N ASN A 5 22.21 6.23 4.34
CA ASN A 5 21.24 5.19 4.65
C ASN A 5 20.44 4.86 3.39
N ASP A 6 19.54 3.90 3.54
CA ASP A 6 18.70 3.49 2.42
C ASP A 6 17.27 3.27 2.92
N PRO A 7 16.55 4.41 3.13
CA PRO A 7 15.18 4.35 3.61
C PRO A 7 14.24 3.93 2.48
N LEU A 8 13.01 3.62 2.87
CA LEU A 8 12.00 3.19 1.92
C LEU A 8 10.66 3.01 2.63
N LEU A 9 9.65 2.66 1.86
CA LEU A 9 8.32 2.46 2.40
C LEU A 9 8.01 0.96 2.46
N HIS A 10 8.15 0.40 3.65
CA HIS A 10 7.90 -1.02 3.84
C HIS A 10 6.39 -1.24 4.01
N VAL A 11 6.01 -2.52 3.95
CA VAL A 11 4.61 -2.89 4.09
C VAL A 11 4.53 -4.33 4.59
N GLU A 12 3.46 -4.60 5.33
CA GLU A 12 3.23 -5.92 5.88
C GLU A 12 1.87 -6.46 5.44
N VAL A 13 1.80 -7.78 5.34
CA VAL A 13 0.56 -8.43 4.93
C VAL A 13 0.12 -9.42 6.02
N SER A 14 -0.90 -9.03 6.76
CA SER A 14 -1.41 -9.88 7.83
C SER A 14 -2.18 -11.06 7.23
N ASN A 15 -3.25 -10.74 6.52
CA ASN A 15 -4.09 -11.76 5.90
C ASN A 15 -4.66 -12.68 6.99
N GLU A 16 -5.46 -12.09 7.85
CA GLU A 16 -6.08 -12.84 8.94
C GLU A 16 -7.48 -13.30 8.53
N ASP A 17 -7.95 -14.32 9.22
CA ASP A 17 -9.27 -14.87 8.95
C ASP A 17 -10.29 -13.72 8.88
N ASN A 18 -10.24 -12.85 9.88
CA ASN A 18 -11.13 -11.72 9.94
C ASN A 18 -11.08 -10.96 8.61
N SER A 19 -9.86 -10.60 8.22
CA SER A 19 -9.65 -9.87 6.98
C SER A 19 -8.17 -9.56 6.80
N LEU A 20 -7.88 -8.81 5.75
CA LEU A 20 -6.51 -8.43 5.45
C LEU A 20 -6.08 -7.30 6.40
N HIS A 21 -4.83 -6.89 6.24
CA HIS A 21 -4.28 -5.84 7.06
C HIS A 21 -2.91 -5.41 6.52
N PHE A 22 -2.88 -4.22 5.92
CA PHE A 22 -1.64 -3.70 5.37
C PHE A 22 -1.20 -2.44 6.10
N ILE A 23 -0.36 -2.63 7.11
CA ILE A 23 0.15 -1.52 7.89
C ILE A 23 1.39 -0.96 7.22
N LEU A 24 1.21 0.18 6.56
CA LEU A 24 2.30 0.84 5.87
C LEU A 24 2.85 1.97 6.74
N TYR A 25 4.17 2.01 6.86
CA TYR A 25 4.82 3.03 7.66
C TYR A 25 5.74 3.89 6.80
N ASN A 26 5.52 5.20 6.88
CA ASN A 26 6.32 6.13 6.12
C ASN A 26 7.77 6.07 6.60
N LYS A 27 8.47 5.05 6.12
CA LYS A 27 9.87 4.86 6.48
C LYS A 27 10.75 5.58 5.47
N THR A 28 10.32 6.76 5.08
CA THR A 28 11.06 7.57 4.12
C THR A 28 11.46 8.91 4.74
N ASN A 29 12.19 9.69 3.96
CA ASN A 29 12.65 11.00 4.42
C ASN A 29 11.55 12.02 4.17
N ILE A 30 10.57 11.62 3.39
CA ILE A 30 9.46 12.50 3.05
C ILE A 30 8.25 12.13 3.90
N ILE A 31 7.32 13.07 4.00
CA ILE A 31 6.12 12.85 4.78
C ILE A 31 4.89 13.00 3.88
N ILE A 32 4.10 11.94 3.81
CA ILE A 32 2.91 11.93 3.00
C ILE A 32 2.21 13.28 3.10
N PRO A 33 1.66 13.74 1.95
CA PRO A 33 0.97 15.02 1.91
C PRO A 33 -0.41 14.92 2.58
N GLY A 34 -1.11 13.85 2.24
CA GLY A 34 -2.44 13.62 2.80
C GLY A 34 -3.47 13.47 1.69
N ASN A 35 -4.49 12.67 1.99
CA ASN A 35 -5.56 12.44 1.04
C ASN A 35 -5.00 11.63 -0.15
N CYS A 36 -4.76 10.35 0.10
CA CYS A 36 -4.23 9.48 -0.93
C CYS A 36 -5.23 8.34 -1.16
N THR A 37 -4.87 7.45 -2.07
CA THR A 37 -5.72 6.33 -2.38
C THR A 37 -4.88 5.15 -2.90
N PHE A 38 -5.24 3.96 -2.43
CA PHE A 38 -4.53 2.76 -2.84
C PHE A 38 -5.11 2.20 -4.14
N GLU A 39 -4.70 0.96 -4.44
CA GLU A 39 -5.18 0.30 -5.65
C GLU A 39 -4.50 -1.06 -5.79
N PHE A 40 -5.26 -2.10 -5.50
CA PHE A 40 -4.75 -3.46 -5.60
C PHE A 40 -5.74 -4.37 -6.31
N SER A 41 -5.20 -5.29 -7.09
CA SER A 41 -6.03 -6.22 -7.84
C SER A 41 -5.99 -7.60 -7.16
N SER A 42 -7.14 -8.27 -7.20
CA SER A 42 -7.25 -9.59 -6.59
C SER A 42 -7.26 -10.66 -7.69
N GLN A 43 -8.00 -10.37 -8.75
CA GLN A 43 -8.09 -11.30 -9.87
C GLN A 43 -8.16 -10.53 -11.19
N ILE A 44 -8.13 -11.29 -12.28
CA ILE A 44 -8.18 -10.70 -13.60
C ILE A 44 -9.21 -9.56 -13.61
N SER A 45 -10.21 -9.71 -12.75
CA SER A 45 -11.25 -8.71 -12.65
C SER A 45 -10.65 -7.32 -12.54
N GLU A 46 -11.51 -6.31 -12.55
CA GLU A 46 -11.07 -4.94 -12.45
C GLU A 46 -10.40 -4.68 -11.10
N VAL A 47 -10.03 -3.43 -10.88
CA VAL A 47 -9.39 -3.05 -9.63
C VAL A 47 -10.23 -1.97 -8.94
N PHE A 48 -9.91 -1.74 -7.67
CA PHE A 48 -10.62 -0.74 -6.89
C PHE A 48 -9.64 0.12 -6.10
N SER A 49 -10.05 1.37 -5.89
CA SER A 49 -9.22 2.31 -5.15
C SER A 49 -9.84 2.60 -3.79
N ILE A 50 -9.04 2.42 -2.75
CA ILE A 50 -9.51 2.65 -1.39
C ILE A 50 -9.09 4.06 -0.95
N LYS A 51 -10.08 4.83 -0.51
CA LYS A 51 -9.83 6.19 -0.06
C LYS A 51 -9.06 6.15 1.26
N MET A 52 -7.85 6.68 1.22
CA MET A 52 -7.02 6.71 2.41
C MET A 52 -7.33 7.93 3.28
N GLY A 53 -6.77 7.93 4.47
CA GLY A 53 -6.99 9.03 5.39
C GLY A 53 -6.41 10.34 4.84
N PRO A 54 -7.14 11.45 5.13
CA PRO A 54 -6.71 12.76 4.66
C PRO A 54 -5.54 13.28 5.49
N HIS A 55 -5.50 12.83 6.74
CA HIS A 55 -4.44 13.24 7.65
C HIS A 55 -3.12 12.59 7.23
N GLU A 56 -2.03 13.24 7.62
CA GLU A 56 -0.71 12.74 7.28
C GLU A 56 -0.38 11.51 8.13
N ILE A 57 0.70 10.85 7.75
CA ILE A 57 1.14 9.66 8.48
C ILE A 57 2.26 10.03 9.44
N GLY A 58 3.44 10.25 8.87
CA GLY A 58 4.59 10.62 9.68
C GLY A 58 5.73 9.62 9.47
N ILE A 59 6.93 10.17 9.32
CA ILE A 59 8.11 9.34 9.12
C ILE A 59 8.05 8.13 10.04
N LYS A 60 7.38 8.33 11.18
CA LYS A 60 7.24 7.26 12.15
C LYS A 60 5.80 6.77 12.15
N GLY A 61 4.89 7.68 11.85
CA GLY A 61 3.48 7.35 11.81
C GLY A 61 3.21 6.22 10.81
N GLN A 62 2.22 5.40 11.14
CA GLN A 62 1.85 4.28 10.30
C GLN A 62 0.55 4.58 9.55
N LYS A 63 0.06 3.58 8.85
CA LYS A 63 -1.18 3.72 8.10
C LYS A 63 -1.75 2.34 7.81
N GLU A 64 -3.08 2.27 7.82
CA GLU A 64 -3.77 1.01 7.55
C GLU A 64 -4.43 1.05 6.18
N LEU A 65 -4.62 -0.14 5.62
CA LEU A 65 -5.25 -0.25 4.31
C LEU A 65 -6.03 -1.57 4.24
N TRP A 66 -7.01 -1.69 5.13
CA TRP A 66 -7.83 -2.89 5.18
C TRP A 66 -8.54 -3.03 3.84
N PHE A 67 -8.49 -4.24 3.31
CA PHE A 67 -9.12 -4.52 2.02
C PHE A 67 -10.20 -5.59 2.16
N PHE A 68 -10.94 -5.50 3.27
CA PHE A 68 -12.00 -6.45 3.54
C PHE A 68 -12.71 -6.86 2.25
N PRO A 69 -13.19 -8.12 2.23
CA PRO A 69 -13.02 -9.01 3.37
C PRO A 69 -11.59 -9.52 3.46
N SER A 70 -11.07 -9.96 2.32
CA SER A 70 -9.71 -10.47 2.25
C SER A 70 -9.42 -10.99 0.85
N LEU A 71 -8.13 -11.14 0.56
CA LEU A 71 -7.70 -11.61 -0.74
C LEU A 71 -6.64 -12.71 -0.54
N PRO A 72 -6.39 -13.46 -1.65
CA PRO A 72 -5.41 -14.54 -1.61
C PRO A 72 -3.99 -13.98 -1.63
N THR A 73 -3.10 -14.67 -0.92
CA THR A 73 -1.72 -14.25 -0.86
C THR A 73 -0.79 -15.41 -1.22
N PRO A 74 0.48 -15.06 -1.55
CA PRO A 74 0.89 -13.66 -1.52
C PRO A 74 0.34 -12.90 -2.72
N LEU A 75 0.59 -11.60 -2.72
CA LEU A 75 0.12 -10.75 -3.80
C LEU A 75 1.20 -10.69 -4.89
N SER A 76 2.17 -11.59 -4.77
CA SER A 76 3.26 -11.64 -5.74
C SER A 76 2.70 -11.58 -7.16
N ASN A 77 3.10 -10.54 -7.87
CA ASN A 77 2.65 -10.35 -9.25
C ASN A 77 1.35 -9.56 -9.23
N TYR A 78 1.31 -8.54 -8.38
CA TYR A 78 0.13 -7.70 -8.27
C TYR A 78 0.48 -6.24 -8.52
N THR A 79 -0.51 -5.38 -8.32
CA THR A 79 -0.31 -3.95 -8.52
C THR A 79 -0.19 -3.23 -7.18
N MET A 80 -1.21 -3.41 -6.35
CA MET A 80 -1.22 -2.78 -5.04
C MET A 80 -0.35 -1.53 -5.02
N LYS A 81 -0.80 -0.53 -5.75
CA LYS A 81 -0.07 0.73 -5.83
C LYS A 81 -0.79 1.78 -4.98
N VAL A 82 -0.26 3.00 -5.01
CA VAL A 82 -0.84 4.09 -4.25
C VAL A 82 -0.87 5.34 -5.12
N VAL A 83 -1.76 6.26 -4.74
CA VAL A 83 -1.91 7.51 -5.48
C VAL A 83 -2.04 8.66 -4.49
N ASN A 84 -2.01 9.87 -5.03
CA ASN A 84 -2.13 11.07 -4.22
C ASN A 84 -3.53 11.64 -4.37
N GLN A 85 -3.67 12.90 -3.97
CA GLN A 85 -4.95 13.59 -4.05
C GLN A 85 -5.28 13.91 -5.51
N ASP A 86 -4.32 13.61 -6.39
CA ASP A 86 -4.51 13.86 -7.80
C ASP A 86 -4.83 12.54 -8.52
N GLY A 87 -4.90 11.48 -7.72
CA GLY A 87 -5.20 10.16 -8.25
C GLY A 87 -4.01 9.60 -9.03
N GLU A 88 -2.93 10.37 -9.04
CA GLU A 88 -1.72 9.96 -9.74
C GLU A 88 -0.89 9.03 -8.84
N THR A 89 -0.30 8.03 -9.47
CA THR A 89 0.51 7.07 -8.75
C THR A 89 1.77 7.74 -8.20
N ILE A 90 1.95 7.62 -6.89
CA ILE A 90 3.09 8.22 -6.24
C ILE A 90 4.13 7.13 -5.94
N LEU A 91 3.62 5.97 -5.56
CA LEU A 91 4.49 4.84 -5.25
C LEU A 91 3.82 3.55 -5.71
N VAL A 92 4.59 2.47 -5.64
CA VAL A 92 4.08 1.17 -6.03
C VAL A 92 4.96 0.07 -5.42
N GLY A 93 4.31 -0.84 -4.71
CA GLY A 93 5.02 -1.94 -4.08
C GLY A 93 5.39 -3.01 -5.10
N LYS A 94 6.70 -3.24 -5.23
CA LYS A 94 7.19 -4.24 -6.17
C LYS A 94 6.38 -5.52 -6.02
N CYS A 95 5.83 -5.70 -4.83
CA CYS A 95 5.03 -6.87 -4.54
C CYS A 95 5.78 -8.10 -5.06
N ALA A 96 6.67 -8.61 -4.22
CA ALA A 96 7.46 -9.78 -4.59
C ALA A 96 6.79 -11.04 -4.03
N ASP A 97 7.51 -12.14 -4.13
CA ASP A 97 7.00 -13.41 -3.64
C ASP A 97 7.22 -13.49 -2.12
N SER A 98 6.68 -12.50 -1.43
CA SER A 98 6.81 -12.45 0.02
C SER A 98 5.87 -11.38 0.58
N ASN A 99 5.22 -11.74 1.68
CA ASN A 99 4.30 -10.82 2.32
C ASN A 99 4.95 -9.45 2.45
N GLU A 100 6.27 -9.45 2.49
CA GLU A 100 7.03 -8.22 2.60
C GLU A 100 6.93 -7.41 1.31
N ILE A 101 6.83 -6.10 1.47
CA ILE A 101 6.73 -5.21 0.32
C ILE A 101 7.41 -3.88 0.65
N THR A 102 8.12 -3.36 -0.33
CA THR A 102 8.83 -2.11 -0.16
C THR A 102 8.62 -1.20 -1.37
N LEU A 103 7.69 -0.27 -1.23
CA LEU A 103 7.38 0.66 -2.32
C LEU A 103 8.68 1.31 -2.80
N LYS A 104 8.83 1.33 -4.11
CA LYS A 104 10.01 1.93 -4.71
C LYS A 104 9.60 3.09 -5.61
N SER A 105 8.80 2.78 -6.62
CA SER A 105 8.32 3.79 -7.55
C SER A 105 7.88 3.13 -8.85
N PRO A 106 6.87 3.76 -9.51
CA PRO A 106 6.34 3.26 -10.76
C PRO A 106 7.31 3.54 -11.91
N LEU A 107 7.80 4.77 -11.95
CA LEU A 107 8.72 5.18 -13.00
C LEU A 107 9.69 4.04 -13.28
N ASN A 5 18.56 7.03 5.50
CA ASN A 5 18.27 7.55 4.17
C ASN A 5 17.64 6.44 3.32
N ASP A 6 16.40 6.13 3.64
CA ASP A 6 15.67 5.09 2.92
C ASP A 6 14.18 5.40 2.97
N PRO A 7 13.69 6.03 1.87
CA PRO A 7 12.28 6.38 1.78
C PRO A 7 11.43 5.14 1.48
N LEU A 8 12.10 4.01 1.38
CA LEU A 8 11.42 2.75 1.11
C LEU A 8 10.12 2.70 1.92
N LEU A 9 9.11 2.10 1.32
CA LEU A 9 7.82 1.97 1.97
C LEU A 9 7.53 0.49 2.23
N HIS A 10 7.74 0.09 3.47
CA HIS A 10 7.51 -1.29 3.87
C HIS A 10 6.10 -1.43 4.45
N VAL A 11 5.39 -2.43 3.96
CA VAL A 11 4.04 -2.68 4.42
C VAL A 11 3.90 -4.15 4.83
N GLU A 12 2.78 -4.45 5.47
CA GLU A 12 2.52 -5.81 5.92
C GLU A 12 1.19 -6.31 5.36
N VAL A 13 1.12 -7.60 5.09
CA VAL A 13 -0.08 -8.21 4.56
C VAL A 13 -0.42 -9.46 5.38
N SER A 14 -1.29 -9.27 6.35
CA SER A 14 -1.70 -10.36 7.21
C SER A 14 -2.54 -11.37 6.41
N ASN A 15 -3.62 -10.84 5.83
CA ASN A 15 -4.51 -11.68 5.04
C ASN A 15 -5.08 -12.79 5.92
N GLU A 16 -6.01 -12.41 6.79
CA GLU A 16 -6.63 -13.37 7.68
C GLU A 16 -8.08 -13.63 7.25
N ASP A 17 -8.59 -14.79 7.66
CA ASP A 17 -9.95 -15.18 7.33
C ASP A 17 -10.86 -13.96 7.46
N ASN A 18 -10.86 -13.39 8.66
CA ASN A 18 -11.68 -12.22 8.93
C ASN A 18 -11.64 -11.27 7.73
N SER A 19 -10.46 -10.74 7.46
CA SER A 19 -10.27 -9.83 6.36
C SER A 19 -8.78 -9.52 6.17
N LEU A 20 -8.51 -8.56 5.32
CA LEU A 20 -7.14 -8.16 5.04
C LEU A 20 -6.66 -7.21 6.14
N HIS A 21 -5.34 -7.07 6.22
CA HIS A 21 -4.75 -6.20 7.22
C HIS A 21 -3.45 -5.61 6.67
N PHE A 22 -3.53 -4.34 6.27
CA PHE A 22 -2.37 -3.65 5.72
C PHE A 22 -1.97 -2.48 6.61
N ILE A 23 -0.69 -2.43 6.92
CA ILE A 23 -0.16 -1.37 7.77
C ILE A 23 1.09 -0.77 7.11
N LEU A 24 0.92 0.41 6.54
CA LEU A 24 2.03 1.09 5.90
C LEU A 24 2.68 2.08 6.87
N TYR A 25 3.98 1.96 7.00
CA TYR A 25 4.73 2.83 7.90
C TYR A 25 5.68 3.74 7.11
N ASN A 26 5.39 5.03 7.17
CA ASN A 26 6.20 6.02 6.47
C ASN A 26 7.54 6.17 7.20
N LYS A 27 8.49 5.32 6.83
CA LYS A 27 9.80 5.35 7.43
C LYS A 27 10.74 6.17 6.55
N THR A 28 10.17 7.15 5.87
CA THR A 28 10.94 8.02 4.99
C THR A 28 11.21 9.37 5.67
N ASN A 29 12.40 9.89 5.41
CA ASN A 29 12.79 11.17 5.98
C ASN A 29 11.65 12.17 5.79
N ILE A 30 11.22 12.30 4.54
CA ILE A 30 10.15 13.23 4.21
C ILE A 30 8.88 12.80 4.94
N ILE A 31 7.83 13.59 4.76
CA ILE A 31 6.56 13.31 5.40
C ILE A 31 5.49 13.10 4.32
N ILE A 32 4.68 12.07 4.52
CA ILE A 32 3.62 11.76 3.58
C ILE A 32 2.62 12.91 3.54
N PRO A 33 2.15 13.22 2.30
CA PRO A 33 1.19 14.29 2.11
C PRO A 33 -0.20 13.89 2.57
N GLY A 34 -0.50 12.60 2.39
CA GLY A 34 -1.80 12.07 2.79
C GLY A 34 -2.82 12.25 1.68
N ASN A 35 -4.02 11.74 1.93
CA ASN A 35 -5.10 11.83 0.96
C ASN A 35 -4.76 10.98 -0.26
N CYS A 36 -3.95 9.96 -0.02
CA CYS A 36 -3.54 9.06 -1.09
C CYS A 36 -4.72 8.15 -1.44
N THR A 37 -4.47 7.24 -2.37
CA THR A 37 -5.50 6.31 -2.80
C THR A 37 -4.87 5.02 -3.34
N PHE A 38 -4.85 4.00 -2.49
CA PHE A 38 -4.28 2.72 -2.87
C PHE A 38 -4.92 2.20 -4.16
N GLU A 39 -4.33 1.13 -4.69
CA GLU A 39 -4.83 0.53 -5.91
C GLU A 39 -4.30 -0.90 -6.05
N PHE A 40 -5.01 -1.82 -5.39
CA PHE A 40 -4.63 -3.22 -5.43
C PHE A 40 -5.70 -4.06 -6.13
N SER A 41 -5.24 -4.91 -7.04
CA SER A 41 -6.15 -5.77 -7.77
C SER A 41 -5.67 -7.22 -7.69
N SER A 42 -6.33 -8.08 -8.46
CA SER A 42 -5.99 -9.49 -8.49
C SER A 42 -6.19 -10.06 -9.90
N GLN A 43 -5.59 -11.22 -10.12
CA GLN A 43 -5.70 -11.87 -11.41
C GLN A 43 -7.07 -12.54 -11.56
N ILE A 44 -7.82 -12.50 -10.47
CA ILE A 44 -9.15 -13.10 -10.47
C ILE A 44 -10.20 -12.01 -10.20
N SER A 45 -9.88 -11.14 -9.25
CA SER A 45 -10.78 -10.05 -8.89
C SER A 45 -10.36 -8.78 -9.63
N GLU A 46 -11.14 -7.73 -9.40
CA GLU A 46 -10.87 -6.45 -10.03
C GLU A 46 -10.06 -5.55 -9.09
N VAL A 47 -9.60 -4.44 -9.64
CA VAL A 47 -8.80 -3.50 -8.86
C VAL A 47 -9.71 -2.78 -7.86
N PHE A 48 -9.08 -2.16 -6.87
CA PHE A 48 -9.82 -1.43 -5.86
C PHE A 48 -9.04 -0.22 -5.36
N SER A 49 -9.73 0.90 -5.25
CA SER A 49 -9.11 2.13 -4.79
C SER A 49 -9.73 2.57 -3.47
N ILE A 50 -8.89 2.61 -2.45
CA ILE A 50 -9.34 3.00 -1.11
C ILE A 50 -8.80 4.40 -0.81
N LYS A 51 -9.73 5.26 -0.40
CA LYS A 51 -9.37 6.63 -0.07
C LYS A 51 -8.57 6.64 1.24
N MET A 52 -7.28 6.92 1.10
CA MET A 52 -6.40 6.98 2.26
C MET A 52 -6.63 8.25 3.08
N GLY A 53 -6.61 8.08 4.39
CA GLY A 53 -6.81 9.21 5.29
C GLY A 53 -6.14 10.47 4.74
N PRO A 54 -6.81 11.63 4.99
CA PRO A 54 -6.30 12.91 4.53
C PRO A 54 -5.12 13.36 5.39
N HIS A 55 -5.11 12.86 6.62
CA HIS A 55 -4.03 13.21 7.55
C HIS A 55 -2.76 12.46 7.16
N GLU A 56 -1.64 13.16 7.30
CA GLU A 56 -0.35 12.58 6.98
C GLU A 56 -0.06 11.39 7.89
N ILE A 57 1.15 10.85 7.76
CA ILE A 57 1.56 9.71 8.55
C ILE A 57 2.64 10.16 9.55
N GLY A 58 3.83 10.38 9.02
CA GLY A 58 4.95 10.80 9.85
C GLY A 58 6.12 9.83 9.72
N ILE A 59 7.29 10.31 10.14
CA ILE A 59 8.50 9.50 10.07
C ILE A 59 8.32 8.25 10.95
N LYS A 60 7.54 8.42 12.00
CA LYS A 60 7.28 7.32 12.92
C LYS A 60 5.82 6.88 12.78
N GLY A 61 5.00 7.79 12.29
CA GLY A 61 3.59 7.50 12.10
C GLY A 61 3.39 6.31 11.16
N GLN A 62 2.17 5.78 11.18
CA GLN A 62 1.85 4.65 10.34
C GLN A 62 0.53 4.90 9.60
N LYS A 63 0.14 3.92 8.81
CA LYS A 63 -1.10 4.01 8.04
C LYS A 63 -1.78 2.65 7.99
N GLU A 64 -3.10 2.67 8.01
CA GLU A 64 -3.87 1.45 7.96
C GLU A 64 -4.65 1.36 6.65
N LEU A 65 -4.75 0.14 6.13
CA LEU A 65 -5.46 -0.08 4.89
C LEU A 65 -6.25 -1.39 4.99
N TRP A 66 -7.19 -1.40 5.92
CA TRP A 66 -8.02 -2.58 6.14
C TRP A 66 -8.93 -2.74 4.92
N PHE A 67 -8.78 -3.86 4.24
CA PHE A 67 -9.58 -4.14 3.06
C PHE A 67 -10.54 -5.31 3.32
N PHE A 68 -11.47 -5.48 2.40
CA PHE A 68 -12.45 -6.55 2.52
C PHE A 68 -12.99 -6.95 1.14
N PRO A 69 -13.58 -8.17 1.08
CA PRO A 69 -13.68 -9.01 2.27
C PRO A 69 -12.32 -9.63 2.60
N SER A 70 -11.62 -10.06 1.56
CA SER A 70 -10.31 -10.67 1.73
C SER A 70 -9.79 -11.16 0.37
N LEU A 71 -8.54 -10.83 0.12
CA LEU A 71 -7.90 -11.23 -1.13
C LEU A 71 -6.77 -12.23 -0.83
N PRO A 72 -6.43 -13.02 -1.88
CA PRO A 72 -5.38 -14.02 -1.74
C PRO A 72 -3.99 -13.37 -1.72
N THR A 73 -3.09 -13.98 -0.97
CA THR A 73 -1.74 -13.47 -0.85
C THR A 73 -0.72 -14.60 -1.04
N PRO A 74 0.54 -14.19 -1.31
CA PRO A 74 0.88 -12.78 -1.37
C PRO A 74 0.38 -12.16 -2.69
N LEU A 75 0.56 -10.85 -2.79
CA LEU A 75 0.13 -10.13 -3.98
C LEU A 75 1.30 -10.04 -4.95
N SER A 76 1.71 -11.19 -5.46
CA SER A 76 2.81 -11.25 -6.40
C SER A 76 2.33 -10.86 -7.80
N ASN A 77 3.00 -9.87 -8.37
CA ASN A 77 2.65 -9.40 -9.69
C ASN A 77 1.36 -8.58 -9.62
N TYR A 78 1.16 -7.98 -8.47
CA TYR A 78 -0.03 -7.17 -8.24
C TYR A 78 0.32 -5.68 -8.16
N THR A 79 -0.47 -4.88 -8.87
CA THR A 79 -0.25 -3.44 -8.88
C THR A 79 -0.11 -2.91 -7.44
N MET A 80 -1.19 -3.03 -6.69
CA MET A 80 -1.18 -2.58 -5.31
C MET A 80 -0.27 -1.36 -5.13
N LYS A 81 -0.35 -0.45 -6.09
CA LYS A 81 0.47 0.75 -6.06
C LYS A 81 -0.17 1.76 -5.11
N VAL A 82 0.21 3.02 -5.29
CA VAL A 82 -0.31 4.09 -4.47
C VAL A 82 -0.29 5.40 -5.26
N VAL A 83 -1.40 6.11 -5.21
CA VAL A 83 -1.51 7.38 -5.91
C VAL A 83 -1.61 8.52 -4.89
N ASN A 84 -1.66 9.74 -5.41
CA ASN A 84 -1.75 10.91 -4.56
C ASN A 84 -3.13 11.55 -4.73
N GLN A 85 -3.28 12.72 -4.13
CA GLN A 85 -4.54 13.45 -4.20
C GLN A 85 -4.76 13.99 -5.62
N ASP A 86 -3.78 13.74 -6.48
CA ASP A 86 -3.85 14.20 -7.85
C ASP A 86 -4.31 13.04 -8.74
N GLY A 87 -4.39 11.87 -8.14
CA GLY A 87 -4.81 10.68 -8.87
C GLY A 87 -3.72 10.19 -9.80
N GLU A 88 -2.55 9.96 -9.23
CA GLU A 88 -1.40 9.48 -9.99
C GLU A 88 -0.50 8.62 -9.12
N THR A 89 -0.17 7.44 -9.64
CA THR A 89 0.69 6.52 -8.92
C THR A 89 2.08 7.12 -8.73
N ILE A 90 2.41 7.39 -7.48
CA ILE A 90 3.70 7.96 -7.15
C ILE A 90 4.70 6.83 -6.86
N LEU A 91 4.17 5.76 -6.28
CA LEU A 91 5.01 4.62 -5.95
C LEU A 91 4.25 3.32 -6.29
N VAL A 92 5.00 2.23 -6.31
CA VAL A 92 4.41 0.94 -6.63
C VAL A 92 5.24 -0.16 -5.97
N GLY A 93 4.58 -0.95 -5.14
CA GLY A 93 5.25 -2.04 -4.46
C GLY A 93 5.61 -3.16 -5.43
N LYS A 94 6.89 -3.53 -5.40
CA LYS A 94 7.38 -4.58 -6.27
C LYS A 94 6.39 -5.75 -6.25
N CYS A 95 5.68 -5.86 -5.14
CA CYS A 95 4.71 -6.93 -4.98
C CYS A 95 5.37 -8.25 -5.40
N ALA A 96 6.37 -8.64 -4.64
CA ALA A 96 7.09 -9.87 -4.92
C ALA A 96 6.24 -11.06 -4.45
N ASP A 97 6.86 -12.24 -4.49
CA ASP A 97 6.19 -13.45 -4.08
C ASP A 97 6.20 -13.55 -2.55
N SER A 98 5.72 -12.50 -1.91
CA SER A 98 5.66 -12.46 -0.46
C SER A 98 4.83 -11.26 0.00
N ASN A 99 4.43 -11.32 1.26
CA ASN A 99 3.62 -10.25 1.84
C ASN A 99 4.45 -8.97 1.90
N GLU A 100 5.75 -9.14 2.09
CA GLU A 100 6.65 -8.02 2.18
C GLU A 100 6.60 -7.20 0.88
N ILE A 101 6.55 -5.89 1.04
CA ILE A 101 6.49 -4.99 -0.10
C ILE A 101 7.30 -3.72 0.22
N THR A 102 8.31 -3.48 -0.61
CA THR A 102 9.15 -2.32 -0.44
C THR A 102 9.15 -1.46 -1.71
N LEU A 103 8.14 -0.60 -1.80
CA LEU A 103 8.01 0.27 -2.95
C LEU A 103 9.40 0.77 -3.37
N LYS A 104 9.55 0.97 -4.68
CA LYS A 104 10.82 1.44 -5.22
C LYS A 104 10.57 2.65 -6.11
N SER A 105 9.60 2.51 -7.00
CA SER A 105 9.25 3.58 -7.91
C SER A 105 8.59 3.01 -9.17
N PRO A 106 7.65 3.80 -9.74
CA PRO A 106 6.95 3.38 -10.94
C PRO A 106 7.84 3.50 -12.18
N LEU A 107 8.10 4.74 -12.55
CA LEU A 107 8.94 5.01 -13.72
C LEU A 107 10.07 5.96 -13.31
N ASN A 5 19.50 9.06 2.11
CA ASN A 5 18.12 8.96 2.55
C ASN A 5 17.55 7.62 2.12
N ASP A 6 16.39 7.28 2.69
CA ASP A 6 15.73 6.03 2.37
C ASP A 6 14.22 6.26 2.33
N PRO A 7 13.72 6.59 1.11
CA PRO A 7 12.29 6.83 0.92
C PRO A 7 11.51 5.51 0.93
N LEU A 8 12.25 4.42 0.87
CA LEU A 8 11.64 3.10 0.88
C LEU A 8 10.45 3.10 1.86
N LEU A 9 9.41 2.40 1.46
CA LEU A 9 8.21 2.30 2.29
C LEU A 9 7.81 0.84 2.43
N HIS A 10 8.08 0.30 3.61
CA HIS A 10 7.76 -1.09 3.89
C HIS A 10 6.24 -1.25 4.02
N VAL A 11 5.79 -2.50 3.93
CA VAL A 11 4.37 -2.78 4.04
C VAL A 11 4.19 -4.25 4.45
N GLU A 12 3.43 -4.45 5.51
CA GLU A 12 3.18 -5.79 6.01
C GLU A 12 1.83 -6.30 5.49
N VAL A 13 1.85 -7.55 5.05
CA VAL A 13 0.63 -8.16 4.52
C VAL A 13 0.12 -9.21 5.52
N SER A 14 -0.88 -8.80 6.28
CA SER A 14 -1.48 -9.68 7.27
C SER A 14 -2.26 -10.80 6.58
N ASN A 15 -3.26 -10.38 5.83
CA ASN A 15 -4.10 -11.33 5.12
C ASN A 15 -4.65 -12.37 6.09
N GLU A 16 -5.54 -11.89 6.97
CA GLU A 16 -6.13 -12.77 7.96
C GLU A 16 -7.49 -13.30 7.45
N ASP A 17 -7.89 -14.43 8.02
CA ASP A 17 -9.15 -15.03 7.65
C ASP A 17 -10.26 -13.99 7.74
N ASN A 18 -10.12 -13.10 8.71
CA ASN A 18 -11.10 -12.05 8.92
C ASN A 18 -11.06 -11.08 7.74
N SER A 19 -9.86 -10.62 7.43
CA SER A 19 -9.67 -9.69 6.32
C SER A 19 -8.20 -9.30 6.21
N LEU A 20 -7.92 -8.42 5.26
CA LEU A 20 -6.56 -7.96 5.04
C LEU A 20 -6.19 -6.95 6.13
N HIS A 21 -4.95 -6.48 6.05
CA HIS A 21 -4.46 -5.51 7.02
C HIS A 21 -3.05 -5.08 6.63
N PHE A 22 -2.99 -4.08 5.77
CA PHE A 22 -1.70 -3.56 5.32
C PHE A 22 -1.29 -2.32 6.13
N ILE A 23 -0.03 -2.32 6.54
CA ILE A 23 0.50 -1.21 7.32
C ILE A 23 1.78 -0.70 6.67
N LEU A 24 1.69 0.49 6.09
CA LEU A 24 2.83 1.09 5.44
C LEU A 24 3.47 2.12 6.38
N TYR A 25 4.78 1.98 6.54
CA TYR A 25 5.52 2.89 7.40
C TYR A 25 6.31 3.91 6.58
N ASN A 26 5.90 5.16 6.70
CA ASN A 26 6.56 6.24 5.98
C ASN A 26 7.97 6.43 6.54
N LYS A 27 8.84 5.49 6.23
CA LYS A 27 10.21 5.55 6.70
C LYS A 27 11.05 6.36 5.71
N THR A 28 10.57 7.57 5.43
CA THR A 28 11.27 8.45 4.51
C THR A 28 11.66 9.76 5.21
N ASN A 29 12.23 10.67 4.43
CA ASN A 29 12.65 11.95 4.96
C ASN A 29 11.42 12.82 5.19
N ILE A 30 10.69 13.06 4.13
CA ILE A 30 9.48 13.88 4.20
C ILE A 30 8.34 13.04 4.79
N ILE A 31 7.16 13.66 4.85
CA ILE A 31 6.00 12.98 5.38
C ILE A 31 4.91 12.92 4.30
N ILE A 32 4.20 11.81 4.30
CA ILE A 32 3.14 11.61 3.33
C ILE A 32 2.32 12.90 3.19
N PRO A 33 1.89 13.18 1.93
CA PRO A 33 1.11 14.38 1.66
C PRO A 33 -0.34 14.20 2.15
N GLY A 34 -0.85 12.99 1.96
CA GLY A 34 -2.21 12.68 2.38
C GLY A 34 -3.16 12.73 1.19
N ASN A 35 -4.31 12.08 1.36
CA ASN A 35 -5.32 12.05 0.31
C ASN A 35 -4.95 10.97 -0.70
N CYS A 36 -4.06 10.08 -0.28
CA CYS A 36 -3.62 8.99 -1.13
C CYS A 36 -4.82 8.06 -1.38
N THR A 37 -4.61 7.13 -2.30
CA THR A 37 -5.66 6.17 -2.64
C THR A 37 -5.04 4.88 -3.18
N PHE A 38 -4.96 3.90 -2.31
CA PHE A 38 -4.39 2.61 -2.68
C PHE A 38 -5.05 2.07 -3.95
N GLU A 39 -4.48 0.99 -4.46
CA GLU A 39 -5.00 0.37 -5.67
C GLU A 39 -4.28 -0.95 -5.94
N PHE A 40 -4.93 -2.04 -5.56
CA PHE A 40 -4.36 -3.36 -5.75
C PHE A 40 -5.31 -4.24 -6.58
N SER A 41 -4.70 -5.04 -7.45
CA SER A 41 -5.47 -5.94 -8.30
C SER A 41 -6.00 -7.12 -7.47
N SER A 42 -7.02 -7.75 -8.00
CA SER A 42 -7.63 -8.89 -7.34
C SER A 42 -8.08 -9.93 -8.37
N GLN A 43 -8.96 -10.82 -7.93
CA GLN A 43 -9.48 -11.85 -8.81
C GLN A 43 -10.05 -11.24 -10.08
N ILE A 44 -10.69 -12.09 -10.88
CA ILE A 44 -11.29 -11.64 -12.13
C ILE A 44 -11.99 -10.30 -11.90
N SER A 45 -12.43 -10.11 -10.67
CA SER A 45 -13.13 -8.87 -10.32
C SER A 45 -12.32 -7.66 -10.81
N GLU A 46 -12.90 -6.49 -10.61
CA GLU A 46 -12.25 -5.26 -11.02
C GLU A 46 -11.43 -4.68 -9.87
N VAL A 47 -10.36 -3.99 -10.24
CA VAL A 47 -9.49 -3.38 -9.25
C VAL A 47 -10.32 -2.52 -8.30
N PHE A 48 -9.67 -2.04 -7.25
CA PHE A 48 -10.33 -1.21 -6.26
C PHE A 48 -9.39 -0.13 -5.72
N SER A 49 -9.97 0.87 -5.10
CA SER A 49 -9.20 1.97 -4.54
C SER A 49 -9.75 2.34 -3.16
N ILE A 50 -8.88 2.31 -2.18
CA ILE A 50 -9.25 2.64 -0.82
C ILE A 50 -8.76 4.06 -0.48
N LYS A 51 -9.51 4.72 0.37
CA LYS A 51 -9.16 6.08 0.78
C LYS A 51 -8.08 6.01 1.86
N MET A 52 -6.98 6.68 1.59
CA MET A 52 -5.87 6.71 2.52
C MET A 52 -5.96 7.92 3.44
N GLY A 53 -7.14 8.52 3.46
CA GLY A 53 -7.37 9.69 4.30
C GLY A 53 -6.41 10.82 3.95
N PRO A 54 -6.88 12.08 4.20
CA PRO A 54 -6.07 13.25 3.91
C PRO A 54 -4.97 13.42 4.95
N HIS A 55 -5.14 12.73 6.06
CA HIS A 55 -4.15 12.79 7.14
C HIS A 55 -2.81 12.25 6.65
N GLU A 56 -1.75 12.76 7.25
CA GLU A 56 -0.41 12.35 6.89
C GLU A 56 0.00 11.12 7.71
N ILE A 57 1.06 10.48 7.25
CA ILE A 57 1.57 9.29 7.94
C ILE A 57 2.58 9.71 9.01
N GLY A 58 3.85 9.68 8.62
CA GLY A 58 4.92 10.05 9.53
C GLY A 58 5.88 8.88 9.75
N ILE A 59 7.01 9.20 10.38
CA ILE A 59 8.02 8.20 10.65
C ILE A 59 7.42 7.11 11.54
N LYS A 60 6.66 7.55 12.54
CA LYS A 60 6.02 6.62 13.46
C LYS A 60 4.51 6.60 13.20
N GLY A 61 4.07 7.58 12.42
CA GLY A 61 2.66 7.69 12.09
C GLY A 61 2.29 6.74 10.95
N GLN A 62 2.70 5.49 11.10
CA GLN A 62 2.42 4.49 10.09
C GLN A 62 0.98 4.64 9.57
N LYS A 63 0.73 3.99 8.45
CA LYS A 63 -0.60 4.04 7.84
C LYS A 63 -1.19 2.63 7.79
N GLU A 64 -2.49 2.57 7.54
CA GLU A 64 -3.18 1.30 7.46
C GLU A 64 -4.10 1.27 6.25
N LEU A 65 -4.21 0.09 5.65
CA LEU A 65 -5.05 -0.08 4.48
C LEU A 65 -5.77 -1.43 4.57
N TRP A 66 -6.58 -1.56 5.61
CA TRP A 66 -7.33 -2.79 5.82
C TRP A 66 -8.44 -2.86 4.77
N PHE A 67 -8.42 -3.94 4.01
CA PHE A 67 -9.43 -4.13 2.97
C PHE A 67 -10.24 -5.40 3.23
N PHE A 68 -11.27 -5.57 2.42
CA PHE A 68 -12.14 -6.73 2.55
C PHE A 68 -12.69 -7.16 1.18
N PRO A 69 -13.19 -8.43 1.14
CA PRO A 69 -13.20 -9.27 2.31
C PRO A 69 -11.79 -9.80 2.60
N SER A 70 -11.14 -10.28 1.54
CA SER A 70 -9.80 -10.82 1.67
C SER A 70 -9.32 -11.34 0.33
N LEU A 71 -8.03 -11.68 0.28
CA LEU A 71 -7.43 -12.18 -0.95
C LEU A 71 -6.23 -13.06 -0.60
N PRO A 72 -5.83 -13.91 -1.57
CA PRO A 72 -4.70 -14.81 -1.38
C PRO A 72 -3.38 -14.04 -1.45
N THR A 73 -2.44 -14.48 -0.63
CA THR A 73 -1.13 -13.84 -0.59
C THR A 73 -0.02 -14.88 -0.79
N PRO A 74 1.21 -14.37 -1.08
CA PRO A 74 1.41 -12.94 -1.18
C PRO A 74 0.84 -12.39 -2.49
N LEU A 75 1.05 -11.10 -2.70
CA LEU A 75 0.57 -10.45 -3.91
C LEU A 75 1.71 -10.36 -4.92
N SER A 76 2.19 -11.52 -5.33
CA SER A 76 3.27 -11.60 -6.30
C SER A 76 2.74 -11.27 -7.69
N ASN A 77 3.30 -10.22 -8.28
CA ASN A 77 2.89 -9.80 -9.60
C ASN A 77 1.58 -9.01 -9.51
N TYR A 78 1.51 -8.18 -8.48
CA TYR A 78 0.33 -7.36 -8.26
C TYR A 78 0.67 -5.88 -8.29
N THR A 79 -0.24 -5.10 -8.85
CA THR A 79 -0.05 -3.66 -8.95
C THR A 79 0.12 -3.05 -7.56
N MET A 80 -0.88 -3.28 -6.73
CA MET A 80 -0.87 -2.76 -5.37
C MET A 80 -0.02 -1.49 -5.28
N LYS A 81 -0.42 -0.50 -6.06
CA LYS A 81 0.29 0.77 -6.07
C LYS A 81 -0.38 1.75 -5.11
N VAL A 82 0.01 3.00 -5.22
CA VAL A 82 -0.54 4.04 -4.37
C VAL A 82 -0.52 5.38 -5.11
N VAL A 83 -1.65 6.07 -5.05
CA VAL A 83 -1.77 7.36 -5.70
C VAL A 83 -1.84 8.46 -4.65
N ASN A 84 -1.81 9.70 -5.13
CA ASN A 84 -1.87 10.84 -4.24
C ASN A 84 -3.21 11.55 -4.41
N GLN A 85 -3.27 12.77 -3.93
CA GLN A 85 -4.49 13.57 -4.02
C GLN A 85 -4.87 13.79 -5.48
N ASP A 86 -3.93 13.49 -6.36
CA ASP A 86 -4.15 13.64 -7.79
C ASP A 86 -4.40 12.28 -8.41
N GLY A 87 -4.84 11.34 -7.58
CA GLY A 87 -5.12 10.00 -8.04
C GLY A 87 -4.02 9.50 -8.97
N GLU A 88 -2.84 10.05 -8.78
CA GLU A 88 -1.69 9.68 -9.60
C GLU A 88 -0.72 8.82 -8.78
N THR A 89 -0.36 7.67 -9.34
CA THR A 89 0.56 6.77 -8.67
C THR A 89 1.85 7.50 -8.30
N ILE A 90 2.29 7.26 -7.08
CA ILE A 90 3.51 7.88 -6.59
C ILE A 90 4.56 6.81 -6.33
N LEU A 91 4.11 5.70 -5.75
CA LEU A 91 5.01 4.61 -5.45
C LEU A 91 4.33 3.28 -5.83
N VAL A 92 5.11 2.21 -5.77
CA VAL A 92 4.60 0.90 -6.11
C VAL A 92 5.40 -0.17 -5.37
N GLY A 93 4.69 -1.18 -4.90
CA GLY A 93 5.34 -2.27 -4.17
C GLY A 93 5.90 -3.32 -5.14
N LYS A 94 7.10 -3.76 -4.83
CA LYS A 94 7.76 -4.76 -5.65
C LYS A 94 7.01 -6.09 -5.54
N CYS A 95 6.53 -6.37 -4.33
CA CYS A 95 5.80 -7.60 -4.09
C CYS A 95 6.47 -8.73 -4.87
N ALA A 96 7.43 -9.36 -4.21
CA ALA A 96 8.16 -10.46 -4.83
C ALA A 96 7.91 -11.75 -4.03
N ASP A 97 6.77 -12.36 -4.32
CA ASP A 97 6.40 -13.59 -3.64
C ASP A 97 6.78 -13.49 -2.17
N SER A 98 6.36 -12.38 -1.55
CA SER A 98 6.65 -12.15 -0.14
C SER A 98 5.64 -11.16 0.44
N ASN A 99 5.17 -11.48 1.63
CA ASN A 99 4.20 -10.64 2.31
C ASN A 99 4.79 -9.23 2.48
N GLU A 100 6.08 -9.20 2.74
CA GLU A 100 6.77 -7.94 2.93
C GLU A 100 6.88 -7.18 1.60
N ILE A 101 6.58 -5.90 1.66
CA ILE A 101 6.63 -5.06 0.47
C ILE A 101 7.29 -3.72 0.83
N THR A 102 8.21 -3.31 -0.04
CA THR A 102 8.92 -2.06 0.17
C THR A 102 8.78 -1.15 -1.06
N LEU A 103 7.71 -0.39 -1.07
CA LEU A 103 7.44 0.51 -2.18
C LEU A 103 8.76 1.17 -2.61
N LYS A 104 9.00 1.14 -3.91
CA LYS A 104 10.20 1.73 -4.47
C LYS A 104 9.82 2.87 -5.42
N SER A 105 9.07 2.52 -6.44
CA SER A 105 8.62 3.50 -7.42
C SER A 105 8.23 2.79 -8.72
N PRO A 106 7.38 3.50 -9.52
CA PRO A 106 6.92 2.95 -10.79
C PRO A 106 8.02 3.02 -11.85
N LEU A 107 8.44 4.24 -12.13
CA LEU A 107 9.49 4.46 -13.12
C LEU A 107 10.65 5.20 -12.47
N ASN A 5 19.43 6.30 5.77
CA ASN A 5 18.53 6.70 4.71
C ASN A 5 17.73 5.49 4.23
N ASP A 6 16.42 5.63 4.29
CA ASP A 6 15.53 4.55 3.88
C ASP A 6 14.29 5.15 3.19
N PRO A 7 14.51 5.62 1.92
CA PRO A 7 13.42 6.21 1.16
C PRO A 7 12.47 5.14 0.64
N LEU A 8 12.80 3.89 0.97
CA LEU A 8 11.97 2.77 0.54
C LEU A 8 10.69 2.72 1.38
N LEU A 9 9.64 2.24 0.76
CA LEU A 9 8.36 2.14 1.43
C LEU A 9 8.01 0.66 1.66
N HIS A 10 8.26 0.22 2.88
CA HIS A 10 7.99 -1.17 3.24
C HIS A 10 6.56 -1.28 3.78
N VAL A 11 5.84 -2.27 3.26
CA VAL A 11 4.48 -2.50 3.68
C VAL A 11 4.35 -3.91 4.23
N GLU A 12 3.25 -4.14 4.93
CA GLU A 12 2.99 -5.45 5.52
C GLU A 12 1.59 -5.93 5.16
N VAL A 13 1.47 -7.24 5.02
CA VAL A 13 0.19 -7.85 4.68
C VAL A 13 -0.22 -8.84 5.77
N SER A 14 -1.20 -8.44 6.55
CA SER A 14 -1.68 -9.27 7.64
C SER A 14 -2.50 -10.44 7.07
N ASN A 15 -3.57 -10.09 6.38
CA ASN A 15 -4.44 -11.10 5.78
C ASN A 15 -4.86 -12.11 6.86
N GLU A 16 -5.47 -11.57 7.91
CA GLU A 16 -5.93 -12.42 9.01
C GLU A 16 -6.98 -11.68 9.84
N ASP A 17 -7.38 -12.31 10.93
CA ASP A 17 -8.37 -11.73 11.81
C ASP A 17 -9.75 -11.78 11.13
N ASN A 18 -9.83 -12.62 10.11
CA ASN A 18 -11.07 -12.76 9.36
C ASN A 18 -11.18 -11.64 8.33
N SER A 19 -10.03 -11.05 8.03
CA SER A 19 -9.99 -9.97 7.06
C SER A 19 -8.54 -9.62 6.74
N LEU A 20 -8.38 -8.52 6.02
CA LEU A 20 -7.04 -8.06 5.63
C LEU A 20 -6.58 -6.97 6.59
N HIS A 21 -5.29 -6.69 6.54
CA HIS A 21 -4.71 -5.67 7.39
C HIS A 21 -3.32 -5.29 6.87
N PHE A 22 -3.28 -4.15 6.20
CA PHE A 22 -2.03 -3.66 5.65
C PHE A 22 -1.50 -2.45 6.44
N ILE A 23 -0.19 -2.42 6.60
CA ILE A 23 0.44 -1.34 7.33
C ILE A 23 1.64 -0.81 6.53
N LEU A 24 1.61 0.49 6.27
CA LEU A 24 2.68 1.13 5.51
C LEU A 24 3.32 2.22 6.37
N TYR A 25 4.64 2.33 6.25
CA TYR A 25 5.37 3.32 7.00
C TYR A 25 6.26 4.16 6.08
N ASN A 26 6.32 5.45 6.37
CA ASN A 26 7.12 6.37 5.59
C ASN A 26 8.53 6.44 6.17
N LYS A 27 9.21 5.31 6.11
CA LYS A 27 10.57 5.23 6.62
C LYS A 27 11.45 6.25 5.90
N THR A 28 10.94 6.75 4.79
CA THR A 28 11.65 7.74 4.00
C THR A 28 12.03 8.94 4.87
N ASN A 29 12.43 10.00 4.20
CA ASN A 29 12.83 11.22 4.90
C ASN A 29 11.68 12.21 4.88
N ILE A 30 11.26 12.56 3.67
CA ILE A 30 10.15 13.49 3.50
C ILE A 30 8.90 12.93 4.16
N ILE A 31 8.02 13.83 4.58
CA ILE A 31 6.79 13.43 5.22
C ILE A 31 5.75 13.12 4.15
N ILE A 32 4.86 12.18 4.49
CA ILE A 32 3.81 11.79 3.57
C ILE A 32 2.84 12.95 3.37
N PRO A 33 2.41 13.13 2.10
CA PRO A 33 1.48 14.20 1.76
C PRO A 33 0.07 13.86 2.22
N GLY A 34 -0.20 12.57 2.31
CA GLY A 34 -1.51 12.10 2.74
C GLY A 34 -2.51 12.13 1.57
N ASN A 35 -3.74 11.75 1.89
CA ASN A 35 -4.80 11.73 0.89
C ASN A 35 -4.37 10.84 -0.28
N CYS A 36 -3.93 9.64 0.07
CA CYS A 36 -3.48 8.69 -0.93
C CYS A 36 -4.66 7.77 -1.26
N THR A 37 -4.42 6.85 -2.18
CA THR A 37 -5.44 5.90 -2.60
C THR A 37 -4.79 4.60 -3.08
N PHE A 38 -4.74 3.63 -2.19
CA PHE A 38 -4.15 2.34 -2.51
C PHE A 38 -4.80 1.74 -3.77
N GLU A 39 -4.08 0.83 -4.38
CA GLU A 39 -4.58 0.17 -5.59
C GLU A 39 -4.15 -1.30 -5.61
N PHE A 40 -4.84 -2.09 -4.79
CA PHE A 40 -4.55 -3.51 -4.71
C PHE A 40 -5.67 -4.34 -5.34
N SER A 41 -5.28 -5.13 -6.34
CA SER A 41 -6.24 -5.97 -7.03
C SER A 41 -6.00 -7.44 -6.68
N SER A 42 -6.82 -8.30 -7.26
CA SER A 42 -6.72 -9.73 -7.01
C SER A 42 -6.44 -10.46 -8.32
N GLN A 43 -7.15 -10.05 -9.36
CA GLN A 43 -7.00 -10.65 -10.67
C GLN A 43 -7.23 -9.62 -11.76
N ILE A 44 -6.84 -9.99 -12.98
CA ILE A 44 -7.01 -9.11 -14.12
C ILE A 44 -8.43 -8.53 -14.12
N SER A 45 -9.33 -9.27 -13.48
CA SER A 45 -10.72 -8.85 -13.41
C SER A 45 -10.79 -7.33 -13.20
N GLU A 46 -10.51 -6.93 -11.96
CA GLU A 46 -10.55 -5.52 -11.61
C GLU A 46 -9.71 -5.26 -10.36
N VAL A 47 -9.58 -3.99 -10.02
CA VAL A 47 -8.82 -3.60 -8.84
C VAL A 47 -9.71 -2.78 -7.91
N PHE A 48 -9.19 -2.53 -6.71
CA PHE A 48 -9.93 -1.78 -5.72
C PHE A 48 -9.06 -0.68 -5.11
N SER A 49 -9.66 0.49 -4.95
CA SER A 49 -8.96 1.62 -4.38
C SER A 49 -9.61 2.04 -3.05
N ILE A 50 -8.78 2.10 -2.01
CA ILE A 50 -9.26 2.48 -0.70
C ILE A 50 -8.82 3.91 -0.40
N LYS A 51 -9.80 4.73 -0.05
CA LYS A 51 -9.52 6.13 0.27
C LYS A 51 -8.72 6.20 1.56
N MET A 52 -7.46 6.60 1.42
CA MET A 52 -6.58 6.71 2.57
C MET A 52 -6.81 8.04 3.30
N GLY A 53 -6.87 7.94 4.62
CA GLY A 53 -7.09 9.11 5.45
C GLY A 53 -6.33 10.32 4.89
N PRO A 54 -6.96 11.52 5.05
CA PRO A 54 -6.36 12.75 4.58
C PRO A 54 -5.21 13.19 5.48
N HIS A 55 -5.23 12.68 6.70
CA HIS A 55 -4.19 13.01 7.67
C HIS A 55 -2.88 12.37 7.24
N GLU A 56 -1.83 13.19 7.20
CA GLU A 56 -0.52 12.72 6.82
C GLU A 56 -0.03 11.65 7.81
N ILE A 57 0.84 10.78 7.31
CA ILE A 57 1.39 9.71 8.13
C ILE A 57 2.34 10.31 9.16
N GLY A 58 3.59 10.48 8.73
CA GLY A 58 4.61 11.04 9.60
C GLY A 58 5.61 9.96 10.03
N ILE A 59 6.55 10.38 10.87
CA ILE A 59 7.57 9.47 11.35
C ILE A 59 6.94 8.09 11.60
N LYS A 60 6.48 7.90 12.82
CA LYS A 60 5.86 6.63 13.19
C LYS A 60 4.35 6.71 12.93
N GLY A 61 3.99 7.60 12.03
CA GLY A 61 2.59 7.79 11.68
C GLY A 61 2.14 6.77 10.63
N GLN A 62 2.53 5.52 10.87
CA GLN A 62 2.18 4.44 9.96
C GLN A 62 0.74 4.61 9.47
N LYS A 63 0.44 3.93 8.38
CA LYS A 63 -0.89 3.98 7.79
C LYS A 63 -1.49 2.58 7.74
N GLU A 64 -2.81 2.53 7.79
CA GLU A 64 -3.51 1.25 7.75
C GLU A 64 -4.41 1.19 6.52
N LEU A 65 -4.34 0.06 5.82
CA LEU A 65 -5.15 -0.14 4.63
C LEU A 65 -5.94 -1.44 4.76
N TRP A 66 -6.70 -1.52 5.85
CA TRP A 66 -7.51 -2.70 6.11
C TRP A 66 -8.61 -2.75 5.04
N PHE A 67 -8.86 -3.96 4.55
CA PHE A 67 -9.89 -4.16 3.54
C PHE A 67 -10.75 -5.38 3.88
N PHE A 68 -11.87 -5.48 3.18
CA PHE A 68 -12.79 -6.59 3.38
C PHE A 68 -13.33 -7.11 2.06
N PRO A 69 -13.60 -8.44 2.03
CA PRO A 69 -13.38 -9.27 3.19
C PRO A 69 -11.89 -9.55 3.39
N SER A 70 -11.27 -10.05 2.34
CA SER A 70 -9.85 -10.35 2.38
C SER A 70 -9.38 -10.90 1.03
N LEU A 71 -8.07 -10.87 0.84
CA LEU A 71 -7.49 -11.36 -0.41
C LEU A 71 -6.38 -12.36 -0.10
N PRO A 72 -6.06 -13.20 -1.11
CA PRO A 72 -5.02 -14.21 -0.96
C PRO A 72 -3.63 -13.57 -1.00
N THR A 73 -2.73 -14.14 -0.21
CA THR A 73 -1.38 -13.64 -0.14
C THR A 73 -0.38 -14.78 -0.42
N PRO A 74 0.86 -14.37 -0.79
CA PRO A 74 1.18 -12.96 -0.92
C PRO A 74 0.57 -12.36 -2.19
N LEU A 75 0.64 -11.04 -2.27
CA LEU A 75 0.09 -10.34 -3.42
C LEU A 75 1.15 -10.26 -4.52
N SER A 76 1.50 -11.43 -5.05
CA SER A 76 2.49 -11.50 -6.10
C SER A 76 1.85 -11.19 -7.46
N ASN A 77 2.47 -10.23 -8.16
CA ASN A 77 1.98 -9.82 -9.46
C ASN A 77 0.75 -8.94 -9.27
N TYR A 78 0.65 -8.36 -8.08
CA TYR A 78 -0.47 -7.48 -7.77
C TYR A 78 -0.03 -6.00 -7.80
N THR A 79 -0.86 -5.20 -8.45
CA THR A 79 -0.58 -3.78 -8.56
C THR A 79 -0.28 -3.19 -7.19
N MET A 80 -1.26 -3.28 -6.31
CA MET A 80 -1.12 -2.76 -4.96
C MET A 80 -0.24 -1.51 -4.94
N LYS A 81 -0.44 -0.68 -5.95
CA LYS A 81 0.34 0.55 -6.07
C LYS A 81 -0.14 1.55 -5.01
N VAL A 82 0.39 2.76 -5.09
CA VAL A 82 0.03 3.80 -4.15
C VAL A 82 -0.01 5.15 -4.89
N VAL A 83 -1.17 5.78 -4.84
CA VAL A 83 -1.34 7.07 -5.49
C VAL A 83 -1.48 8.16 -4.43
N ASN A 84 -1.47 9.40 -4.90
CA ASN A 84 -1.59 10.54 -4.00
C ASN A 84 -2.96 11.19 -4.19
N GLN A 85 -3.03 12.47 -3.85
CA GLN A 85 -4.27 13.22 -3.99
C GLN A 85 -4.50 13.60 -5.45
N ASP A 86 -3.53 13.27 -6.28
CA ASP A 86 -3.60 13.57 -7.70
C ASP A 86 -3.90 12.29 -8.47
N GLY A 87 -4.21 11.24 -7.73
CA GLY A 87 -4.52 9.94 -8.32
C GLY A 87 -3.35 9.45 -9.18
N GLU A 88 -2.20 10.08 -8.97
CA GLU A 88 -1.01 9.70 -9.72
C GLU A 88 -0.15 8.73 -8.90
N THR A 89 -0.01 7.53 -9.44
CA THR A 89 0.77 6.50 -8.77
C THR A 89 2.14 7.04 -8.38
N ILE A 90 2.25 7.47 -7.13
CA ILE A 90 3.50 8.02 -6.63
C ILE A 90 4.55 6.90 -6.57
N LEU A 91 4.08 5.72 -6.22
CA LEU A 91 4.96 4.56 -6.11
C LEU A 91 4.18 3.30 -6.50
N VAL A 92 4.93 2.21 -6.63
CA VAL A 92 4.32 0.93 -7.00
C VAL A 92 5.11 -0.19 -6.33
N GLY A 93 4.40 -0.94 -5.50
CA GLY A 93 5.01 -2.06 -4.79
C GLY A 93 5.31 -3.22 -5.74
N LYS A 94 6.56 -3.63 -5.74
CA LYS A 94 6.99 -4.72 -6.61
C LYS A 94 6.02 -5.90 -6.46
N CYS A 95 5.39 -5.95 -5.29
CA CYS A 95 4.44 -7.02 -5.01
C CYS A 95 5.08 -8.35 -5.38
N ALA A 96 6.18 -8.66 -4.70
CA ALA A 96 6.89 -9.90 -4.96
C ALA A 96 6.09 -11.07 -4.39
N ASP A 97 6.68 -12.26 -4.50
CA ASP A 97 6.03 -13.46 -4.00
C ASP A 97 6.21 -13.53 -2.48
N SER A 98 5.77 -12.47 -1.81
CA SER A 98 5.87 -12.40 -0.36
C SER A 98 5.06 -11.23 0.17
N ASN A 99 4.54 -11.40 1.38
CA ASN A 99 3.74 -10.36 2.00
C ASN A 99 4.54 -9.05 2.04
N GLU A 100 5.85 -9.21 1.91
CA GLU A 100 6.74 -8.05 1.93
C GLU A 100 6.61 -7.26 0.63
N ILE A 101 6.66 -5.95 0.77
CA ILE A 101 6.54 -5.06 -0.39
C ILE A 101 7.40 -3.81 -0.15
N THR A 102 8.35 -3.61 -1.05
CA THR A 102 9.23 -2.46 -0.95
C THR A 102 9.18 -1.63 -2.24
N LEU A 103 8.20 -0.74 -2.28
CA LEU A 103 8.03 0.11 -3.45
C LEU A 103 9.39 0.55 -3.97
N LYS A 104 9.45 0.82 -5.26
CA LYS A 104 10.68 1.26 -5.89
C LYS A 104 10.42 2.51 -6.72
N SER A 105 9.41 2.42 -7.57
CA SER A 105 9.05 3.54 -8.42
C SER A 105 8.27 3.04 -9.64
N PRO A 106 7.32 3.90 -10.10
CA PRO A 106 6.50 3.55 -11.26
C PRO A 106 7.30 3.68 -12.55
N LEU A 107 7.93 4.83 -12.70
CA LEU A 107 8.73 5.09 -13.89
C LEU A 107 10.07 5.72 -13.47
N ASN A 5 16.69 6.59 5.23
CA ASN A 5 17.37 7.34 4.20
C ASN A 5 17.09 6.72 2.84
N ASP A 6 15.94 6.06 2.75
CA ASP A 6 15.55 5.41 1.50
C ASP A 6 14.05 5.63 1.28
N PRO A 7 13.67 5.71 -0.02
CA PRO A 7 12.28 5.92 -0.39
C PRO A 7 11.47 4.63 -0.20
N LEU A 8 12.18 3.58 0.16
CA LEU A 8 11.54 2.29 0.37
C LEU A 8 10.42 2.44 1.40
N LEU A 9 9.26 1.89 1.06
CA LEU A 9 8.11 1.95 1.94
C LEU A 9 7.73 0.53 2.37
N HIS A 10 8.09 0.22 3.62
CA HIS A 10 7.79 -1.09 4.16
C HIS A 10 6.28 -1.24 4.34
N VAL A 11 5.82 -2.48 4.17
CA VAL A 11 4.40 -2.77 4.31
C VAL A 11 4.23 -4.16 4.91
N GLU A 12 3.03 -4.41 5.43
CA GLU A 12 2.73 -5.69 6.03
C GLU A 12 1.36 -6.19 5.55
N VAL A 13 1.34 -7.45 5.15
CA VAL A 13 0.11 -8.06 4.68
C VAL A 13 -0.38 -9.08 5.71
N SER A 14 -1.49 -8.75 6.35
CA SER A 14 -2.07 -9.63 7.35
C SER A 14 -2.83 -10.76 6.67
N ASN A 15 -3.92 -10.40 6.00
CA ASN A 15 -4.73 -11.39 5.32
C ASN A 15 -5.27 -12.40 6.32
N GLU A 16 -6.10 -11.89 7.24
CA GLU A 16 -6.69 -12.74 8.25
C GLU A 16 -8.01 -13.33 7.75
N ASP A 17 -8.30 -14.53 8.24
CA ASP A 17 -9.52 -15.21 7.84
C ASP A 17 -10.71 -14.26 7.99
N ASN A 18 -10.53 -13.28 8.86
CA ASN A 18 -11.57 -12.29 9.10
C ASN A 18 -11.61 -11.30 7.94
N SER A 19 -10.46 -10.70 7.67
CA SER A 19 -10.34 -9.73 6.59
C SER A 19 -8.88 -9.41 6.33
N LEU A 20 -8.66 -8.46 5.43
CA LEU A 20 -7.32 -8.05 5.08
C LEU A 20 -6.84 -6.98 6.06
N HIS A 21 -5.58 -6.58 5.89
CA HIS A 21 -5.00 -5.56 6.76
C HIS A 21 -3.60 -5.21 6.25
N PHE A 22 -3.49 -4.03 5.67
CA PHE A 22 -2.22 -3.55 5.15
C PHE A 22 -1.69 -2.38 5.97
N ILE A 23 -0.52 -2.59 6.57
CA ILE A 23 0.11 -1.56 7.38
C ILE A 23 1.38 -1.08 6.69
N LEU A 24 1.28 0.10 6.10
CA LEU A 24 2.42 0.69 5.41
C LEU A 24 3.07 1.75 6.30
N TYR A 25 4.38 1.63 6.44
CA TYR A 25 5.13 2.57 7.25
C TYR A 25 5.87 3.59 6.39
N ASN A 26 5.51 4.85 6.59
CA ASN A 26 6.13 5.93 5.83
C ASN A 26 7.61 6.02 6.20
N LYS A 27 8.38 5.08 5.67
CA LYS A 27 9.81 5.05 5.93
C LYS A 27 10.55 5.83 4.84
N THR A 28 10.27 7.13 4.81
CA THR A 28 10.91 8.00 3.84
C THR A 28 11.23 9.36 4.47
N ASN A 29 12.14 10.07 3.81
CA ASN A 29 12.55 11.39 4.29
C ASN A 29 11.34 12.32 4.29
N ILE A 30 10.70 12.41 3.14
CA ILE A 30 9.52 13.26 2.98
C ILE A 30 8.36 12.66 3.77
N ILE A 31 7.35 13.49 4.01
CA ILE A 31 6.19 13.05 4.74
C ILE A 31 4.96 13.10 3.81
N ILE A 32 4.13 12.07 3.94
CA ILE A 32 2.93 11.98 3.12
C ILE A 32 2.11 13.26 3.29
N PRO A 33 1.59 13.76 2.14
CA PRO A 33 0.79 14.97 2.15
C PRO A 33 -0.62 14.69 2.70
N GLY A 34 -1.04 13.45 2.55
CA GLY A 34 -2.35 13.04 3.03
C GLY A 34 -3.36 13.03 1.89
N ASN A 35 -4.43 12.26 2.10
CA ASN A 35 -5.48 12.15 1.10
C ASN A 35 -4.97 11.30 -0.07
N CYS A 36 -4.24 10.25 0.27
CA CYS A 36 -3.69 9.36 -0.74
C CYS A 36 -4.69 8.23 -0.96
N THR A 37 -4.28 7.28 -1.78
CA THR A 37 -5.13 6.13 -2.09
C THR A 37 -4.27 4.93 -2.51
N PHE A 38 -4.84 3.75 -2.34
CA PHE A 38 -4.15 2.52 -2.70
C PHE A 38 -4.77 1.89 -3.94
N GLU A 39 -4.09 0.87 -4.45
CA GLU A 39 -4.56 0.17 -5.64
C GLU A 39 -3.88 -1.20 -5.74
N PHE A 40 -4.56 -2.21 -5.20
CA PHE A 40 -4.04 -3.56 -5.24
C PHE A 40 -4.91 -4.47 -6.11
N SER A 41 -4.24 -5.24 -6.95
CA SER A 41 -4.94 -6.14 -7.85
C SER A 41 -5.03 -7.54 -7.22
N SER A 42 -5.55 -8.47 -7.99
CA SER A 42 -5.71 -9.84 -7.52
C SER A 42 -6.19 -10.74 -8.67
N GLN A 43 -6.56 -11.95 -8.30
CA GLN A 43 -7.05 -12.91 -9.27
C GLN A 43 -8.43 -12.50 -9.79
N ILE A 44 -9.04 -11.56 -9.06
CA ILE A 44 -10.36 -11.08 -9.43
C ILE A 44 -10.28 -10.38 -10.79
N SER A 45 -9.06 -10.06 -11.17
CA SER A 45 -8.83 -9.39 -12.44
C SER A 45 -8.93 -7.88 -12.26
N GLU A 46 -10.10 -7.44 -11.81
CA GLU A 46 -10.33 -6.03 -11.59
C GLU A 46 -9.51 -5.53 -10.40
N VAL A 47 -9.50 -4.21 -10.24
CA VAL A 47 -8.75 -3.60 -9.15
C VAL A 47 -9.68 -2.69 -8.35
N PHE A 48 -9.16 -2.20 -7.23
CA PHE A 48 -9.93 -1.32 -6.37
C PHE A 48 -9.02 -0.31 -5.67
N SER A 49 -9.58 0.86 -5.40
CA SER A 49 -8.83 1.91 -4.73
C SER A 49 -9.50 2.26 -3.40
N ILE A 50 -8.69 2.25 -2.36
CA ILE A 50 -9.19 2.55 -1.02
C ILE A 50 -8.80 3.99 -0.66
N LYS A 51 -9.79 4.75 -0.23
CA LYS A 51 -9.57 6.13 0.16
C LYS A 51 -8.80 6.17 1.47
N MET A 52 -7.59 6.70 1.39
CA MET A 52 -6.74 6.81 2.57
C MET A 52 -6.99 8.12 3.31
N GLY A 53 -6.89 8.05 4.63
CA GLY A 53 -7.11 9.23 5.45
C GLY A 53 -6.44 10.45 4.84
N PRO A 54 -7.07 11.64 5.07
CA PRO A 54 -6.56 12.89 4.55
C PRO A 54 -5.34 13.35 5.35
N HIS A 55 -5.19 12.79 6.54
CA HIS A 55 -4.09 13.13 7.40
C HIS A 55 -2.80 12.52 6.85
N GLU A 56 -1.72 12.71 7.60
CA GLU A 56 -0.42 12.18 7.20
C GLU A 56 -0.06 10.96 8.04
N ILE A 57 1.05 10.34 7.67
CA ILE A 57 1.51 9.16 8.38
C ILE A 57 2.69 9.53 9.27
N GLY A 58 3.86 9.58 8.66
CA GLY A 58 5.07 9.93 9.39
C GLY A 58 5.97 8.70 9.57
N ILE A 59 7.25 8.97 9.82
CA ILE A 59 8.21 7.91 10.01
C ILE A 59 7.67 6.91 11.05
N LYS A 60 7.48 7.41 12.26
CA LYS A 60 6.97 6.58 13.34
C LYS A 60 5.52 6.20 13.04
N GLY A 61 4.85 7.08 12.32
CA GLY A 61 3.46 6.86 11.97
C GLY A 61 3.33 5.71 10.97
N GLN A 62 2.14 5.11 10.95
CA GLN A 62 1.88 4.00 10.05
C GLN A 62 0.60 4.25 9.25
N LYS A 63 0.35 3.38 8.29
CA LYS A 63 -0.83 3.51 7.45
C LYS A 63 -1.69 2.26 7.62
N GLU A 64 -2.93 2.36 7.16
CA GLU A 64 -3.87 1.25 7.26
C GLU A 64 -4.77 1.21 6.02
N LEU A 65 -4.77 0.06 5.36
CA LEU A 65 -5.58 -0.12 4.17
C LEU A 65 -6.27 -1.48 4.23
N TRP A 66 -7.07 -1.66 5.27
CA TRP A 66 -7.80 -2.90 5.45
C TRP A 66 -8.91 -2.97 4.40
N PHE A 67 -9.02 -4.13 3.78
CA PHE A 67 -10.04 -4.33 2.76
C PHE A 67 -10.89 -5.56 3.08
N PHE A 68 -12.01 -5.66 2.36
CA PHE A 68 -12.92 -6.77 2.55
C PHE A 68 -13.42 -7.31 1.21
N PRO A 69 -13.87 -8.60 1.23
CA PRO A 69 -13.84 -9.37 2.45
C PRO A 69 -12.42 -9.82 2.79
N SER A 70 -11.70 -10.22 1.76
CA SER A 70 -10.33 -10.68 1.92
C SER A 70 -9.79 -11.25 0.61
N LEU A 71 -8.52 -11.00 0.37
CA LEU A 71 -7.88 -11.49 -0.85
C LEU A 71 -6.80 -12.50 -0.48
N PRO A 72 -6.43 -13.34 -1.49
CA PRO A 72 -5.41 -14.35 -1.28
C PRO A 72 -4.02 -13.72 -1.25
N THR A 73 -3.15 -14.35 -0.47
CA THR A 73 -1.78 -13.86 -0.34
C THR A 73 -0.78 -15.00 -0.54
N PRO A 74 0.50 -14.61 -0.77
CA PRO A 74 0.86 -13.21 -0.81
C PRO A 74 0.40 -12.56 -2.12
N LEU A 75 0.73 -11.28 -2.26
CA LEU A 75 0.35 -10.54 -3.45
C LEU A 75 1.56 -10.41 -4.37
N SER A 76 2.17 -11.55 -4.66
CA SER A 76 3.35 -11.57 -5.53
C SER A 76 2.93 -11.40 -6.98
N ASN A 77 3.55 -10.43 -7.63
CA ASN A 77 3.25 -10.14 -9.02
C ASN A 77 1.99 -9.28 -9.10
N TYR A 78 1.79 -8.47 -8.07
CA TYR A 78 0.64 -7.60 -8.01
C TYR A 78 1.05 -6.13 -8.20
N THR A 79 0.04 -5.30 -8.42
CA THR A 79 0.28 -3.87 -8.62
C THR A 79 0.49 -3.18 -7.27
N MET A 80 -0.52 -3.27 -6.42
CA MET A 80 -0.45 -2.66 -5.11
C MET A 80 0.49 -1.45 -5.11
N LYS A 81 -0.03 -0.34 -5.61
CA LYS A 81 0.75 0.88 -5.68
C LYS A 81 0.16 1.91 -4.72
N VAL A 82 0.67 3.14 -4.83
CA VAL A 82 0.19 4.22 -3.98
C VAL A 82 0.01 5.48 -4.83
N VAL A 83 -1.08 6.18 -4.55
CA VAL A 83 -1.37 7.41 -5.27
C VAL A 83 -1.50 8.57 -4.28
N ASN A 84 -0.94 9.70 -4.67
CA ASN A 84 -0.98 10.88 -3.84
C ASN A 84 -2.37 11.51 -3.92
N GLN A 85 -2.47 12.71 -3.35
CA GLN A 85 -3.74 13.43 -3.35
C GLN A 85 -3.97 14.10 -4.71
N ASP A 86 -3.05 13.83 -5.62
CA ASP A 86 -3.15 14.40 -6.97
C ASP A 86 -3.78 13.37 -7.90
N GLY A 87 -4.05 12.20 -7.35
CA GLY A 87 -4.67 11.13 -8.13
C GLY A 87 -3.74 10.66 -9.23
N GLU A 88 -2.53 10.28 -8.83
CA GLU A 88 -1.54 9.80 -9.78
C GLU A 88 -0.50 8.94 -9.06
N THR A 89 -0.38 7.70 -9.53
CA THR A 89 0.56 6.76 -8.96
C THR A 89 1.92 7.43 -8.74
N ILE A 90 2.29 7.55 -7.47
CA ILE A 90 3.56 8.17 -7.12
C ILE A 90 4.60 7.08 -6.87
N LEU A 91 4.16 6.03 -6.18
CA LEU A 91 5.04 4.92 -5.87
C LEU A 91 4.35 3.61 -6.23
N VAL A 92 5.13 2.53 -6.22
CA VAL A 92 4.62 1.22 -6.55
C VAL A 92 5.44 0.16 -5.83
N GLY A 93 4.75 -0.64 -5.03
CA GLY A 93 5.40 -1.71 -4.29
C GLY A 93 5.83 -2.85 -5.21
N LYS A 94 7.12 -3.12 -5.20
CA LYS A 94 7.67 -4.18 -6.04
C LYS A 94 6.78 -5.42 -5.92
N CYS A 95 6.12 -5.53 -4.78
CA CYS A 95 5.23 -6.65 -4.53
C CYS A 95 5.98 -7.94 -4.89
N ALA A 96 6.89 -8.33 -4.00
CA ALA A 96 7.68 -9.52 -4.20
C ALA A 96 6.95 -10.72 -3.58
N ASP A 97 7.61 -11.87 -3.64
CA ASP A 97 7.04 -13.08 -3.09
C ASP A 97 7.14 -13.05 -1.56
N SER A 98 6.48 -12.06 -0.98
CA SER A 98 6.48 -11.90 0.46
C SER A 98 5.46 -10.84 0.88
N ASN A 99 4.92 -11.01 2.08
CA ASN A 99 3.94 -10.08 2.60
C ASN A 99 4.56 -8.68 2.69
N GLU A 100 5.89 -8.66 2.72
CA GLU A 100 6.61 -7.41 2.81
C GLU A 100 6.66 -6.72 1.45
N ILE A 101 6.67 -5.40 1.48
CA ILE A 101 6.72 -4.62 0.26
C ILE A 101 7.50 -3.33 0.50
N THR A 102 8.29 -2.95 -0.49
CA THR A 102 9.10 -1.75 -0.39
C THR A 102 9.03 -0.95 -1.69
N LEU A 103 8.12 0.02 -1.72
CA LEU A 103 7.95 0.86 -2.88
C LEU A 103 9.31 1.38 -3.34
N LYS A 104 9.39 1.68 -4.63
CA LYS A 104 10.63 2.18 -5.20
C LYS A 104 10.33 3.47 -6.00
N SER A 105 9.77 3.28 -7.18
CA SER A 105 9.42 4.39 -8.03
C SER A 105 9.15 3.91 -9.45
N PRO A 106 8.04 4.44 -10.04
CA PRO A 106 7.66 4.06 -11.39
C PRO A 106 8.56 4.73 -12.42
N LEU A 107 8.40 6.03 -12.56
CA LEU A 107 9.19 6.79 -13.51
C LEU A 107 10.35 7.46 -12.76
N ASN A 5 16.89 7.93 5.25
CA ASN A 5 17.79 7.77 4.13
C ASN A 5 17.25 6.68 3.20
N ASP A 6 15.97 6.37 3.38
CA ASP A 6 15.33 5.35 2.57
C ASP A 6 13.82 5.58 2.57
N PRO A 7 13.32 6.12 1.43
CA PRO A 7 11.90 6.40 1.29
C PRO A 7 11.11 5.11 1.07
N LEU A 8 11.84 4.00 1.02
CA LEU A 8 11.22 2.71 0.82
C LEU A 8 9.93 2.63 1.62
N LEU A 9 8.95 1.94 1.05
CA LEU A 9 7.66 1.78 1.70
C LEU A 9 7.43 0.30 2.02
N HIS A 10 7.69 -0.04 3.27
CA HIS A 10 7.51 -1.42 3.71
C HIS A 10 6.13 -1.58 4.35
N VAL A 11 5.43 -2.62 3.91
CA VAL A 11 4.10 -2.89 4.43
C VAL A 11 4.06 -4.33 4.97
N GLU A 12 3.00 -4.62 5.71
CA GLU A 12 2.82 -5.94 6.29
C GLU A 12 1.50 -6.54 5.82
N VAL A 13 1.59 -7.72 5.21
CA VAL A 13 0.41 -8.41 4.72
C VAL A 13 0.09 -9.58 5.65
N SER A 14 -0.98 -9.41 6.42
CA SER A 14 -1.40 -10.44 7.36
C SER A 14 -2.22 -11.51 6.62
N ASN A 15 -3.32 -11.06 6.04
CA ASN A 15 -4.19 -11.95 5.30
C ASN A 15 -4.73 -13.02 6.26
N GLU A 16 -5.59 -12.58 7.15
CA GLU A 16 -6.19 -13.49 8.12
C GLU A 16 -7.64 -13.79 7.75
N ASP A 17 -8.15 -14.87 8.32
CA ASP A 17 -9.52 -15.28 8.06
C ASP A 17 -10.42 -14.04 8.03
N ASN A 18 -10.45 -13.34 9.16
CA ASN A 18 -11.26 -12.14 9.27
C ASN A 18 -11.17 -11.34 7.96
N SER A 19 -9.97 -10.88 7.67
CA SER A 19 -9.73 -10.11 6.47
C SER A 19 -8.27 -9.72 6.36
N LEU A 20 -7.96 -8.92 5.35
CA LEU A 20 -6.60 -8.47 5.12
C LEU A 20 -6.25 -7.38 6.14
N HIS A 21 -4.96 -7.26 6.42
CA HIS A 21 -4.49 -6.27 7.37
C HIS A 21 -3.17 -5.69 6.88
N PHE A 22 -3.27 -4.59 6.14
CA PHE A 22 -2.09 -3.94 5.60
C PHE A 22 -1.70 -2.73 6.46
N ILE A 23 -0.41 -2.65 6.75
CA ILE A 23 0.10 -1.55 7.57
C ILE A 23 1.27 -0.89 6.83
N LEU A 24 1.11 0.40 6.58
CA LEU A 24 2.13 1.16 5.89
C LEU A 24 2.83 2.10 6.89
N TYR A 25 4.13 1.89 7.03
CA TYR A 25 4.92 2.70 7.94
C TYR A 25 5.85 3.64 7.18
N ASN A 26 5.35 4.84 6.95
CA ASN A 26 6.12 5.85 6.22
C ASN A 26 7.46 6.04 6.93
N LYS A 27 8.46 5.34 6.42
CA LYS A 27 9.80 5.43 6.98
C LYS A 27 10.68 6.25 6.04
N THR A 28 10.05 7.15 5.32
CA THR A 28 10.77 8.00 4.37
C THR A 28 11.28 9.25 5.08
N ASN A 29 11.87 10.15 4.30
CA ASN A 29 12.39 11.40 4.83
C ASN A 29 11.29 12.46 4.83
N ILE A 30 10.73 12.68 3.65
CA ILE A 30 9.68 13.67 3.51
C ILE A 30 8.49 13.27 4.39
N ILE A 31 7.39 13.98 4.20
CA ILE A 31 6.18 13.72 4.97
C ILE A 31 5.02 13.45 4.02
N ILE A 32 4.41 12.28 4.18
CA ILE A 32 3.29 11.90 3.36
C ILE A 32 2.38 13.10 3.14
N PRO A 33 1.91 13.25 1.87
CA PRO A 33 1.03 14.35 1.51
C PRO A 33 -0.38 14.12 2.05
N GLY A 34 -0.71 12.85 2.25
CA GLY A 34 -2.02 12.48 2.74
C GLY A 34 -3.07 12.56 1.63
N ASN A 35 -4.25 12.03 1.94
CA ASN A 35 -5.33 12.02 0.98
C ASN A 35 -4.94 11.18 -0.24
N CYS A 36 -4.22 10.11 0.03
CA CYS A 36 -3.78 9.22 -1.02
C CYS A 36 -4.84 8.13 -1.22
N THR A 37 -4.54 7.20 -2.11
CA THR A 37 -5.45 6.12 -2.40
C THR A 37 -4.69 4.89 -2.91
N PHE A 38 -4.97 3.76 -2.28
CA PHE A 38 -4.31 2.52 -2.66
C PHE A 38 -4.96 1.90 -3.90
N GLU A 39 -4.41 0.78 -4.32
CA GLU A 39 -4.93 0.09 -5.49
C GLU A 39 -4.30 -1.30 -5.62
N PHE A 40 -5.02 -2.29 -5.14
CA PHE A 40 -4.54 -3.67 -5.20
C PHE A 40 -5.51 -4.55 -5.99
N SER A 41 -4.96 -5.16 -7.04
CA SER A 41 -5.76 -6.04 -7.88
C SER A 41 -5.47 -7.50 -7.54
N SER A 42 -6.51 -8.30 -7.62
CA SER A 42 -6.39 -9.72 -7.32
C SER A 42 -6.83 -10.55 -8.53
N GLN A 43 -8.01 -10.24 -9.02
CA GLN A 43 -8.56 -10.94 -10.17
C GLN A 43 -8.45 -10.08 -11.42
N ILE A 44 -8.76 -10.69 -12.55
CA ILE A 44 -8.69 -9.98 -13.83
C ILE A 44 -10.02 -9.24 -14.05
N SER A 45 -10.86 -9.27 -13.03
CA SER A 45 -12.15 -8.61 -13.11
C SER A 45 -11.96 -7.09 -13.09
N GLU A 46 -11.56 -6.58 -11.93
CA GLU A 46 -11.33 -5.16 -11.76
C GLU A 46 -10.50 -4.89 -10.51
N VAL A 47 -10.14 -3.63 -10.33
CA VAL A 47 -9.36 -3.22 -9.18
C VAL A 47 -10.11 -2.17 -8.39
N PHE A 48 -9.80 -2.10 -7.10
CA PHE A 48 -10.45 -1.14 -6.22
C PHE A 48 -9.41 -0.24 -5.54
N SER A 49 -9.87 0.93 -5.13
CA SER A 49 -9.01 1.89 -4.47
C SER A 49 -9.64 2.34 -3.14
N ILE A 50 -8.86 2.20 -2.08
CA ILE A 50 -9.32 2.59 -0.76
C ILE A 50 -8.80 3.99 -0.43
N LYS A 51 -9.72 4.84 0.00
CA LYS A 51 -9.38 6.21 0.35
C LYS A 51 -8.50 6.20 1.59
N MET A 52 -7.30 6.75 1.44
CA MET A 52 -6.35 6.81 2.54
C MET A 52 -6.55 8.10 3.36
N GLY A 53 -6.44 7.94 4.67
CA GLY A 53 -6.60 9.08 5.57
C GLY A 53 -5.93 10.32 5.01
N PRO A 54 -6.57 11.49 5.26
CA PRO A 54 -6.04 12.76 4.78
C PRO A 54 -4.84 13.20 5.62
N HIS A 55 -4.80 12.71 6.85
CA HIS A 55 -3.71 13.05 7.76
C HIS A 55 -2.40 12.52 7.19
N GLU A 56 -1.31 13.03 7.73
CA GLU A 56 0.02 12.62 7.30
C GLU A 56 0.61 11.61 8.27
N ILE A 57 1.07 10.49 7.72
CA ILE A 57 1.66 9.44 8.53
C ILE A 57 2.82 10.01 9.32
N GLY A 58 3.91 10.27 8.61
CA GLY A 58 5.11 10.82 9.24
C GLY A 58 6.19 9.75 9.37
N ILE A 59 7.37 10.19 9.78
CA ILE A 59 8.49 9.28 9.96
C ILE A 59 8.12 8.23 11.01
N LYS A 60 7.73 8.72 12.18
CA LYS A 60 7.35 7.84 13.27
C LYS A 60 5.84 7.63 13.25
N GLY A 61 5.30 7.55 12.05
CA GLY A 61 3.87 7.37 11.89
C GLY A 61 3.58 6.14 11.00
N GLN A 62 2.48 5.48 11.30
CA GLN A 62 2.07 4.31 10.54
C GLN A 62 0.71 4.53 9.91
N LYS A 63 0.33 3.60 9.04
CA LYS A 63 -0.95 3.68 8.34
C LYS A 63 -1.56 2.29 8.26
N GLU A 64 -2.89 2.25 8.25
CA GLU A 64 -3.61 0.99 8.17
C GLU A 64 -4.40 0.92 6.86
N LEU A 65 -4.59 -0.29 6.40
CA LEU A 65 -5.33 -0.52 5.16
C LEU A 65 -5.99 -1.90 5.20
N TRP A 66 -6.97 -2.02 6.07
CA TRP A 66 -7.68 -3.28 6.22
C TRP A 66 -8.62 -3.44 5.02
N PHE A 67 -8.40 -4.51 4.27
CA PHE A 67 -9.21 -4.79 3.09
C PHE A 67 -10.05 -6.05 3.29
N PHE A 68 -11.27 -6.00 2.78
CA PHE A 68 -12.16 -7.13 2.89
C PHE A 68 -12.74 -7.51 1.53
N PRO A 69 -13.25 -8.77 1.45
CA PRO A 69 -13.23 -9.67 2.59
C PRO A 69 -11.81 -10.21 2.83
N SER A 70 -11.11 -10.45 1.73
CA SER A 70 -9.76 -10.97 1.81
C SER A 70 -9.35 -11.57 0.46
N LEU A 71 -8.20 -11.11 -0.04
CA LEU A 71 -7.69 -11.59 -1.31
C LEU A 71 -6.62 -12.65 -1.06
N PRO A 72 -6.23 -13.33 -2.16
CA PRO A 72 -5.21 -14.37 -2.07
C PRO A 72 -3.82 -13.75 -1.91
N THR A 73 -3.01 -14.43 -1.12
CA THR A 73 -1.65 -13.97 -0.86
C THR A 73 -0.65 -15.11 -1.05
N PRO A 74 0.64 -14.73 -1.22
CA PRO A 74 1.01 -13.32 -1.21
C PRO A 74 0.60 -12.64 -2.51
N LEU A 75 0.68 -11.32 -2.49
CA LEU A 75 0.32 -10.54 -3.67
C LEU A 75 1.55 -10.38 -4.57
N SER A 76 2.23 -11.49 -4.78
CA SER A 76 3.42 -11.49 -5.62
C SER A 76 3.05 -11.20 -7.07
N ASN A 77 3.53 -10.06 -7.55
CA ASN A 77 3.26 -9.66 -8.92
C ASN A 77 1.90 -8.96 -8.98
N TYR A 78 1.64 -8.15 -7.97
CA TYR A 78 0.39 -7.43 -7.88
C TYR A 78 0.63 -5.91 -7.95
N THR A 79 -0.36 -5.21 -8.49
CA THR A 79 -0.27 -3.77 -8.62
C THR A 79 -0.04 -3.13 -7.24
N MET A 80 -1.03 -3.29 -6.38
CA MET A 80 -0.94 -2.73 -5.04
C MET A 80 -0.21 -1.38 -5.05
N LYS A 81 -0.39 -0.66 -6.14
CA LYS A 81 0.24 0.64 -6.28
C LYS A 81 -0.45 1.65 -5.37
N VAL A 82 0.00 2.89 -5.47
CA VAL A 82 -0.57 3.96 -4.65
C VAL A 82 -0.63 5.24 -5.47
N VAL A 83 -1.73 5.95 -5.34
CA VAL A 83 -1.93 7.20 -6.06
C VAL A 83 -2.04 8.34 -5.06
N ASN A 84 -1.65 9.52 -5.52
CA ASN A 84 -1.69 10.72 -4.69
C ASN A 84 -3.03 11.42 -4.87
N GLN A 85 -3.14 12.59 -4.26
CA GLN A 85 -4.35 13.38 -4.36
C GLN A 85 -4.45 14.05 -5.74
N ASP A 86 -3.42 13.81 -6.54
CA ASP A 86 -3.39 14.38 -7.88
C ASP A 86 -3.95 13.37 -8.88
N GLY A 87 -4.15 12.16 -8.39
CA GLY A 87 -4.69 11.10 -9.23
C GLY A 87 -3.63 10.58 -10.21
N GLU A 88 -2.45 10.31 -9.67
CA GLU A 88 -1.36 9.81 -10.48
C GLU A 88 -0.39 9.00 -9.62
N THR A 89 -0.38 7.69 -9.87
CA THR A 89 0.49 6.79 -9.13
C THR A 89 1.85 7.45 -8.89
N ILE A 90 2.22 7.49 -7.61
CA ILE A 90 3.49 8.08 -7.22
C ILE A 90 4.52 6.97 -6.99
N LEU A 91 4.03 5.88 -6.42
CA LEU A 91 4.91 4.74 -6.13
C LEU A 91 4.21 3.46 -6.57
N VAL A 92 4.99 2.39 -6.65
CA VAL A 92 4.47 1.10 -7.06
C VAL A 92 5.20 -0.01 -6.30
N GLY A 93 4.44 -0.77 -5.53
CA GLY A 93 5.00 -1.86 -4.75
C GLY A 93 5.34 -3.04 -5.64
N LYS A 94 6.51 -3.61 -5.41
CA LYS A 94 6.96 -4.76 -6.18
C LYS A 94 6.30 -6.02 -5.64
N CYS A 95 6.00 -6.00 -4.35
CA CYS A 95 5.37 -7.12 -3.71
C CYS A 95 5.99 -8.41 -4.25
N ALA A 96 7.07 -8.83 -3.60
CA ALA A 96 7.77 -10.03 -4.02
C ALA A 96 7.01 -11.26 -3.52
N ASP A 97 7.71 -12.38 -3.48
CA ASP A 97 7.12 -13.62 -3.02
C ASP A 97 7.13 -13.66 -1.49
N SER A 98 6.49 -12.65 -0.90
CA SER A 98 6.41 -12.55 0.55
C SER A 98 5.46 -11.42 0.95
N ASN A 99 5.09 -11.43 2.22
CA ASN A 99 4.19 -10.42 2.74
C ASN A 99 4.88 -9.05 2.68
N GLU A 100 6.19 -9.09 2.51
CA GLU A 100 6.98 -7.87 2.43
C GLU A 100 6.76 -7.18 1.09
N ILE A 101 6.69 -5.86 1.14
CA ILE A 101 6.48 -5.07 -0.06
C ILE A 101 7.20 -3.72 0.08
N THR A 102 8.18 -3.52 -0.77
CA THR A 102 8.95 -2.28 -0.75
C THR A 102 8.82 -1.54 -2.08
N LEU A 103 8.17 -0.38 -2.02
CA LEU A 103 7.97 0.42 -3.21
C LEU A 103 9.32 0.96 -3.70
N LYS A 104 9.45 1.06 -5.01
CA LYS A 104 10.67 1.56 -5.61
C LYS A 104 10.35 2.78 -6.49
N SER A 105 9.29 2.65 -7.26
CA SER A 105 8.88 3.72 -8.15
C SER A 105 8.11 3.15 -9.34
N PRO A 106 7.25 4.03 -9.93
CA PRO A 106 6.45 3.62 -11.08
C PRO A 106 7.31 3.54 -12.35
N LEU A 107 8.07 4.59 -12.58
CA LEU A 107 8.94 4.66 -13.74
C LEU A 107 10.38 4.88 -13.29
N ASN A 5 18.66 4.90 6.43
CA ASN A 5 17.75 6.02 6.31
C ASN A 5 17.25 6.13 4.86
N ASP A 6 16.68 5.03 4.39
CA ASP A 6 16.17 4.99 3.03
C ASP A 6 14.67 5.29 3.05
N PRO A 7 14.19 5.86 1.92
CA PRO A 7 12.78 6.21 1.79
C PRO A 7 11.92 4.95 1.56
N LEU A 8 12.61 3.82 1.52
CA LEU A 8 11.93 2.55 1.30
C LEU A 8 10.62 2.53 2.08
N LEU A 9 9.62 1.91 1.48
CA LEU A 9 8.31 1.81 2.11
C LEU A 9 7.99 0.35 2.41
N HIS A 10 8.19 -0.04 3.65
CA HIS A 10 7.92 -1.41 4.07
C HIS A 10 6.48 -1.53 4.56
N VAL A 11 5.78 -2.50 4.01
CA VAL A 11 4.39 -2.73 4.39
C VAL A 11 4.25 -4.15 4.95
N GLU A 12 3.11 -4.39 5.56
CA GLU A 12 2.83 -5.69 6.15
C GLU A 12 1.48 -6.23 5.66
N VAL A 13 1.48 -7.50 5.29
CA VAL A 13 0.28 -8.14 4.80
C VAL A 13 -0.23 -9.15 5.84
N SER A 14 -1.34 -8.79 6.47
CA SER A 14 -1.93 -9.64 7.48
C SER A 14 -2.73 -10.78 6.82
N ASN A 15 -3.78 -10.39 6.12
CA ASN A 15 -4.63 -11.36 5.44
C ASN A 15 -5.27 -12.28 6.47
N GLU A 16 -6.21 -11.72 7.21
CA GLU A 16 -6.92 -12.47 8.23
C GLU A 16 -8.18 -13.12 7.64
N ASP A 17 -8.51 -14.29 8.17
CA ASP A 17 -9.69 -15.01 7.71
C ASP A 17 -10.89 -14.07 7.72
N ASN A 18 -10.90 -13.19 8.71
CA ASN A 18 -12.00 -12.24 8.85
C ASN A 18 -11.96 -11.26 7.67
N SER A 19 -10.78 -10.76 7.40
CA SER A 19 -10.58 -9.82 6.31
C SER A 19 -9.10 -9.50 6.12
N LEU A 20 -8.84 -8.55 5.24
CA LEU A 20 -7.46 -8.16 4.96
C LEU A 20 -7.04 -7.07 5.96
N HIS A 21 -5.73 -6.89 6.07
CA HIS A 21 -5.18 -5.90 6.97
C HIS A 21 -3.75 -5.55 6.55
N PHE A 22 -3.63 -4.42 5.89
CA PHE A 22 -2.33 -3.96 5.43
C PHE A 22 -1.88 -2.72 6.20
N ILE A 23 -0.65 -2.79 6.72
CA ILE A 23 -0.09 -1.69 7.48
C ILE A 23 1.18 -1.18 6.77
N LEU A 24 1.13 0.08 6.39
CA LEU A 24 2.27 0.69 5.71
C LEU A 24 2.88 1.76 6.62
N TYR A 25 4.21 1.81 6.61
CA TYR A 25 4.92 2.77 7.43
C TYR A 25 5.90 3.57 6.58
N ASN A 26 5.64 4.87 6.48
CA ASN A 26 6.49 5.76 5.71
C ASN A 26 7.84 5.90 6.41
N LYS A 27 8.66 4.87 6.27
CA LYS A 27 9.98 4.88 6.89
C LYS A 27 10.93 5.73 6.05
N THR A 28 10.52 6.97 5.81
CA THR A 28 11.32 7.89 5.03
C THR A 28 11.59 9.17 5.82
N ASN A 29 12.14 10.16 5.12
CA ASN A 29 12.45 11.43 5.75
C ASN A 29 11.28 12.40 5.51
N ILE A 30 10.92 12.54 4.25
CA ILE A 30 9.83 13.43 3.88
C ILE A 30 8.57 13.01 4.62
N ILE A 31 7.56 13.87 4.54
CA ILE A 31 6.29 13.60 5.19
C ILE A 31 5.24 13.20 4.15
N ILE A 32 4.18 12.59 4.64
CA ILE A 32 3.11 12.15 3.76
C ILE A 32 2.04 13.26 3.67
N PRO A 33 1.55 13.49 2.43
CA PRO A 33 0.54 14.50 2.21
C PRO A 33 -0.83 14.02 2.69
N GLY A 34 -0.99 12.71 2.75
CA GLY A 34 -2.23 12.12 3.19
C GLY A 34 -3.32 12.24 2.12
N ASN A 35 -4.35 11.43 2.25
CA ASN A 35 -5.45 11.44 1.31
C ASN A 35 -5.06 10.62 0.08
N CYS A 36 -4.11 9.72 0.27
CA CYS A 36 -3.65 8.87 -0.81
C CYS A 36 -4.76 7.89 -1.15
N THR A 37 -4.46 7.02 -2.11
CA THR A 37 -5.42 6.02 -2.54
C THR A 37 -4.72 4.80 -3.12
N PHE A 38 -4.73 3.72 -2.33
CA PHE A 38 -4.08 2.48 -2.75
C PHE A 38 -4.70 1.95 -4.04
N GLU A 39 -4.08 0.91 -4.57
CA GLU A 39 -4.57 0.30 -5.80
C GLU A 39 -3.87 -1.04 -6.04
N PHE A 40 -4.50 -2.09 -5.54
CA PHE A 40 -3.95 -3.43 -5.70
C PHE A 40 -4.87 -4.31 -6.55
N SER A 41 -4.25 -5.21 -7.30
CA SER A 41 -4.99 -6.12 -8.16
C SER A 41 -5.71 -7.17 -7.31
N SER A 42 -6.42 -8.04 -8.01
CA SER A 42 -7.16 -9.10 -7.33
C SER A 42 -7.40 -10.27 -8.30
N GLN A 43 -7.98 -11.33 -7.75
CA GLN A 43 -8.27 -12.52 -8.56
C GLN A 43 -9.72 -12.51 -9.01
N ILE A 44 -9.92 -12.91 -10.26
CA ILE A 44 -11.25 -12.95 -10.83
C ILE A 44 -12.04 -11.73 -10.36
N SER A 45 -11.32 -10.65 -10.14
CA SER A 45 -11.94 -9.41 -9.69
C SER A 45 -11.25 -8.21 -10.34
N GLU A 46 -11.84 -7.04 -10.14
CA GLU A 46 -11.29 -5.82 -10.70
C GLU A 46 -10.53 -5.04 -9.62
N VAL A 47 -9.42 -4.45 -10.05
CA VAL A 47 -8.61 -3.66 -9.13
C VAL A 47 -9.49 -2.70 -8.35
N PHE A 48 -9.07 -2.40 -7.14
CA PHE A 48 -9.81 -1.50 -6.27
C PHE A 48 -8.88 -0.48 -5.61
N SER A 49 -9.40 0.73 -5.45
CA SER A 49 -8.63 1.80 -4.82
C SER A 49 -9.26 2.19 -3.49
N ILE A 50 -8.46 2.08 -2.44
CA ILE A 50 -8.94 2.43 -1.11
C ILE A 50 -8.40 3.81 -0.72
N LYS A 51 -9.31 4.66 -0.29
CA LYS A 51 -8.94 6.01 0.11
C LYS A 51 -8.10 5.94 1.39
N MET A 52 -6.80 6.04 1.21
CA MET A 52 -5.88 5.99 2.33
C MET A 52 -6.22 7.08 3.37
N GLY A 53 -5.88 6.79 4.61
CA GLY A 53 -6.15 7.73 5.69
C GLY A 53 -5.99 9.17 5.22
N PRO A 54 -6.91 10.04 5.71
CA PRO A 54 -6.88 11.45 5.35
C PRO A 54 -5.75 12.18 6.08
N HIS A 55 -5.33 11.60 7.20
CA HIS A 55 -4.27 12.19 7.99
C HIS A 55 -2.92 11.92 7.32
N GLU A 56 -1.88 12.53 7.87
CA GLU A 56 -0.55 12.36 7.33
C GLU A 56 0.30 11.49 8.27
N ILE A 57 0.84 10.42 7.70
CA ILE A 57 1.67 9.51 8.47
C ILE A 57 2.67 10.31 9.29
N GLY A 58 3.60 10.94 8.59
CA GLY A 58 4.62 11.74 9.23
C GLY A 58 5.91 10.93 9.44
N ILE A 59 7.01 11.64 9.61
CA ILE A 59 8.29 11.01 9.81
C ILE A 59 8.14 9.84 10.77
N LYS A 60 8.32 8.64 10.24
CA LYS A 60 8.20 7.44 11.05
C LYS A 60 6.78 7.32 11.56
N GLY A 61 5.88 6.94 10.67
CA GLY A 61 4.48 6.78 11.02
C GLY A 61 3.91 5.48 10.45
N GLN A 62 2.67 5.19 10.83
CA GLN A 62 2.00 3.99 10.37
C GLN A 62 0.87 4.35 9.40
N LYS A 63 0.24 3.32 8.87
CA LYS A 63 -0.86 3.51 7.94
C LYS A 63 -1.70 2.24 7.89
N GLU A 64 -2.96 2.41 7.52
CA GLU A 64 -3.88 1.29 7.42
C GLU A 64 -4.61 1.32 6.07
N LEU A 65 -4.78 0.13 5.50
CA LEU A 65 -5.44 0.01 4.22
C LEU A 65 -6.28 -1.27 4.21
N TRP A 66 -6.89 -1.56 5.36
CA TRP A 66 -7.71 -2.75 5.49
C TRP A 66 -8.68 -2.78 4.31
N PHE A 67 -9.01 -4.01 3.90
CA PHE A 67 -9.92 -4.19 2.78
C PHE A 67 -10.77 -5.46 2.97
N PHE A 68 -11.78 -5.59 2.13
CA PHE A 68 -12.67 -6.74 2.20
C PHE A 68 -13.06 -7.20 0.80
N PRO A 69 -13.54 -8.47 0.73
CA PRO A 69 -13.65 -9.30 1.92
C PRO A 69 -12.27 -9.80 2.35
N SER A 70 -11.52 -10.32 1.39
CA SER A 70 -10.20 -10.84 1.66
C SER A 70 -9.59 -11.43 0.38
N LEU A 71 -8.34 -11.06 0.14
CA LEU A 71 -7.64 -11.55 -1.04
C LEU A 71 -6.53 -12.51 -0.61
N PRO A 72 -6.10 -13.36 -1.58
CA PRO A 72 -5.05 -14.33 -1.31
C PRO A 72 -3.68 -13.65 -1.25
N THR A 73 -2.82 -14.19 -0.40
CA THR A 73 -1.48 -13.65 -0.25
C THR A 73 -0.44 -14.74 -0.48
N PRO A 74 0.82 -14.28 -0.74
CA PRO A 74 1.11 -12.86 -0.79
C PRO A 74 0.58 -12.24 -2.08
N LEU A 75 0.82 -10.94 -2.21
CA LEU A 75 0.38 -10.22 -3.39
C LEU A 75 1.52 -10.15 -4.40
N SER A 76 1.89 -11.32 -4.90
CA SER A 76 2.98 -11.40 -5.88
C SER A 76 2.45 -11.08 -7.27
N ASN A 77 3.06 -10.08 -7.89
CA ASN A 77 2.66 -9.66 -9.22
C ASN A 77 1.45 -8.73 -9.11
N TYR A 78 1.27 -8.16 -7.93
CA TYR A 78 0.16 -7.27 -7.68
C TYR A 78 0.62 -5.81 -7.69
N THR A 79 0.15 -5.08 -8.69
CA THR A 79 0.50 -3.67 -8.84
C THR A 79 0.60 -3.00 -7.46
N MET A 80 -0.45 -3.18 -6.67
CA MET A 80 -0.50 -2.61 -5.34
C MET A 80 0.28 -1.29 -5.28
N LYS A 81 -0.06 -0.41 -6.20
CA LYS A 81 0.61 0.89 -6.26
C LYS A 81 -0.01 1.83 -5.23
N VAL A 82 0.36 3.09 -5.32
CA VAL A 82 -0.14 4.10 -4.40
C VAL A 82 -0.16 5.46 -5.08
N VAL A 83 -1.31 6.12 -4.99
CA VAL A 83 -1.47 7.43 -5.60
C VAL A 83 -1.50 8.49 -4.50
N ASN A 84 -1.62 9.74 -4.94
CA ASN A 84 -1.67 10.86 -4.01
C ASN A 84 -3.06 11.47 -4.02
N GLN A 85 -3.19 12.60 -3.34
CA GLN A 85 -4.47 13.30 -3.27
C GLN A 85 -4.83 13.87 -4.63
N ASP A 86 -3.91 13.73 -5.57
CA ASP A 86 -4.12 14.23 -6.91
C ASP A 86 -4.61 13.10 -7.81
N GLY A 87 -4.59 11.89 -7.25
CA GLY A 87 -5.03 10.72 -7.98
C GLY A 87 -3.99 10.32 -9.03
N GLU A 88 -2.77 10.12 -8.57
CA GLU A 88 -1.69 9.73 -9.46
C GLU A 88 -0.66 8.89 -8.70
N THR A 89 -0.32 7.75 -9.30
CA THR A 89 0.64 6.84 -8.71
C THR A 89 2.00 7.53 -8.56
N ILE A 90 2.48 7.57 -7.33
CA ILE A 90 3.76 8.20 -7.06
C ILE A 90 4.81 7.10 -6.79
N LEU A 91 4.35 6.03 -6.17
CA LEU A 91 5.23 4.91 -5.85
C LEU A 91 4.58 3.61 -6.33
N VAL A 92 5.41 2.57 -6.40
CA VAL A 92 4.93 1.27 -6.84
C VAL A 92 5.69 0.17 -6.10
N GLY A 93 4.93 -0.78 -5.58
CA GLY A 93 5.52 -1.88 -4.83
C GLY A 93 5.80 -3.07 -5.76
N LYS A 94 7.08 -3.37 -5.93
CA LYS A 94 7.48 -4.47 -6.78
C LYS A 94 6.57 -5.67 -6.52
N CYS A 95 6.05 -5.73 -5.30
CA CYS A 95 5.16 -6.81 -4.91
C CYS A 95 5.79 -8.13 -5.37
N ALA A 96 6.87 -8.50 -4.69
CA ALA A 96 7.58 -9.72 -5.02
C ALA A 96 6.82 -10.91 -4.41
N ASP A 97 7.45 -12.07 -4.48
CA ASP A 97 6.86 -13.28 -3.93
C ASP A 97 7.04 -13.30 -2.41
N SER A 98 6.44 -12.30 -1.78
CA SER A 98 6.53 -12.18 -0.32
C SER A 98 5.62 -11.05 0.15
N ASN A 99 5.23 -11.15 1.42
CA ASN A 99 4.37 -10.16 2.02
C ASN A 99 5.11 -8.82 2.09
N GLU A 100 6.42 -8.91 2.22
CA GLU A 100 7.26 -7.73 2.29
C GLU A 100 7.22 -6.97 0.97
N ILE A 101 7.10 -5.65 1.08
CA ILE A 101 7.03 -4.80 -0.09
C ILE A 101 7.80 -3.50 0.18
N THR A 102 8.68 -3.16 -0.74
CA THR A 102 9.48 -1.95 -0.60
C THR A 102 9.36 -1.08 -1.87
N LEU A 103 8.29 -0.30 -1.91
CA LEU A 103 8.05 0.57 -3.05
C LEU A 103 9.38 1.16 -3.53
N LYS A 104 9.54 1.15 -4.85
CA LYS A 104 10.76 1.68 -5.45
C LYS A 104 10.43 2.96 -6.22
N SER A 105 9.73 2.78 -7.32
CA SER A 105 9.35 3.91 -8.15
C SER A 105 8.59 3.42 -9.39
N PRO A 106 7.63 4.26 -9.86
CA PRO A 106 6.84 3.93 -11.03
C PRO A 106 7.66 4.08 -12.32
N LEU A 107 8.20 5.28 -12.49
CA LEU A 107 9.00 5.58 -13.66
C LEU A 107 10.44 5.82 -13.24
N ASN A 5 17.54 8.76 3.39
CA ASN A 5 17.82 8.02 2.17
C ASN A 5 17.31 6.59 2.32
N ASP A 6 16.04 6.40 1.95
CA ASP A 6 15.42 5.09 2.04
C ASP A 6 14.01 5.17 1.49
N PRO A 7 13.89 4.91 0.16
CA PRO A 7 12.60 4.94 -0.51
C PRO A 7 11.77 3.70 -0.16
N LEU A 8 12.47 2.69 0.34
CA LEU A 8 11.81 1.44 0.72
C LEU A 8 10.63 1.75 1.62
N LEU A 9 9.52 1.06 1.35
CA LEU A 9 8.31 1.25 2.14
C LEU A 9 7.89 -0.09 2.74
N HIS A 10 8.16 -0.24 4.02
CA HIS A 10 7.81 -1.47 4.73
C HIS A 10 6.30 -1.55 4.89
N VAL A 11 5.75 -2.66 4.42
CA VAL A 11 4.32 -2.88 4.50
C VAL A 11 4.04 -4.21 5.21
N GLU A 12 2.96 -4.23 5.98
CA GLU A 12 2.58 -5.42 6.70
C GLU A 12 1.27 -5.99 6.15
N VAL A 13 1.34 -7.23 5.70
CA VAL A 13 0.17 -7.89 5.14
C VAL A 13 -0.28 -9.00 6.09
N SER A 14 -1.27 -8.68 6.91
CA SER A 14 -1.80 -9.63 7.88
C SER A 14 -2.51 -10.77 7.14
N ASN A 15 -3.67 -10.43 6.57
CA ASN A 15 -4.45 -11.41 5.84
C ASN A 15 -5.01 -12.45 6.81
N GLU A 16 -5.88 -11.97 7.70
CA GLU A 16 -6.49 -12.84 8.69
C GLU A 16 -7.93 -13.18 8.28
N ASP A 17 -8.47 -14.18 8.94
CA ASP A 17 -9.83 -14.62 8.66
C ASP A 17 -10.75 -13.40 8.63
N ASN A 18 -10.75 -12.66 9.73
CA ASN A 18 -11.57 -11.47 9.84
C ASN A 18 -11.55 -10.72 8.51
N SER A 19 -10.35 -10.25 8.16
CA SER A 19 -10.17 -9.51 6.92
C SER A 19 -8.69 -9.23 6.69
N LEU A 20 -8.43 -8.25 5.84
CA LEU A 20 -7.05 -7.87 5.52
C LEU A 20 -6.62 -6.74 6.44
N HIS A 21 -5.39 -6.28 6.23
CA HIS A 21 -4.84 -5.21 7.04
C HIS A 21 -3.45 -4.84 6.52
N PHE A 22 -3.39 -3.72 5.81
CA PHE A 22 -2.13 -3.25 5.27
C PHE A 22 -1.66 -1.98 5.97
N ILE A 23 -0.78 -2.18 6.94
CA ILE A 23 -0.25 -1.07 7.71
C ILE A 23 1.05 -0.58 7.05
N LEU A 24 0.93 0.55 6.36
CA LEU A 24 2.08 1.14 5.68
C LEU A 24 2.80 2.09 6.64
N TYR A 25 4.11 1.89 6.74
CA TYR A 25 4.92 2.71 7.61
C TYR A 25 5.97 3.50 6.81
N ASN A 26 5.67 4.78 6.61
CA ASN A 26 6.57 5.65 5.87
C ASN A 26 7.94 5.67 6.56
N LYS A 27 8.89 5.01 5.93
CA LYS A 27 10.24 4.95 6.47
C LYS A 27 11.12 5.95 5.72
N THR A 28 10.60 6.45 4.61
CA THR A 28 11.33 7.40 3.80
C THR A 28 11.39 8.77 4.50
N ASN A 29 12.28 9.61 4.01
CA ASN A 29 12.44 10.94 4.58
C ASN A 29 11.19 11.77 4.30
N ILE A 30 10.91 11.93 3.01
CA ILE A 30 9.74 12.70 2.61
C ILE A 30 8.58 12.40 3.54
N ILE A 31 7.63 13.32 3.58
CA ILE A 31 6.46 13.18 4.43
C ILE A 31 5.21 13.03 3.55
N ILE A 32 4.57 11.88 3.68
CA ILE A 32 3.37 11.59 2.91
C ILE A 32 2.44 12.80 2.99
N PRO A 33 1.83 13.12 1.81
CA PRO A 33 0.91 14.25 1.73
C PRO A 33 -0.43 13.91 2.37
N GLY A 34 -0.78 12.63 2.30
CA GLY A 34 -2.03 12.17 2.88
C GLY A 34 -3.15 12.21 1.85
N ASN A 35 -4.20 11.44 2.11
CA ASN A 35 -5.34 11.39 1.22
C ASN A 35 -4.99 10.54 -0.01
N CYS A 36 -4.06 9.62 0.20
CA CYS A 36 -3.63 8.75 -0.88
C CYS A 36 -4.76 7.77 -1.19
N THR A 37 -4.49 6.87 -2.13
CA THR A 37 -5.47 5.88 -2.53
C THR A 37 -4.77 4.63 -3.06
N PHE A 38 -4.78 3.59 -2.25
CA PHE A 38 -4.16 2.34 -2.63
C PHE A 38 -4.79 1.77 -3.91
N GLU A 39 -4.03 0.93 -4.59
CA GLU A 39 -4.50 0.32 -5.83
C GLU A 39 -3.94 -1.10 -5.97
N PHE A 40 -4.62 -2.04 -5.33
CA PHE A 40 -4.21 -3.42 -5.38
C PHE A 40 -5.30 -4.30 -6.02
N SER A 41 -4.85 -5.18 -6.90
CA SER A 41 -5.77 -6.08 -7.58
C SER A 41 -5.64 -7.50 -7.02
N SER A 42 -6.47 -8.39 -7.53
CA SER A 42 -6.46 -9.77 -7.09
C SER A 42 -6.22 -10.70 -8.28
N GLN A 43 -6.91 -10.39 -9.38
CA GLN A 43 -6.79 -11.18 -10.59
C GLN A 43 -6.90 -10.29 -11.82
N ILE A 44 -6.79 -10.91 -12.98
CA ILE A 44 -6.88 -10.20 -14.24
C ILE A 44 -8.03 -9.19 -14.16
N SER A 45 -9.02 -9.53 -13.35
CA SER A 45 -10.18 -8.68 -13.18
C SER A 45 -9.73 -7.25 -12.85
N GLU A 46 -10.73 -6.40 -12.63
CA GLU A 46 -10.45 -5.01 -12.31
C GLU A 46 -9.53 -4.92 -11.09
N VAL A 47 -9.29 -3.69 -10.65
CA VAL A 47 -8.44 -3.45 -9.50
C VAL A 47 -9.25 -2.78 -8.40
N PHE A 48 -8.67 -2.75 -7.21
CA PHE A 48 -9.32 -2.13 -6.06
C PHE A 48 -8.72 -0.76 -5.76
N SER A 49 -9.49 0.05 -5.04
CA SER A 49 -9.05 1.39 -4.69
C SER A 49 -9.69 1.80 -3.36
N ILE A 50 -8.84 2.13 -2.41
CA ILE A 50 -9.30 2.55 -1.10
C ILE A 50 -8.76 3.94 -0.78
N LYS A 51 -9.66 4.83 -0.39
CA LYS A 51 -9.28 6.19 -0.07
C LYS A 51 -8.56 6.21 1.28
N MET A 52 -7.25 6.41 1.20
CA MET A 52 -6.42 6.46 2.40
C MET A 52 -6.71 7.71 3.22
N GLY A 53 -6.59 7.57 4.53
CA GLY A 53 -6.84 8.68 5.44
C GLY A 53 -6.07 9.93 4.99
N PRO A 54 -6.64 11.11 5.36
CA PRO A 54 -6.02 12.38 5.00
C PRO A 54 -4.81 12.66 5.87
N HIS A 55 -4.85 12.13 7.09
CA HIS A 55 -3.76 12.31 8.03
C HIS A 55 -2.45 11.90 7.37
N GLU A 56 -1.42 12.71 7.60
CA GLU A 56 -0.11 12.44 7.03
C GLU A 56 0.64 11.43 7.90
N ILE A 57 1.45 10.62 7.24
CA ILE A 57 2.23 9.61 7.94
C ILE A 57 3.51 10.24 8.49
N GLY A 58 4.46 10.47 7.60
CA GLY A 58 5.73 11.07 8.00
C GLY A 58 6.61 10.05 8.70
N ILE A 59 7.74 10.55 9.18
CA ILE A 59 8.69 9.69 9.88
C ILE A 59 8.05 9.16 11.16
N LYS A 60 8.28 7.88 11.43
CA LYS A 60 7.73 7.25 12.61
C LYS A 60 6.21 7.19 12.50
N GLY A 61 5.72 7.54 11.32
CA GLY A 61 4.29 7.53 11.06
C GLY A 61 3.86 6.25 10.37
N GLN A 62 2.70 5.75 10.77
CA GLN A 62 2.16 4.53 10.20
C GLN A 62 0.93 4.83 9.35
N LYS A 63 0.36 3.78 8.78
CA LYS A 63 -0.83 3.92 7.95
C LYS A 63 -1.72 2.70 8.14
N GLU A 64 -2.96 2.85 7.69
CA GLU A 64 -3.93 1.77 7.81
C GLU A 64 -4.68 1.58 6.48
N LEU A 65 -4.69 0.34 6.02
CA LEU A 65 -5.35 0.01 4.77
C LEU A 65 -6.06 -1.34 4.90
N TRP A 66 -7.01 -1.37 5.82
CA TRP A 66 -7.77 -2.59 6.07
C TRP A 66 -8.79 -2.76 4.93
N PHE A 67 -8.77 -3.94 4.33
CA PHE A 67 -9.68 -4.24 3.24
C PHE A 67 -10.66 -5.35 3.62
N PHE A 68 -11.54 -5.67 2.69
CA PHE A 68 -12.53 -6.71 2.91
C PHE A 68 -13.08 -7.24 1.59
N PRO A 69 -13.62 -8.48 1.65
CA PRO A 69 -13.64 -9.23 2.90
C PRO A 69 -12.25 -9.77 3.25
N SER A 70 -11.52 -10.14 2.21
CA SER A 70 -10.18 -10.67 2.39
C SER A 70 -9.67 -11.26 1.08
N LEU A 71 -8.40 -11.02 0.81
CA LEU A 71 -7.78 -11.53 -0.40
C LEU A 71 -6.69 -12.54 -0.03
N PRO A 72 -6.35 -13.41 -1.02
CA PRO A 72 -5.33 -14.42 -0.81
C PRO A 72 -3.93 -13.80 -0.83
N THR A 73 -3.05 -14.39 -0.04
CA THR A 73 -1.68 -13.90 0.04
C THR A 73 -0.69 -15.06 -0.21
N PRO A 74 0.57 -14.67 -0.54
CA PRO A 74 0.92 -13.25 -0.63
C PRO A 74 0.37 -12.65 -1.92
N LEU A 75 0.54 -11.34 -2.04
CA LEU A 75 0.06 -10.62 -3.21
C LEU A 75 1.15 -10.62 -4.28
N SER A 76 1.45 -11.81 -4.78
CA SER A 76 2.47 -11.96 -5.80
C SER A 76 1.86 -11.70 -7.18
N ASN A 77 2.63 -11.01 -8.01
CA ASN A 77 2.18 -10.69 -9.35
C ASN A 77 1.06 -9.65 -9.27
N TYR A 78 1.05 -8.91 -8.17
CA TYR A 78 0.05 -7.88 -7.97
C TYR A 78 0.64 -6.49 -8.19
N THR A 79 -0.26 -5.52 -8.32
CA THR A 79 0.16 -4.14 -8.54
C THR A 79 0.29 -3.40 -7.20
N MET A 80 -0.75 -3.52 -6.40
CA MET A 80 -0.76 -2.88 -5.09
C MET A 80 0.06 -1.59 -5.11
N LYS A 81 -0.40 -0.64 -5.92
CA LYS A 81 0.28 0.63 -6.04
C LYS A 81 -0.31 1.62 -5.03
N VAL A 82 0.09 2.87 -5.17
CA VAL A 82 -0.39 3.91 -4.27
C VAL A 82 -0.40 5.24 -5.02
N VAL A 83 -1.52 5.94 -4.90
CA VAL A 83 -1.67 7.23 -5.55
C VAL A 83 -1.89 8.32 -4.49
N ASN A 84 -2.03 9.55 -4.97
CA ASN A 84 -2.24 10.68 -4.08
C ASN A 84 -3.69 11.15 -4.20
N GLN A 85 -3.93 12.34 -3.65
CA GLN A 85 -5.26 12.92 -3.69
C GLN A 85 -5.66 13.25 -5.13
N ASP A 86 -4.67 13.15 -6.01
CA ASP A 86 -4.91 13.42 -7.43
C ASP A 86 -4.89 12.12 -8.21
N GLY A 87 -5.09 11.03 -7.48
CA GLY A 87 -5.10 9.70 -8.09
C GLY A 87 -3.82 9.46 -8.88
N GLU A 88 -2.80 10.26 -8.58
CA GLU A 88 -1.52 10.14 -9.25
C GLU A 88 -0.62 9.16 -8.50
N THR A 89 -0.17 8.14 -9.22
CA THR A 89 0.69 7.13 -8.64
C THR A 89 1.94 7.78 -8.02
N ILE A 90 2.03 7.67 -6.70
CA ILE A 90 3.15 8.23 -5.97
C ILE A 90 4.20 7.14 -5.72
N LEU A 91 3.70 5.96 -5.36
CA LEU A 91 4.58 4.83 -5.08
C LEU A 91 3.98 3.57 -5.68
N VAL A 92 4.81 2.55 -5.83
CA VAL A 92 4.37 1.29 -6.38
C VAL A 92 5.19 0.15 -5.76
N GLY A 93 4.48 -0.84 -5.26
CA GLY A 93 5.11 -1.99 -4.64
C GLY A 93 5.46 -3.05 -5.69
N LYS A 94 6.76 -3.24 -5.87
CA LYS A 94 7.25 -4.23 -6.84
C LYS A 94 6.53 -5.56 -6.59
N CYS A 95 6.08 -5.73 -5.36
CA CYS A 95 5.38 -6.95 -4.99
C CYS A 95 6.38 -8.11 -5.05
N ALA A 96 6.01 -9.21 -4.41
CA ALA A 96 6.86 -10.39 -4.38
C ALA A 96 6.11 -11.53 -3.69
N ASP A 97 6.84 -12.62 -3.49
CA ASP A 97 6.26 -13.80 -2.86
C ASP A 97 6.49 -13.71 -1.34
N SER A 98 6.02 -12.62 -0.76
CA SER A 98 6.16 -12.41 0.67
C SER A 98 5.50 -11.09 1.07
N ASN A 99 4.82 -11.13 2.20
CA ASN A 99 4.13 -9.96 2.71
C ASN A 99 5.06 -8.74 2.60
N GLU A 100 6.35 -9.02 2.64
CA GLU A 100 7.35 -7.97 2.53
C GLU A 100 7.26 -7.28 1.18
N ILE A 101 6.95 -5.99 1.22
CA ILE A 101 6.82 -5.21 0.00
C ILE A 101 7.40 -3.82 0.24
N THR A 102 8.37 -3.46 -0.58
CA THR A 102 9.01 -2.16 -0.47
C THR A 102 8.76 -1.34 -1.74
N LEU A 103 7.86 -0.36 -1.61
CA LEU A 103 7.53 0.50 -2.73
C LEU A 103 8.80 1.20 -3.22
N LYS A 104 8.88 1.36 -4.53
CA LYS A 104 10.03 2.01 -5.14
C LYS A 104 9.59 3.36 -5.72
N SER A 105 8.94 3.29 -6.87
CA SER A 105 8.48 4.49 -7.54
C SER A 105 7.76 4.12 -8.83
N PRO A 106 6.71 4.92 -9.16
CA PRO A 106 5.93 4.69 -10.37
C PRO A 106 6.71 5.14 -11.61
N LEU A 107 7.04 6.42 -11.62
CA LEU A 107 7.79 6.99 -12.74
C LEU A 107 9.13 7.51 -12.24
N ASN A 5 15.66 6.41 6.23
CA ASN A 5 16.66 7.08 5.40
C ASN A 5 16.43 6.70 3.94
N ASP A 6 15.85 5.53 3.74
CA ASP A 6 15.57 5.05 2.40
C ASP A 6 14.11 5.31 2.06
N PRO A 7 13.82 5.33 0.73
CA PRO A 7 12.46 5.57 0.26
C PRO A 7 11.58 4.34 0.47
N LEU A 8 12.24 3.22 0.76
CA LEU A 8 11.52 1.98 0.98
C LEU A 8 10.26 2.26 1.80
N LEU A 9 9.22 1.49 1.51
CA LEU A 9 7.96 1.65 2.21
C LEU A 9 7.54 0.31 2.82
N HIS A 10 7.74 0.19 4.12
CA HIS A 10 7.39 -1.02 4.83
C HIS A 10 5.88 -1.26 4.75
N VAL A 11 5.52 -2.50 4.49
CA VAL A 11 4.11 -2.86 4.38
C VAL A 11 3.92 -4.29 4.91
N GLU A 12 2.85 -4.45 5.69
CA GLU A 12 2.55 -5.75 6.26
C GLU A 12 1.26 -6.30 5.66
N VAL A 13 1.34 -7.54 5.20
CA VAL A 13 0.19 -8.19 4.60
C VAL A 13 -0.38 -9.23 5.57
N SER A 14 -1.50 -8.88 6.18
CA SER A 14 -2.13 -9.77 7.14
C SER A 14 -2.74 -10.97 6.41
N ASN A 15 -3.84 -10.72 5.72
CA ASN A 15 -4.53 -11.75 4.97
C ASN A 15 -4.86 -12.91 5.92
N GLU A 16 -5.92 -12.71 6.69
CA GLU A 16 -6.35 -13.73 7.64
C GLU A 16 -7.72 -14.27 7.24
N ASP A 17 -8.34 -14.98 8.18
CA ASP A 17 -9.65 -15.56 7.95
C ASP A 17 -10.73 -14.59 8.42
N ASN A 18 -10.41 -13.31 8.32
CA ASN A 18 -11.34 -12.27 8.74
C ASN A 18 -11.37 -11.16 7.69
N SER A 19 -10.20 -10.78 7.24
CA SER A 19 -10.08 -9.75 6.22
C SER A 19 -8.61 -9.40 5.99
N LEU A 20 -8.40 -8.38 5.16
CA LEU A 20 -7.05 -7.94 4.85
C LEU A 20 -6.65 -6.82 5.82
N HIS A 21 -5.36 -6.51 5.79
CA HIS A 21 -4.84 -5.46 6.66
C HIS A 21 -3.45 -5.04 6.18
N PHE A 22 -3.42 -3.92 5.45
CA PHE A 22 -2.18 -3.40 4.93
C PHE A 22 -1.73 -2.16 5.69
N ILE A 23 -0.77 -2.36 6.59
CA ILE A 23 -0.25 -1.27 7.39
C ILE A 23 1.04 -0.74 6.75
N LEU A 24 0.92 0.39 6.09
CA LEU A 24 2.06 1.01 5.44
C LEU A 24 2.78 1.93 6.42
N TYR A 25 4.10 1.86 6.38
CA TYR A 25 4.91 2.68 7.27
C TYR A 25 5.92 3.51 6.48
N ASN A 26 5.59 4.78 6.30
CA ASN A 26 6.46 5.68 5.56
C ASN A 26 7.74 5.91 6.36
N LYS A 27 8.77 5.17 5.99
CA LYS A 27 10.06 5.29 6.67
C LYS A 27 11.03 6.06 5.77
N THR A 28 10.46 6.96 4.98
CA THR A 28 11.27 7.77 4.08
C THR A 28 11.80 9.01 4.81
N ASN A 29 12.32 9.94 4.02
CA ASN A 29 12.86 11.17 4.57
C ASN A 29 11.78 12.24 4.59
N ILE A 30 11.17 12.43 3.42
CA ILE A 30 10.11 13.42 3.28
C ILE A 30 8.91 13.00 4.14
N ILE A 31 7.93 13.89 4.20
CA ILE A 31 6.73 13.63 4.96
C ILE A 31 5.58 13.33 4.01
N ILE A 32 4.80 12.31 4.37
CA ILE A 32 3.67 11.91 3.57
C ILE A 32 2.67 13.06 3.48
N PRO A 33 2.16 13.30 2.24
CA PRO A 33 1.20 14.36 2.02
C PRO A 33 -0.19 13.98 2.54
N GLY A 34 -0.40 12.68 2.67
CA GLY A 34 -1.66 12.17 3.15
C GLY A 34 -2.76 12.32 2.10
N ASN A 35 -3.89 11.66 2.37
CA ASN A 35 -5.01 11.71 1.45
C ASN A 35 -4.67 10.93 0.18
N CYS A 36 -3.98 9.81 0.38
CA CYS A 36 -3.59 8.96 -0.73
C CYS A 36 -4.76 8.05 -1.08
N THR A 37 -4.53 7.19 -2.05
CA THR A 37 -5.55 6.25 -2.48
C THR A 37 -4.91 5.00 -3.10
N PHE A 38 -4.85 3.95 -2.29
CA PHE A 38 -4.27 2.70 -2.74
C PHE A 38 -4.95 2.20 -4.01
N GLU A 39 -4.28 1.28 -4.69
CA GLU A 39 -4.81 0.71 -5.92
C GLU A 39 -4.21 -0.67 -6.16
N PHE A 40 -4.90 -1.67 -5.65
CA PHE A 40 -4.45 -3.05 -5.80
C PHE A 40 -5.48 -3.88 -6.56
N SER A 41 -5.00 -4.93 -7.23
CA SER A 41 -5.86 -5.80 -7.99
C SER A 41 -5.42 -7.26 -7.81
N SER A 42 -6.27 -8.16 -8.30
CA SER A 42 -5.96 -9.58 -8.21
C SER A 42 -6.59 -10.33 -9.40
N GLN A 43 -6.46 -11.64 -9.36
CA GLN A 43 -7.01 -12.47 -10.42
C GLN A 43 -8.54 -12.40 -10.42
N ILE A 44 -9.13 -13.17 -9.51
CA ILE A 44 -10.57 -13.20 -9.39
C ILE A 44 -11.09 -11.81 -9.02
N SER A 45 -10.43 -11.22 -8.05
CA SER A 45 -10.81 -9.89 -7.59
C SER A 45 -10.32 -8.83 -8.59
N GLU A 46 -11.01 -7.71 -8.60
CA GLU A 46 -10.67 -6.62 -9.50
C GLU A 46 -9.96 -5.51 -8.72
N VAL A 47 -9.56 -4.48 -9.46
CA VAL A 47 -8.88 -3.34 -8.86
C VAL A 47 -9.83 -2.64 -7.89
N PHE A 48 -9.24 -1.98 -6.89
CA PHE A 48 -10.01 -1.27 -5.90
C PHE A 48 -9.20 -0.14 -5.27
N SER A 49 -9.82 1.03 -5.18
CA SER A 49 -9.16 2.19 -4.60
C SER A 49 -9.80 2.53 -3.26
N ILE A 50 -8.96 2.53 -2.23
CA ILE A 50 -9.43 2.84 -0.88
C ILE A 50 -9.01 4.26 -0.52
N LYS A 51 -9.97 5.02 0.00
CA LYS A 51 -9.71 6.39 0.39
C LYS A 51 -8.91 6.41 1.69
N MET A 52 -7.63 6.73 1.56
CA MET A 52 -6.75 6.78 2.73
C MET A 52 -6.97 8.06 3.53
N GLY A 53 -6.82 7.94 4.83
CA GLY A 53 -7.01 9.07 5.73
C GLY A 53 -6.14 10.25 5.28
N PRO A 54 -6.61 11.48 5.65
CA PRO A 54 -5.89 12.69 5.30
C PRO A 54 -4.65 12.86 6.17
N HIS A 55 -4.76 12.36 7.40
CA HIS A 55 -3.65 12.46 8.34
C HIS A 55 -2.34 12.14 7.63
N GLU A 56 -1.29 12.85 8.03
CA GLU A 56 0.02 12.66 7.43
C GLU A 56 0.82 11.64 8.25
N ILE A 57 1.28 10.60 7.56
CA ILE A 57 2.06 9.56 8.21
C ILE A 57 3.34 10.17 8.77
N GLY A 58 4.30 10.40 7.88
CA GLY A 58 5.57 10.97 8.27
C GLY A 58 6.51 9.89 8.83
N ILE A 59 7.66 10.34 9.30
CA ILE A 59 8.64 9.44 9.87
C ILE A 59 8.09 8.84 11.16
N LYS A 60 8.25 7.53 11.29
CA LYS A 60 7.77 6.83 12.46
C LYS A 60 6.24 6.71 12.40
N GLY A 61 5.68 7.19 11.30
CA GLY A 61 4.25 7.15 11.10
C GLY A 61 3.84 5.89 10.34
N GLN A 62 2.65 5.40 10.67
CA GLN A 62 2.13 4.21 10.04
C GLN A 62 0.89 4.55 9.21
N LYS A 63 0.28 3.51 8.65
CA LYS A 63 -0.91 3.69 7.83
C LYS A 63 -1.81 2.46 7.99
N GLU A 64 -3.07 2.64 7.60
CA GLU A 64 -4.03 1.56 7.69
C GLU A 64 -4.87 1.49 6.41
N LEU A 65 -4.76 0.35 5.73
CA LEU A 65 -5.50 0.13 4.50
C LEU A 65 -6.28 -1.18 4.59
N TRP A 66 -7.10 -1.27 5.63
CA TRP A 66 -7.89 -2.46 5.85
C TRP A 66 -8.94 -2.55 4.73
N PHE A 67 -8.94 -3.68 4.05
CA PHE A 67 -9.87 -3.90 2.95
C PHE A 67 -10.71 -5.15 3.19
N PHE A 68 -11.69 -5.34 2.31
CA PHE A 68 -12.57 -6.49 2.41
C PHE A 68 -13.08 -6.92 1.03
N PRO A 69 -13.57 -8.17 0.97
CA PRO A 69 -13.61 -9.04 2.14
C PRO A 69 -12.21 -9.57 2.48
N SER A 70 -11.50 -9.98 1.43
CA SER A 70 -10.16 -10.51 1.59
C SER A 70 -9.58 -10.91 0.23
N LEU A 71 -8.27 -10.97 0.17
CA LEU A 71 -7.59 -11.35 -1.05
C LEU A 71 -6.49 -12.36 -0.74
N PRO A 72 -6.08 -13.12 -1.79
CA PRO A 72 -5.04 -14.12 -1.63
C PRO A 72 -3.66 -13.47 -1.53
N THR A 73 -2.77 -14.14 -0.82
CA THR A 73 -1.41 -13.63 -0.65
C THR A 73 -0.40 -14.75 -0.87
N PRO A 74 0.87 -14.33 -1.12
CA PRO A 74 1.19 -12.92 -1.17
C PRO A 74 0.69 -12.28 -2.47
N LEU A 75 0.96 -10.98 -2.60
CA LEU A 75 0.54 -10.25 -3.78
C LEU A 75 1.73 -10.09 -4.72
N SER A 76 2.30 -11.22 -5.11
CA SER A 76 3.45 -11.21 -6.01
C SER A 76 2.97 -11.07 -7.46
N ASN A 77 3.56 -10.08 -8.13
CA ASN A 77 3.21 -9.82 -9.52
C ASN A 77 1.92 -9.00 -9.57
N TYR A 78 1.65 -8.31 -8.48
CA TYR A 78 0.46 -7.48 -8.39
C TYR A 78 0.80 -6.00 -8.60
N THR A 79 -0.25 -5.19 -8.61
CA THR A 79 -0.08 -3.75 -8.82
C THR A 79 0.04 -3.04 -7.48
N MET A 80 -0.99 -3.20 -6.66
CA MET A 80 -1.01 -2.57 -5.35
C MET A 80 -0.19 -1.29 -5.34
N LYS A 81 -0.61 -0.35 -6.16
CA LYS A 81 0.09 0.93 -6.27
C LYS A 81 -0.54 1.92 -5.28
N VAL A 82 0.01 3.13 -5.26
CA VAL A 82 -0.48 4.16 -4.38
C VAL A 82 -0.45 5.51 -5.11
N VAL A 83 -1.58 6.20 -5.07
CA VAL A 83 -1.69 7.49 -5.72
C VAL A 83 -1.74 8.59 -4.66
N ASN A 84 -1.81 9.82 -5.13
CA ASN A 84 -1.86 10.97 -4.24
C ASN A 84 -3.24 11.61 -4.31
N GLN A 85 -3.37 12.76 -3.66
CA GLN A 85 -4.63 13.48 -3.65
C GLN A 85 -4.95 14.03 -5.05
N ASP A 86 -4.00 13.83 -5.95
CA ASP A 86 -4.17 14.30 -7.32
C ASP A 86 -4.65 13.13 -8.19
N GLY A 87 -4.66 11.96 -7.59
CA GLY A 87 -5.10 10.76 -8.30
C GLY A 87 -4.05 10.31 -9.31
N GLU A 88 -2.84 10.11 -8.81
CA GLU A 88 -1.73 9.68 -9.64
C GLU A 88 -0.75 8.84 -8.83
N THR A 89 -0.41 7.68 -9.39
CA THR A 89 0.52 6.78 -8.73
C THR A 89 1.88 7.46 -8.54
N ILE A 90 2.28 7.59 -7.28
CA ILE A 90 3.54 8.21 -6.94
C ILE A 90 4.60 7.12 -6.73
N LEU A 91 4.16 6.00 -6.19
CA LEU A 91 5.05 4.89 -5.93
C LEU A 91 4.42 3.60 -6.45
N VAL A 92 5.06 2.49 -6.12
CA VAL A 92 4.57 1.19 -6.54
C VAL A 92 5.44 0.09 -5.93
N GLY A 93 4.82 -0.69 -5.06
CA GLY A 93 5.52 -1.78 -4.40
C GLY A 93 6.04 -2.79 -5.42
N LYS A 94 7.29 -3.21 -5.23
CA LYS A 94 7.90 -4.18 -6.12
C LYS A 94 7.05 -5.45 -6.15
N CYS A 95 6.23 -5.59 -5.13
CA CYS A 95 5.35 -6.75 -5.03
C CYS A 95 6.16 -7.99 -5.42
N ALA A 96 6.80 -8.59 -4.43
CA ALA A 96 7.59 -9.77 -4.66
C ALA A 96 6.89 -10.99 -4.04
N ASP A 97 7.58 -12.12 -4.10
CA ASP A 97 7.03 -13.35 -3.56
C ASP A 97 7.18 -13.33 -2.03
N SER A 98 6.51 -12.36 -1.43
CA SER A 98 6.56 -12.23 0.03
C SER A 98 5.66 -11.07 0.46
N ASN A 99 5.00 -11.27 1.60
CA ASN A 99 4.11 -10.27 2.15
C ASN A 99 4.84 -8.93 2.23
N GLU A 100 6.16 -9.02 2.36
CA GLU A 100 6.98 -7.83 2.45
C GLU A 100 6.91 -7.03 1.15
N ILE A 101 6.80 -5.72 1.31
CA ILE A 101 6.72 -4.83 0.16
C ILE A 101 7.41 -3.51 0.49
N THR A 102 8.18 -3.03 -0.47
CA THR A 102 8.90 -1.77 -0.30
C THR A 102 8.81 -0.92 -1.57
N LEU A 103 7.90 0.03 -1.54
CA LEU A 103 7.71 0.92 -2.69
C LEU A 103 9.04 1.57 -3.05
N LYS A 104 9.36 1.53 -4.33
CA LYS A 104 10.59 2.11 -4.83
C LYS A 104 10.27 3.32 -5.70
N SER A 105 9.65 3.05 -6.83
CA SER A 105 9.28 4.11 -7.76
C SER A 105 9.07 3.52 -9.16
N PRO A 106 7.97 4.00 -9.82
CA PRO A 106 7.65 3.53 -11.15
C PRO A 106 8.58 4.15 -12.20
N LEU A 107 8.60 5.48 -12.21
CA LEU A 107 9.44 6.20 -13.15
C LEU A 107 10.56 6.92 -12.38
#